data_3UF9
#
_entry.id   3UF9
#
_cell.length_a   85.730
_cell.length_b   103.760
_cell.length_c   151.760
_cell.angle_alpha   90.00
_cell.angle_beta   90.00
_cell.angle_gamma   90.00
#
_symmetry.space_group_name_H-M   'P 21 21 21'
#
loop_
_entity.id
_entity.type
_entity.pdbx_description
1 polymer Aryldialkylphosphatase
2 non-polymer 'FE (II) ION'
3 non-polymer 'COBALT (II) ION'
4 non-polymer 'O,O-diethyl O-{4-[(R)-methylsulfinyl]phenyl} phosphorothioate'
5 non-polymer GLYCEROL
6 water water
#
_entity_poly.entity_id   1
_entity_poly.type   'polypeptide(L)'
_entity_poly.pdbx_seq_one_letter_code
;MRIPLVGKDSIESKDIGFTLIHEHLRVFSEAVRQQWPHLYNEDEEFRNAVNEVKRAMQFGVKTIVDPTVMGLGRDIRFME
KVVKATGINLVAGTGIYIYIDLPFYFLNRSIDEIADLFIHDIKEGIQGTLNKAGFV(KCX)IAADEPGITKDVEKVIRAA
AIANKETKVPIITHSNAHNNTGLEQQRILTEEGVDPGKILIGHLGDTDNIDYIKKIADKGSFIGLDRYGLDLFLPVDKRN
ETTLRLIKDGYSDKIMISHDYCCTIDWGTAKPEYKPKLAPRWSITLIFEDTIPFLKRNGVNEEVIATIFKENPKKFFS
;
_entity_poly.pdbx_strand_id   A,B,C,D
#
loop_
_chem_comp.id
_chem_comp.type
_chem_comp.name
_chem_comp.formula
CO non-polymer 'COBALT (II) ION' 'Co 2'
FE2 non-polymer 'FE (II) ION' 'Fe 2'
FST non-polymer 'O,O-diethyl O-{4-[(R)-methylsulfinyl]phenyl} phosphorothioate' 'C11 H17 O4 P S2'
GOL non-polymer GLYCEROL 'C3 H8 O3'
#
# COMPACT_ATOMS: atom_id res chain seq x y z
N MET A 1 2.31 -5.53 -10.60
N MET A 1 3.71 -4.41 -11.04
CA MET A 1 1.87 -4.21 -10.05
CA MET A 1 2.65 -3.68 -10.29
C MET A 1 1.19 -3.35 -11.11
C MET A 1 1.99 -2.60 -11.16
N ARG A 2 0.83 -2.13 -10.73
CA ARG A 2 -0.02 -1.29 -11.58
C ARG A 2 0.58 0.03 -12.09
N ILE A 3 0.67 1.04 -11.22
CA ILE A 3 1.03 2.40 -11.65
C ILE A 3 2.53 2.61 -11.85
N PRO A 4 2.93 3.08 -13.05
CA PRO A 4 4.32 3.40 -13.35
C PRO A 4 4.74 4.76 -12.81
N LEU A 5 5.99 4.86 -12.38
CA LEU A 5 6.53 6.11 -11.84
C LEU A 5 7.73 6.58 -12.63
N VAL A 6 7.93 7.90 -12.68
CA VAL A 6 9.05 8.48 -13.40
C VAL A 6 10.34 8.31 -12.59
N GLY A 7 11.24 7.49 -13.12
CA GLY A 7 12.53 7.25 -12.47
C GLY A 7 12.42 6.50 -11.15
N LYS A 8 11.34 5.75 -11.01
CA LYS A 8 11.11 4.94 -9.81
C LYS A 8 10.43 3.64 -10.20
N ASP A 9 10.58 2.62 -9.36
CA ASP A 9 9.83 1.37 -9.52
C ASP A 9 8.33 1.68 -9.58
N SER A 10 7.56 0.72 -10.07
CA SER A 10 6.10 0.89 -10.15
C SER A 10 5.46 0.56 -8.81
N ILE A 11 4.63 1.48 -8.32
CA ILE A 11 3.95 1.28 -7.05
C ILE A 11 2.58 0.63 -7.24
N GLU A 12 1.96 0.25 -6.12
CA GLU A 12 0.59 -0.25 -6.14
C GLU A 12 -0.34 0.90 -5.78
N SER A 13 -1.50 0.95 -6.45
CA SER A 13 -2.43 2.07 -6.26
C SER A 13 -2.59 2.47 -4.80
N LYS A 14 -2.37 1.52 -3.89
CA LYS A 14 -2.52 1.78 -2.47
C LYS A 14 -1.41 2.69 -1.93
N ASP A 15 -0.27 2.69 -2.59
CA ASP A 15 0.88 3.46 -2.15
C ASP A 15 0.92 4.87 -2.76
N ILE A 16 -0.14 5.23 -3.47
CA ILE A 16 -0.19 6.53 -4.14
C ILE A 16 -0.16 7.69 -3.16
N GLY A 17 -0.81 7.52 -2.02
CA GLY A 17 -0.86 8.56 -0.99
C GLY A 17 -1.50 9.85 -1.47
N PHE A 18 -1.35 10.91 -0.69
CA PHE A 18 -1.92 12.21 -1.05
C PHE A 18 -1.45 12.60 -2.44
N THR A 19 -2.39 12.99 -3.29
CA THR A 19 -2.08 13.23 -4.69
C THR A 19 -2.68 14.52 -5.25
N LEU A 20 -1.86 15.28 -5.97
CA LEU A 20 -2.35 16.37 -6.80
C LEU A 20 -2.47 15.83 -8.22
N ILE A 21 -3.71 15.68 -8.68
CA ILE A 21 -3.99 14.90 -9.89
C ILE A 21 -3.66 15.61 -11.21
N HIS A 22 -3.55 16.94 -11.18
CA HIS A 22 -3.31 17.71 -12.41
C HIS A 22 -2.37 18.87 -12.19
N GLU A 23 -1.08 18.63 -12.40
CA GLU A 23 -0.07 19.68 -12.27
C GLU A 23 1.03 19.50 -13.33
N HIS A 24 1.54 20.61 -13.85
CA HIS A 24 2.58 20.57 -14.89
C HIS A 24 3.90 21.10 -14.40
N LEU A 25 4.96 20.33 -14.57
CA LEU A 25 6.30 20.79 -14.23
C LEU A 25 6.76 21.89 -15.20
N ARG A 26 6.54 21.66 -16.50
CA ARG A 26 6.94 22.61 -17.53
C ARG A 26 6.15 22.40 -18.81
N VAL A 27 5.63 23.48 -19.39
CA VAL A 27 4.94 23.40 -20.67
C VAL A 27 5.42 24.44 -21.68
N PHE A 28 5.61 23.99 -22.92
CA PHE A 28 6.02 24.84 -24.03
C PHE A 28 5.49 24.25 -25.32
N SER A 29 5.56 25.02 -26.39
CA SER A 29 5.15 24.54 -27.70
C SER A 29 6.34 23.92 -28.41
N GLU A 30 6.34 22.59 -28.54
CA GLU A 30 7.48 21.86 -29.10
C GLU A 30 8.10 22.53 -30.32
N ALA A 31 7.26 22.93 -31.28
CA ALA A 31 7.75 23.54 -32.52
C ALA A 31 8.50 24.84 -32.24
N VAL A 32 7.93 25.68 -31.39
CA VAL A 32 8.53 26.97 -31.06
C VAL A 32 9.88 26.83 -30.38
N ARG A 33 9.97 25.94 -29.39
CA ARG A 33 11.20 25.76 -28.65
C ARG A 33 12.29 25.13 -29.52
N GLN A 34 11.90 24.25 -30.43
CA GLN A 34 12.85 23.58 -31.31
C GLN A 34 13.51 24.57 -32.27
N GLN A 35 12.71 25.50 -32.79
CA GLN A 35 13.21 26.45 -33.79
C GLN A 35 13.86 27.68 -33.16
N TRP A 36 13.42 28.06 -31.97
CA TRP A 36 13.95 29.26 -31.32
C TRP A 36 14.27 29.05 -29.88
N PRO A 37 15.29 28.23 -29.59
CA PRO A 37 15.69 27.90 -28.22
C PRO A 37 16.15 29.11 -27.41
N HIS A 38 16.35 30.25 -28.08
CA HIS A 38 16.84 31.45 -27.41
C HIS A 38 15.80 32.12 -26.56
N LEU A 39 14.58 31.58 -26.57
CA LEU A 39 13.49 32.15 -25.79
C LEU A 39 13.33 31.43 -24.45
N TYR A 40 14.05 30.33 -24.29
CA TYR A 40 13.88 29.49 -23.11
C TYR A 40 15.14 29.47 -22.25
N ASN A 41 14.93 29.26 -20.96
CA ASN A 41 16.03 29.15 -20.01
C ASN A 41 15.83 27.92 -19.15
N GLU A 42 16.40 26.79 -19.57
CA GLU A 42 16.13 25.52 -18.90
C GLU A 42 16.77 25.41 -17.52
N ASP A 43 17.41 26.49 -17.06
CA ASP A 43 17.91 26.56 -15.70
C ASP A 43 16.84 27.11 -14.77
N GLU A 44 16.13 28.13 -15.25
CA GLU A 44 14.99 28.67 -14.51
C GLU A 44 13.90 27.61 -14.38
N GLU A 45 13.70 26.85 -15.45
CA GLU A 45 12.63 25.86 -15.51
C GLU A 45 12.84 24.71 -14.52
N PHE A 46 14.10 24.35 -14.30
CA PHE A 46 14.45 23.28 -13.37
C PHE A 46 14.38 23.80 -11.93
N ARG A 47 14.74 25.07 -11.74
N ARG A 47 14.75 25.06 -11.76
CA ARG A 47 14.72 25.64 -10.39
CA ARG A 47 14.74 25.75 -10.49
C ARG A 47 13.30 25.85 -9.87
C ARG A 47 13.32 25.80 -9.92
N ASN A 48 12.40 26.32 -10.73
CA ASN A 48 11.01 26.52 -10.32
C ASN A 48 10.30 25.20 -10.08
N ALA A 49 10.53 24.23 -10.96
CA ALA A 49 9.92 22.91 -10.84
C ALA A 49 10.36 22.26 -9.54
N VAL A 50 11.66 22.22 -9.31
CA VAL A 50 12.22 21.61 -8.10
C VAL A 50 11.72 22.32 -6.85
N ASN A 51 11.56 23.64 -6.92
CA ASN A 51 11.06 24.41 -5.79
C ASN A 51 9.62 24.11 -5.45
N GLU A 52 8.73 24.27 -6.43
CA GLU A 52 7.30 24.04 -6.23
C GLU A 52 7.04 22.62 -5.71
N VAL A 53 7.69 21.64 -6.32
CA VAL A 53 7.52 20.26 -5.89
C VAL A 53 7.95 20.07 -4.44
N LYS A 54 8.97 20.81 -4.04
CA LYS A 54 9.45 20.73 -2.66
C LYS A 54 8.43 21.29 -1.68
N ARG A 55 7.86 22.45 -2.00
N ARG A 55 7.85 22.44 -2.00
CA ARG A 55 6.86 23.07 -1.15
CA ARG A 55 6.86 23.06 -1.11
C ARG A 55 5.60 22.21 -1.06
C ARG A 55 5.60 22.20 -1.05
N ALA A 56 5.20 21.65 -2.20
CA ALA A 56 4.03 20.78 -2.26
C ALA A 56 4.26 19.52 -1.42
N MET A 57 5.51 19.08 -1.35
CA MET A 57 5.87 17.92 -0.55
C MET A 57 5.92 18.25 0.94
N GLN A 58 6.27 19.48 1.26
CA GLN A 58 6.32 19.93 2.64
C GLN A 58 4.92 20.06 3.23
N PHE A 59 3.92 19.92 2.38
CA PHE A 59 2.53 19.97 2.82
C PHE A 59 1.95 18.57 2.94
N GLY A 60 2.70 17.58 2.45
CA GLY A 60 2.29 16.19 2.56
C GLY A 60 1.87 15.57 1.24
N VAL A 61 2.06 16.29 0.15
CA VAL A 61 1.79 15.74 -1.17
C VAL A 61 2.83 14.67 -1.48
N LYS A 62 2.36 13.49 -1.86
CA LYS A 62 3.25 12.35 -2.07
C LYS A 62 3.41 12.02 -3.55
N THR A 63 2.39 12.34 -4.34
CA THR A 63 2.38 12.01 -5.75
C THR A 63 1.80 13.12 -6.59
N ILE A 64 2.44 13.41 -7.71
CA ILE A 64 1.90 14.36 -8.67
C ILE A 64 1.71 13.70 -10.03
N VAL A 65 0.46 13.69 -10.50
CA VAL A 65 0.16 13.24 -11.85
C VAL A 65 0.36 14.41 -12.80
N ASP A 66 1.19 14.21 -13.81
CA ASP A 66 1.54 15.27 -14.74
C ASP A 66 0.98 14.99 -16.14
N PRO A 67 -0.03 15.77 -16.54
CA PRO A 67 -0.75 15.58 -17.79
C PRO A 67 -0.17 16.36 -18.96
N THR A 68 1.14 16.60 -18.93
CA THR A 68 1.81 17.25 -20.04
C THR A 68 2.11 16.23 -21.14
N VAL A 69 1.54 16.43 -22.32
CA VAL A 69 1.70 15.51 -23.44
C VAL A 69 2.02 16.25 -24.73
N MET A 70 1.85 15.58 -25.86
CA MET A 70 2.13 16.20 -27.15
C MET A 70 1.37 17.50 -27.28
N GLY A 71 2.07 18.56 -27.66
CA GLY A 71 1.47 19.87 -27.79
C GLY A 71 1.78 20.75 -26.60
N LEU A 72 2.22 20.12 -25.50
CA LEU A 72 2.56 20.84 -24.28
C LEU A 72 4.02 20.66 -23.88
N GLY A 73 4.75 19.83 -24.63
CA GLY A 73 6.19 19.69 -24.45
C GLY A 73 6.66 18.65 -23.45
N ARG A 74 5.92 17.55 -23.33
CA ARG A 74 6.33 16.45 -22.45
C ARG A 74 7.82 16.11 -22.63
N ASP A 75 8.58 16.25 -21.55
CA ASP A 75 10.00 15.91 -21.56
C ASP A 75 10.31 14.94 -20.43
N ILE A 76 10.38 13.65 -20.75
CA ILE A 76 10.56 12.63 -19.73
C ILE A 76 11.85 12.82 -18.95
N ARG A 77 12.92 13.19 -19.65
CA ARG A 77 14.24 13.32 -19.02
C ARG A 77 14.29 14.50 -18.05
N PHE A 78 13.65 15.60 -18.42
CA PHE A 78 13.52 16.74 -17.53
C PHE A 78 12.75 16.31 -16.28
N MET A 79 11.60 15.68 -16.50
CA MET A 79 10.79 15.13 -15.42
C MET A 79 11.64 14.23 -14.52
N GLU A 80 12.38 13.31 -15.15
CA GLU A 80 13.19 12.35 -14.41
C GLU A 80 14.25 13.04 -13.54
N LYS A 81 14.77 14.16 -14.02
CA LYS A 81 15.75 14.93 -13.26
C LYS A 81 15.11 15.70 -12.10
N VAL A 82 13.84 16.06 -12.26
CA VAL A 82 13.09 16.70 -11.19
C VAL A 82 12.81 15.69 -10.08
N VAL A 83 12.53 14.46 -10.48
CA VAL A 83 12.29 13.39 -9.52
C VAL A 83 13.56 13.09 -8.72
N LYS A 84 14.69 13.06 -9.40
CA LYS A 84 15.97 12.82 -8.74
C LYS A 84 16.26 13.94 -7.72
N ALA A 85 15.82 15.15 -8.04
CA ALA A 85 16.12 16.31 -7.21
C ALA A 85 15.21 16.42 -5.99
N THR A 86 13.97 15.95 -6.10
CA THR A 86 12.99 16.14 -5.04
C THR A 86 12.58 14.85 -4.33
N GLY A 87 12.47 13.76 -5.08
CA GLY A 87 12.07 12.47 -4.51
C GLY A 87 10.57 12.22 -4.62
N ILE A 88 9.90 13.06 -5.41
CA ILE A 88 8.45 12.99 -5.58
C ILE A 88 8.03 11.74 -6.35
N ASN A 89 6.76 11.37 -6.20
CA ASN A 89 6.16 10.35 -7.05
C ASN A 89 5.50 11.04 -8.24
N LEU A 90 6.06 10.83 -9.42
CA LEU A 90 5.59 11.51 -10.62
C LEU A 90 4.94 10.54 -11.60
N VAL A 91 3.68 10.81 -11.92
CA VAL A 91 2.96 10.02 -12.90
C VAL A 91 2.89 10.78 -14.22
N ALA A 92 3.60 10.26 -15.22
CA ALA A 92 3.61 10.85 -16.55
C ALA A 92 2.60 10.13 -17.43
N GLY A 93 2.02 10.86 -18.37
CA GLY A 93 1.00 10.30 -19.25
C GLY A 93 1.34 10.43 -20.72
N THR A 94 0.51 9.81 -21.55
CA THR A 94 0.64 9.91 -22.99
C THR A 94 -0.65 10.51 -23.55
N GLY A 95 -0.64 10.85 -24.83
CA GLY A 95 -1.81 11.41 -25.47
C GLY A 95 -1.50 12.60 -26.35
N ILE A 96 -2.53 13.21 -26.91
CA ILE A 96 -2.36 14.35 -27.80
C ILE A 96 -3.22 15.51 -27.34
N TYR A 97 -2.58 16.66 -27.17
CA TYR A 97 -3.27 17.86 -26.73
C TYR A 97 -3.48 18.83 -27.89
N ILE A 98 -4.70 18.88 -28.41
CA ILE A 98 -5.05 19.78 -29.51
C ILE A 98 -6.46 20.34 -29.35
N TYR A 99 -6.71 21.51 -29.92
CA TYR A 99 -8.02 22.12 -29.85
C TYR A 99 -8.78 21.90 -31.17
N ILE A 100 -8.06 21.99 -32.28
CA ILE A 100 -8.68 21.92 -33.60
C ILE A 100 -8.15 20.79 -34.46
N ASP A 101 -6.89 20.89 -34.88
N ASP A 101 -6.88 20.88 -34.83
CA ASP A 101 -6.32 19.92 -35.80
CA ASP A 101 -6.27 19.98 -35.82
C ASP A 101 -5.04 19.26 -35.32
C ASP A 101 -5.03 19.26 -35.30
N LEU A 102 -4.78 18.07 -35.84
CA LEU A 102 -3.58 17.32 -35.51
C LEU A 102 -2.40 17.83 -36.32
N PRO A 103 -1.18 17.58 -35.83
CA PRO A 103 0.03 17.85 -36.60
C PRO A 103 -0.12 17.25 -37.99
N PHE A 104 0.69 17.70 -38.95
CA PHE A 104 0.58 17.25 -40.32
C PHE A 104 0.95 15.78 -40.50
N TYR A 105 1.66 15.23 -39.52
CA TYR A 105 2.06 13.83 -39.55
C TYR A 105 0.86 12.89 -39.64
N PHE A 106 -0.31 13.39 -39.25
CA PHE A 106 -1.49 12.53 -39.11
C PHE A 106 -2.44 12.55 -40.31
N LEU A 107 -2.13 13.35 -41.32
CA LEU A 107 -2.91 13.34 -42.55
C LEU A 107 -2.92 11.93 -43.15
N ASN A 108 -4.11 11.45 -43.50
CA ASN A 108 -4.26 10.09 -44.02
C ASN A 108 -3.69 9.03 -43.09
N ARG A 109 -3.85 9.25 -41.78
CA ARG A 109 -3.47 8.25 -40.78
C ARG A 109 -4.69 7.79 -39.99
N SER A 110 -4.67 6.53 -39.57
CA SER A 110 -5.83 5.93 -38.91
C SER A 110 -5.80 6.09 -37.40
N ILE A 111 -6.96 5.86 -36.77
CA ILE A 111 -7.09 5.96 -35.32
C ILE A 111 -6.24 4.91 -34.62
N ASP A 112 -6.13 3.72 -35.23
CA ASP A 112 -5.36 2.63 -34.65
C ASP A 112 -3.89 3.00 -34.48
N GLU A 113 -3.30 3.60 -35.51
CA GLU A 113 -1.89 3.97 -35.44
C GLU A 113 -1.64 5.17 -34.54
N ILE A 114 -2.66 6.00 -34.36
CA ILE A 114 -2.60 7.05 -33.36
C ILE A 114 -2.57 6.40 -31.98
N ALA A 115 -3.45 5.42 -31.79
CA ALA A 115 -3.52 4.67 -30.53
C ALA A 115 -2.23 3.89 -30.28
N ASP A 116 -1.65 3.34 -31.35
CA ASP A 116 -0.42 2.58 -31.22
C ASP A 116 0.67 3.40 -30.53
N LEU A 117 0.64 4.70 -30.75
CA LEU A 117 1.57 5.62 -30.09
C LEU A 117 1.37 5.57 -28.59
N PHE A 118 0.14 5.84 -28.16
CA PHE A 118 -0.19 5.82 -26.73
C PHE A 118 0.22 4.50 -26.09
N ILE A 119 -0.19 3.40 -26.73
CA ILE A 119 0.14 2.07 -26.24
C ILE A 119 1.65 1.87 -26.15
N HIS A 120 2.38 2.47 -27.09
CA HIS A 120 3.83 2.39 -27.09
C HIS A 120 4.40 3.00 -25.85
N ASP A 121 3.95 4.21 -25.53
CA ASP A 121 4.40 4.92 -24.34
C ASP A 121 4.05 4.18 -23.07
N ILE A 122 2.95 3.43 -23.10
CA ILE A 122 2.47 2.72 -21.93
C ILE A 122 3.18 1.39 -21.71
N LYS A 123 3.33 0.61 -22.78
CA LYS A 123 3.84 -0.75 -22.67
C LYS A 123 5.35 -0.88 -22.88
N GLU A 124 5.93 0.01 -23.67
N GLU A 124 5.93 0.04 -23.65
CA GLU A 124 7.35 -0.04 -23.97
CA GLU A 124 7.35 -0.05 -24.01
C GLU A 124 8.14 1.02 -23.23
C GLU A 124 8.19 1.03 -23.32
N GLY A 125 7.75 2.28 -23.39
CA GLY A 125 8.44 3.39 -22.74
C GLY A 125 8.20 4.74 -23.38
N ILE A 126 8.62 5.80 -22.70
CA ILE A 126 8.42 7.16 -23.20
C ILE A 126 9.71 7.78 -23.75
N GLN A 127 9.59 8.41 -24.92
CA GLN A 127 10.70 9.14 -25.55
C GLN A 127 12.04 8.42 -25.44
N GLY A 128 12.03 7.10 -25.63
CA GLY A 128 13.25 6.32 -25.67
C GLY A 128 13.78 5.90 -24.31
N THR A 129 12.92 5.98 -23.31
CA THR A 129 13.30 5.60 -21.95
C THR A 129 12.47 4.40 -21.49
N LEU A 130 12.74 3.92 -20.27
CA LEU A 130 11.98 2.80 -19.72
C LEU A 130 10.81 3.28 -18.85
N ASN A 131 10.79 4.58 -18.58
CA ASN A 131 9.66 5.19 -17.89
C ASN A 131 8.42 5.01 -18.76
N LYS A 132 7.35 4.49 -18.15
CA LYS A 132 6.14 4.20 -18.89
C LYS A 132 5.01 5.15 -18.52
N ALA A 133 4.08 5.37 -19.44
CA ALA A 133 2.96 6.28 -19.20
C ALA A 133 1.87 5.58 -18.40
N GLY A 134 1.32 6.28 -17.41
CA GLY A 134 0.32 5.71 -16.53
C GLY A 134 -1.11 6.10 -16.87
N PHE A 135 -1.26 6.88 -17.94
CA PHE A 135 -2.60 7.35 -18.33
C PHE A 135 -2.55 8.06 -19.68
N VAL A 136 -3.71 8.33 -20.25
CA VAL A 136 -3.80 9.05 -21.51
C VAL A 136 -4.47 10.42 -21.32
N KCX A 137 -3.98 11.42 -22.06
CA KCX A 137 -4.53 12.76 -21.97
CB KCX A 137 -3.43 13.73 -21.54
CG KCX A 137 -3.99 14.85 -20.66
CD KCX A 137 -4.44 16.05 -21.48
CE KCX A 137 -5.08 17.12 -20.60
NZ KCX A 137 -4.10 18.01 -20.02
C KCX A 137 -5.08 13.19 -23.30
O KCX A 137 -4.45 12.98 -24.34
CX KCX A 137 -4.42 19.22 -19.54
OQ1 KCX A 137 -5.67 19.62 -19.60
OQ2 KCX A 137 -3.59 19.97 -19.05
N ILE A 138 -6.26 13.80 -23.28
CA ILE A 138 -6.90 14.32 -24.49
C ILE A 138 -7.45 15.71 -24.25
N ALA A 139 -7.88 16.39 -25.31
CA ALA A 139 -8.36 17.76 -25.16
C ALA A 139 -9.53 18.16 -26.07
N ALA A 140 -10.13 19.29 -25.73
CA ALA A 140 -11.17 19.92 -26.55
C ALA A 140 -11.52 21.25 -25.86
N ASP A 141 -11.75 22.29 -26.65
CA ASP A 141 -12.02 23.60 -26.09
C ASP A 141 -13.16 24.30 -26.84
N GLU A 142 -12.97 25.60 -27.11
CA GLU A 142 -13.99 26.41 -27.77
C GLU A 142 -14.38 25.83 -29.14
N PRO A 143 -13.40 25.28 -29.88
CA PRO A 143 -13.67 24.69 -31.19
C PRO A 143 -14.69 23.55 -31.15
N GLY A 144 -14.75 22.84 -30.03
CA GLY A 144 -15.67 21.71 -29.89
C GLY A 144 -15.05 20.40 -30.33
N ILE A 145 -15.89 19.38 -30.53
CA ILE A 145 -15.41 18.07 -30.94
C ILE A 145 -15.25 17.98 -32.46
N THR A 146 -14.06 18.35 -32.94
CA THR A 146 -13.77 18.32 -34.36
C THR A 146 -13.41 16.92 -34.80
N LYS A 147 -13.45 16.67 -36.10
CA LYS A 147 -13.13 15.36 -36.65
C LYS A 147 -11.80 14.84 -36.11
N ASP A 148 -10.81 15.72 -36.00
CA ASP A 148 -9.49 15.32 -35.49
C ASP A 148 -9.49 15.11 -33.98
N VAL A 149 -10.13 16.02 -33.25
CA VAL A 149 -10.26 15.87 -31.81
C VAL A 149 -10.88 14.51 -31.49
N GLU A 150 -11.96 14.17 -32.19
CA GLU A 150 -12.65 12.91 -32.00
C GLU A 150 -11.70 11.72 -32.17
N LYS A 151 -10.84 11.79 -33.19
CA LYS A 151 -9.88 10.72 -33.45
C LYS A 151 -9.03 10.43 -32.22
N VAL A 152 -8.51 11.48 -31.61
CA VAL A 152 -7.70 11.34 -30.40
C VAL A 152 -8.52 10.67 -29.31
N ILE A 153 -9.75 11.13 -29.13
CA ILE A 153 -10.66 10.57 -28.13
C ILE A 153 -10.88 9.08 -28.33
N ARG A 154 -11.16 8.69 -29.57
CA ARG A 154 -11.42 7.29 -29.88
C ARG A 154 -10.16 6.44 -29.78
N ALA A 155 -9.02 7.05 -30.08
CA ALA A 155 -7.74 6.37 -29.96
C ALA A 155 -7.42 6.13 -28.49
N ALA A 156 -7.69 7.13 -27.66
CA ALA A 156 -7.52 7.01 -26.22
C ALA A 156 -8.30 5.80 -25.71
N ALA A 157 -9.56 5.70 -26.14
CA ALA A 157 -10.42 4.60 -25.75
C ALA A 157 -9.79 3.25 -26.08
N ILE A 158 -9.20 3.14 -27.26
CA ILE A 158 -8.57 1.88 -27.67
C ILE A 158 -7.38 1.54 -26.78
N ALA A 159 -6.59 2.54 -26.44
CA ALA A 159 -5.45 2.35 -25.55
C ALA A 159 -5.93 1.92 -24.17
N ASN A 160 -6.99 2.58 -23.69
CA ASN A 160 -7.57 2.26 -22.39
C ASN A 160 -8.04 0.81 -22.30
N LYS A 161 -8.74 0.34 -23.33
CA LYS A 161 -9.27 -1.01 -23.35
C LYS A 161 -8.14 -2.04 -23.47
N GLU A 162 -6.99 -1.60 -23.94
CA GLU A 162 -5.86 -2.50 -24.18
C GLU A 162 -4.87 -2.51 -23.01
N THR A 163 -4.83 -1.43 -22.25
CA THR A 163 -3.85 -1.28 -21.17
C THR A 163 -4.48 -1.16 -19.79
N LYS A 164 -5.70 -0.64 -19.73
CA LYS A 164 -6.42 -0.46 -18.48
C LYS A 164 -6.06 0.86 -17.78
N VAL A 165 -5.13 1.60 -18.36
CA VAL A 165 -4.76 2.90 -17.80
C VAL A 165 -5.93 3.88 -17.94
N PRO A 166 -6.10 4.77 -16.95
CA PRO A 166 -7.22 5.71 -16.97
C PRO A 166 -7.03 6.81 -18.02
N ILE A 167 -7.99 7.72 -18.08
CA ILE A 167 -7.94 8.82 -19.05
C ILE A 167 -8.25 10.16 -18.40
N ILE A 168 -7.33 11.10 -18.54
CA ILE A 168 -7.54 12.46 -18.08
C ILE A 168 -7.84 13.35 -19.29
N THR A 169 -8.88 14.15 -19.19
CA THR A 169 -9.28 14.99 -20.33
C THR A 169 -9.18 16.48 -20.03
N HIS A 170 -9.01 17.25 -21.08
CA HIS A 170 -9.09 18.71 -20.99
C HIS A 170 -10.39 19.13 -21.63
N SER A 171 -11.11 20.03 -20.97
CA SER A 171 -12.44 20.41 -21.44
C SER A 171 -12.74 21.88 -21.22
N ASN A 172 -13.67 22.41 -22.02
CA ASN A 172 -14.23 23.72 -21.78
C ASN A 172 -15.52 23.59 -21.01
N ALA A 173 -15.61 24.27 -19.87
CA ALA A 173 -16.73 24.12 -18.95
C ALA A 173 -18.07 24.62 -19.49
N HIS A 174 -18.03 25.66 -20.32
CA HIS A 174 -19.26 26.33 -20.74
C HIS A 174 -19.72 25.94 -22.12
N ASN A 175 -19.49 24.70 -22.53
CA ASN A 175 -19.89 24.30 -23.87
C ASN A 175 -20.13 22.80 -24.06
N ASN A 176 -20.18 22.05 -22.96
CA ASN A 176 -20.65 20.69 -23.07
C ASN A 176 -19.59 19.78 -23.65
N THR A 177 -18.44 20.36 -23.93
CA THR A 177 -17.33 19.67 -24.55
C THR A 177 -16.87 18.49 -23.68
N GLY A 178 -17.13 18.58 -22.39
CA GLY A 178 -16.75 17.52 -21.45
C GLY A 178 -17.75 16.38 -21.44
N LEU A 179 -19.02 16.71 -21.52
CA LEU A 179 -20.09 15.71 -21.56
C LEU A 179 -19.90 14.79 -22.76
N GLU A 180 -19.46 15.37 -23.89
CA GLU A 180 -19.27 14.62 -25.13
C GLU A 180 -18.11 13.66 -25.04
N GLN A 181 -17.02 14.11 -24.43
CA GLN A 181 -15.85 13.25 -24.23
C GLN A 181 -16.26 11.97 -23.52
N GLN A 182 -17.13 12.13 -22.51
CA GLN A 182 -17.66 11.02 -21.74
C GLN A 182 -18.54 10.15 -22.61
N ARG A 183 -19.47 10.78 -23.32
CA ARG A 183 -20.31 10.05 -24.28
C ARG A 183 -19.45 9.11 -25.10
N ILE A 184 -18.62 9.69 -25.95
CA ILE A 184 -17.80 8.95 -26.91
C ILE A 184 -16.96 7.86 -26.25
N LEU A 185 -16.27 8.20 -25.17
CA LEU A 185 -15.40 7.25 -24.48
C LEU A 185 -16.17 6.03 -23.96
N THR A 186 -17.28 6.29 -23.29
CA THR A 186 -18.12 5.22 -22.74
C THR A 186 -18.77 4.40 -23.85
N GLU A 187 -19.24 5.07 -24.89
CA GLU A 187 -19.81 4.38 -26.05
C GLU A 187 -18.81 3.39 -26.64
N GLU A 188 -17.53 3.75 -26.59
CA GLU A 188 -16.48 2.91 -27.15
C GLU A 188 -16.03 1.80 -26.19
N GLY A 189 -16.70 1.70 -25.05
CA GLY A 189 -16.46 0.62 -24.11
C GLY A 189 -15.57 1.00 -22.94
N VAL A 190 -15.41 2.30 -22.72
CA VAL A 190 -14.61 2.79 -21.61
C VAL A 190 -15.43 2.94 -20.33
N ASP A 191 -15.04 2.20 -19.30
CA ASP A 191 -15.65 2.33 -17.99
C ASP A 191 -15.57 3.78 -17.51
N PRO A 192 -16.73 4.39 -17.27
CA PRO A 192 -16.78 5.80 -16.87
C PRO A 192 -15.98 6.05 -15.59
N GLY A 193 -15.67 5.00 -14.86
CA GLY A 193 -14.87 5.11 -13.64
C GLY A 193 -13.41 5.36 -13.95
N LYS A 194 -13.03 5.14 -15.20
CA LYS A 194 -11.65 5.31 -15.62
C LYS A 194 -11.41 6.62 -16.35
N ILE A 195 -12.41 7.50 -16.31
CA ILE A 195 -12.29 8.80 -16.95
C ILE A 195 -12.30 9.92 -15.93
N LEU A 196 -11.45 10.92 -16.13
CA LEU A 196 -11.53 12.16 -15.37
C LEU A 196 -11.81 13.31 -16.32
N ILE A 197 -13.03 13.84 -16.28
CA ILE A 197 -13.39 15.00 -17.08
C ILE A 197 -12.90 16.27 -16.39
N GLY A 198 -11.92 16.94 -17.01
CA GLY A 198 -11.28 18.09 -16.40
C GLY A 198 -11.94 19.45 -16.60
N HIS A 199 -11.56 20.40 -15.75
CA HIS A 199 -11.95 21.81 -15.86
C HIS A 199 -13.41 22.07 -15.72
N LEU A 200 -14.07 21.27 -14.89
CA LEU A 200 -15.46 21.52 -14.55
C LEU A 200 -15.50 22.62 -13.50
N GLY A 201 -14.40 22.77 -12.78
CA GLY A 201 -14.27 23.78 -11.75
C GLY A 201 -14.31 25.21 -12.26
N ASP A 202 -14.31 25.36 -13.59
CA ASP A 202 -14.32 26.70 -14.20
C ASP A 202 -15.72 27.28 -14.26
N THR A 203 -16.71 26.47 -13.89
CA THR A 203 -18.10 26.90 -13.98
C THR A 203 -18.82 26.68 -12.66
N ASP A 204 -19.74 27.58 -12.34
CA ASP A 204 -20.55 27.44 -11.13
C ASP A 204 -21.87 26.73 -11.43
N ASN A 205 -22.08 26.42 -12.71
CA ASN A 205 -23.23 25.61 -13.11
C ASN A 205 -23.10 24.19 -12.59
N ILE A 206 -23.63 23.96 -11.41
CA ILE A 206 -23.45 22.69 -10.71
C ILE A 206 -24.29 21.55 -11.32
N ASP A 207 -25.45 21.90 -11.89
CA ASP A 207 -26.29 20.90 -12.54
C ASP A 207 -25.49 20.14 -13.59
N TYR A 208 -24.72 20.87 -14.38
CA TYR A 208 -23.89 20.27 -15.43
C TYR A 208 -22.79 19.39 -14.83
N ILE A 209 -22.16 19.88 -13.77
CA ILE A 209 -21.11 19.14 -13.10
C ILE A 209 -21.66 17.83 -12.53
N LYS A 210 -22.87 17.90 -11.99
CA LYS A 210 -23.52 16.73 -11.43
C LYS A 210 -23.84 15.69 -12.51
N LYS A 211 -24.36 16.16 -13.64
CA LYS A 211 -24.73 15.26 -14.72
C LYS A 211 -23.55 14.38 -15.14
N ILE A 212 -22.39 15.01 -15.30
CA ILE A 212 -21.18 14.28 -15.68
C ILE A 212 -20.77 13.31 -14.57
N ALA A 213 -20.82 13.77 -13.33
CA ALA A 213 -20.54 12.90 -12.19
C ALA A 213 -21.56 11.79 -12.11
N ASP A 214 -22.84 12.15 -12.19
CA ASP A 214 -23.93 11.18 -12.13
C ASP A 214 -23.72 10.05 -13.13
N LYS A 215 -23.04 10.34 -14.24
CA LYS A 215 -22.82 9.34 -15.27
C LYS A 215 -21.58 8.48 -15.02
N GLY A 216 -20.96 8.68 -13.85
CA GLY A 216 -19.95 7.74 -13.35
C GLY A 216 -18.50 8.12 -13.56
N SER A 217 -18.24 9.36 -13.93
CA SER A 217 -16.86 9.81 -14.14
C SER A 217 -16.46 10.89 -13.14
N PHE A 218 -15.17 10.90 -12.79
CA PHE A 218 -14.66 11.91 -11.88
C PHE A 218 -14.83 13.31 -12.44
N ILE A 219 -14.94 14.29 -11.55
CA ILE A 219 -15.11 15.68 -11.96
C ILE A 219 -13.89 16.52 -11.57
N GLY A 220 -13.31 17.19 -12.56
CA GLY A 220 -12.10 17.95 -12.35
C GLY A 220 -12.32 19.38 -11.91
N LEU A 221 -12.25 19.60 -10.59
CA LEU A 221 -12.19 20.93 -10.04
C LEU A 221 -10.71 21.25 -9.88
N ASP A 222 -10.03 21.45 -11.00
CA ASP A 222 -8.58 21.33 -11.06
C ASP A 222 -7.82 22.56 -11.54
N ARG A 223 -8.45 23.73 -11.47
CA ARG A 223 -7.76 24.95 -11.87
C ARG A 223 -7.81 26.01 -10.76
N TYR A 224 -7.57 25.56 -9.53
CA TYR A 224 -7.59 26.45 -8.38
C TYR A 224 -6.48 27.50 -8.45
N GLY A 225 -6.88 28.76 -8.60
CA GLY A 225 -5.95 29.88 -8.66
C GLY A 225 -6.10 30.70 -9.91
N LEU A 226 -6.58 30.07 -10.98
CA LEU A 226 -6.71 30.75 -12.27
C LEU A 226 -7.95 31.63 -12.33
N ASP A 227 -7.90 32.72 -11.56
CA ASP A 227 -9.04 33.63 -11.42
C ASP A 227 -9.73 34.02 -12.72
N LEU A 228 -9.08 33.80 -13.85
CA LEU A 228 -9.66 34.20 -15.13
C LEU A 228 -10.68 33.19 -15.64
N PHE A 229 -10.63 31.98 -15.09
CA PHE A 229 -11.64 30.98 -15.38
C PHE A 229 -12.73 31.06 -14.31
N LEU A 230 -12.32 31.14 -13.05
CA LEU A 230 -13.24 31.33 -11.94
C LEU A 230 -12.48 31.61 -10.65
N PRO A 231 -12.86 32.69 -9.95
CA PRO A 231 -12.23 33.08 -8.69
C PRO A 231 -12.25 31.95 -7.66
N VAL A 232 -11.27 31.96 -6.75
CA VAL A 232 -11.15 30.94 -5.72
C VAL A 232 -12.40 30.82 -4.85
N ASP A 233 -12.97 31.96 -4.48
CA ASP A 233 -14.12 31.97 -3.57
C ASP A 233 -15.36 31.32 -4.19
N LYS A 234 -15.59 31.58 -5.48
CA LYS A 234 -16.73 31.01 -6.18
C LYS A 234 -16.50 29.54 -6.50
N ARG A 235 -15.23 29.16 -6.65
CA ARG A 235 -14.86 27.76 -6.79
C ARG A 235 -15.08 27.05 -5.47
N ASN A 236 -14.78 27.75 -4.37
CA ASN A 236 -14.95 27.18 -3.04
C ASN A 236 -16.41 26.85 -2.72
N GLU A 237 -17.31 27.80 -2.97
N GLU A 237 -17.30 27.80 -3.00
CA GLU A 237 -18.74 27.55 -2.75
CA GLU A 237 -18.73 27.61 -2.78
C GLU A 237 -19.24 26.41 -3.61
C GLU A 237 -19.25 26.44 -3.62
N THR A 238 -18.72 26.32 -4.83
CA THR A 238 -19.15 25.28 -5.77
C THR A 238 -18.70 23.89 -5.31
N THR A 239 -17.45 23.80 -4.87
CA THR A 239 -16.92 22.54 -4.37
C THR A 239 -17.52 22.21 -3.01
N LEU A 240 -18.06 23.21 -2.33
CA LEU A 240 -18.74 23.01 -1.07
C LEU A 240 -20.13 22.44 -1.30
N ARG A 241 -20.90 23.09 -2.16
N ARG A 241 -20.90 23.11 -2.16
CA ARG A 241 -22.25 22.63 -2.47
CA ARG A 241 -22.24 22.66 -2.51
C ARG A 241 -22.21 21.21 -3.03
C ARG A 241 -22.21 21.24 -3.06
N LEU A 242 -21.15 20.90 -3.77
CA LEU A 242 -20.97 19.56 -4.33
C LEU A 242 -20.72 18.54 -3.24
N ILE A 243 -19.87 18.89 -2.29
CA ILE A 243 -19.55 17.99 -1.18
C ILE A 243 -20.75 17.80 -0.26
N LYS A 244 -21.47 18.90 0.02
CA LYS A 244 -22.66 18.82 0.85
C LYS A 244 -23.73 17.96 0.21
N ASP A 245 -23.86 18.06 -1.10
CA ASP A 245 -24.84 17.24 -1.82
C ASP A 245 -24.29 15.82 -2.05
N GLY A 246 -23.16 15.53 -1.41
CA GLY A 246 -22.60 14.19 -1.36
C GLY A 246 -21.95 13.68 -2.63
N TYR A 247 -21.07 14.50 -3.20
CA TYR A 247 -20.42 14.14 -4.47
C TYR A 247 -18.92 13.86 -4.34
N SER A 248 -18.43 13.81 -3.11
CA SER A 248 -17.00 13.64 -2.87
C SER A 248 -16.47 12.28 -3.34
N ASP A 249 -17.38 11.42 -3.79
CA ASP A 249 -16.99 10.10 -4.28
C ASP A 249 -16.43 10.20 -5.71
N LYS A 250 -16.54 11.39 -6.29
CA LYS A 250 -16.11 11.61 -7.66
C LYS A 250 -15.30 12.90 -7.83
N ILE A 251 -15.27 13.72 -6.78
CA ILE A 251 -14.57 15.01 -6.84
C ILE A 251 -13.06 14.84 -6.78
N MET A 252 -12.36 15.48 -7.72
CA MET A 252 -10.90 15.53 -7.69
C MET A 252 -10.40 16.97 -7.80
N ILE A 253 -9.42 17.32 -6.96
CA ILE A 253 -8.97 18.70 -6.85
C ILE A 253 -7.48 18.88 -7.15
N SER A 254 -7.15 20.00 -7.79
CA SER A 254 -5.77 20.34 -8.13
C SER A 254 -5.72 21.79 -8.61
N HIS A 255 -4.58 22.21 -9.17
CA HIS A 255 -4.42 23.61 -9.58
C HIS A 255 -4.18 23.81 -11.06
N ASP A 256 -3.74 22.75 -11.75
CA ASP A 256 -3.29 22.86 -13.14
C ASP A 256 -2.11 23.84 -13.21
N TYR A 257 -1.33 23.89 -12.14
CA TYR A 257 -0.23 24.84 -12.05
C TYR A 257 0.94 24.46 -12.95
N CYS A 258 1.50 25.47 -13.61
CA CYS A 258 2.66 25.30 -14.45
C CYS A 258 3.83 26.11 -13.91
N CYS A 259 4.80 25.41 -13.32
CA CYS A 259 5.97 26.05 -12.75
C CYS A 259 6.64 26.92 -13.80
N THR A 260 6.34 26.63 -15.07
CA THR A 260 6.80 27.45 -16.18
C THR A 260 5.98 27.12 -17.42
N ILE A 261 5.52 28.18 -18.10
CA ILE A 261 4.62 28.01 -19.24
C ILE A 261 4.87 29.11 -20.27
N ASP A 262 5.02 28.72 -21.53
CA ASP A 262 5.44 29.67 -22.58
C ASP A 262 4.30 30.44 -23.23
N TRP A 263 3.06 30.14 -22.86
CA TRP A 263 1.90 30.86 -23.38
C TRP A 263 2.01 32.33 -23.07
N GLY A 264 1.69 33.16 -24.06
CA GLY A 264 1.80 34.61 -23.90
C GLY A 264 0.91 35.17 -22.81
N THR A 265 -0.14 34.44 -22.46
CA THR A 265 -1.06 34.85 -21.41
C THR A 265 -0.44 34.66 -20.04
N ALA A 266 0.52 33.74 -19.97
CA ALA A 266 1.19 33.44 -18.71
C ALA A 266 2.35 34.40 -18.43
N LYS A 267 2.39 35.52 -19.15
CA LYS A 267 3.43 36.52 -18.93
C LYS A 267 3.31 37.14 -17.54
N PRO A 268 4.40 37.04 -16.75
CA PRO A 268 4.46 37.53 -15.38
C PRO A 268 4.24 39.04 -15.25
N GLU A 269 3.12 39.53 -15.78
CA GLU A 269 2.67 40.90 -15.51
C GLU A 269 1.17 41.02 -15.75
N TYR A 270 0.58 39.93 -16.23
CA TYR A 270 -0.86 39.79 -16.24
C TYR A 270 -1.25 39.13 -14.92
N LYS A 271 -0.30 38.37 -14.36
CA LYS A 271 -0.50 37.66 -13.10
C LYS A 271 -1.45 38.39 -12.14
N PRO A 272 -1.04 39.59 -11.69
CA PRO A 272 -1.86 40.35 -10.77
C PRO A 272 -3.35 40.32 -11.13
N LYS A 273 -3.68 40.59 -12.39
CA LYS A 273 -5.08 40.68 -12.80
C LYS A 273 -5.68 39.37 -13.31
N LEU A 274 -4.85 38.37 -13.56
CA LEU A 274 -5.35 37.11 -14.12
C LEU A 274 -5.34 35.95 -13.12
N ALA A 275 -4.21 35.73 -12.47
CA ALA A 275 -4.08 34.62 -11.53
C ALA A 275 -3.03 34.91 -10.46
N PRO A 276 -3.32 35.86 -9.56
CA PRO A 276 -2.37 36.34 -8.56
C PRO A 276 -1.95 35.29 -7.53
N ARG A 277 -2.90 34.51 -7.05
CA ARG A 277 -2.65 33.58 -5.95
C ARG A 277 -2.34 32.17 -6.46
N TRP A 278 -2.18 32.06 -7.78
CA TRP A 278 -2.00 30.76 -8.43
C TRP A 278 -0.68 30.12 -8.11
N SER A 279 -0.73 29.06 -7.31
CA SER A 279 0.46 28.29 -6.96
C SER A 279 0.13 26.81 -6.88
N ILE A 280 1.13 25.99 -6.55
CA ILE A 280 0.92 24.54 -6.46
C ILE A 280 0.47 24.15 -5.05
N THR A 281 0.27 25.14 -4.19
CA THR A 281 -0.10 24.88 -2.80
C THR A 281 -1.31 25.67 -2.33
N LEU A 282 -1.94 26.42 -3.22
CA LEU A 282 -3.02 27.32 -2.84
C LEU A 282 -4.16 26.64 -2.05
N ILE A 283 -4.51 25.42 -2.44
CA ILE A 283 -5.62 24.72 -1.80
C ILE A 283 -5.35 24.41 -0.32
N PHE A 284 -4.07 24.30 0.04
CA PHE A 284 -3.69 24.10 1.43
C PHE A 284 -3.81 25.42 2.18
N GLU A 285 -3.59 26.51 1.44
CA GLU A 285 -3.58 27.83 2.03
C GLU A 285 -5.00 28.37 2.17
N ASP A 286 -5.92 27.86 1.36
CA ASP A 286 -7.25 28.44 1.28
C ASP A 286 -8.37 27.40 1.25
N THR A 287 -8.32 26.49 0.29
CA THR A 287 -9.44 25.57 0.04
C THR A 287 -9.73 24.58 1.17
N ILE A 288 -8.74 23.77 1.53
CA ILE A 288 -8.95 22.74 2.56
C ILE A 288 -9.40 23.34 3.89
N PRO A 289 -8.75 24.43 4.32
CA PRO A 289 -9.19 25.12 5.53
C PRO A 289 -10.64 25.56 5.41
N PHE A 290 -10.95 26.28 4.34
CA PHE A 290 -12.32 26.72 4.06
C PHE A 290 -13.36 25.63 4.29
N LEU A 291 -13.08 24.43 3.78
CA LEU A 291 -14.01 23.32 3.90
C LEU A 291 -14.23 22.93 5.36
N LYS A 292 -13.14 22.78 6.10
CA LYS A 292 -13.19 22.50 7.53
C LYS A 292 -13.91 23.63 8.23
N ARG A 293 -13.35 24.83 8.08
CA ARG A 293 -13.96 26.05 8.57
C ARG A 293 -15.48 25.93 8.43
N ASN A 294 -15.90 25.17 7.43
CA ASN A 294 -17.31 24.88 7.23
C ASN A 294 -17.60 23.42 7.54
N GLY A 295 -18.56 22.82 6.86
CA GLY A 295 -18.97 21.45 7.16
C GLY A 295 -17.86 20.42 7.18
N VAL A 296 -17.08 20.37 6.11
CA VAL A 296 -16.21 19.21 5.81
C VAL A 296 -15.26 18.75 6.92
N ASN A 297 -15.24 17.43 7.13
CA ASN A 297 -14.31 16.82 8.07
C ASN A 297 -13.10 16.24 7.35
N GLU A 298 -12.21 15.60 8.11
CA GLU A 298 -10.94 15.13 7.60
C GLU A 298 -11.07 13.80 6.87
N GLU A 299 -12.25 13.19 6.96
CA GLU A 299 -12.52 11.91 6.34
C GLU A 299 -12.90 12.12 4.87
N VAL A 300 -13.53 13.25 4.61
CA VAL A 300 -13.90 13.63 3.25
C VAL A 300 -12.66 14.06 2.46
N ILE A 301 -11.80 14.82 3.12
CA ILE A 301 -10.56 15.29 2.51
C ILE A 301 -9.75 14.10 1.99
N ALA A 302 -9.59 13.08 2.84
CA ALA A 302 -8.84 11.89 2.46
C ALA A 302 -9.39 11.24 1.20
N THR A 303 -10.71 11.08 1.14
CA THR A 303 -11.35 10.46 -0.01
C THR A 303 -11.12 11.23 -1.30
N ILE A 304 -11.18 12.56 -1.22
CA ILE A 304 -10.98 13.40 -2.40
C ILE A 304 -9.55 13.33 -2.93
N PHE A 305 -8.58 13.39 -2.02
CA PHE A 305 -7.17 13.48 -2.42
C PHE A 305 -6.43 12.16 -2.36
N LYS A 306 -7.03 11.14 -1.75
CA LYS A 306 -6.32 9.87 -1.55
C LYS A 306 -7.04 8.65 -2.12
N GLU A 307 -8.33 8.55 -1.85
N GLU A 307 -8.35 8.57 -1.87
CA GLU A 307 -9.12 7.40 -2.32
CA GLU A 307 -9.12 7.40 -2.30
C GLU A 307 -9.52 7.53 -3.79
C GLU A 307 -9.56 7.52 -3.76
N ASN A 308 -9.99 8.72 -4.16
CA ASN A 308 -10.41 8.96 -5.53
C ASN A 308 -9.29 8.68 -6.54
N PRO A 309 -8.09 9.23 -6.28
CA PRO A 309 -6.93 8.90 -7.10
C PRO A 309 -6.62 7.41 -7.07
N LYS A 310 -6.87 6.75 -5.94
CA LYS A 310 -6.59 5.32 -5.83
C LYS A 310 -7.55 4.51 -6.70
N LYS A 311 -8.83 4.86 -6.67
CA LYS A 311 -9.80 4.24 -7.55
C LYS A 311 -9.34 4.44 -8.99
N PHE A 312 -9.28 5.70 -9.39
CA PHE A 312 -8.89 6.10 -10.73
C PHE A 312 -7.81 5.19 -11.33
N PHE A 313 -6.78 4.90 -10.55
CA PHE A 313 -5.63 4.14 -11.05
C PHE A 313 -5.68 2.65 -10.69
N SER A 314 -6.84 2.17 -10.27
CA SER A 314 -6.99 0.77 -9.89
C SER A 314 -7.82 -0.01 -10.91
N MET B 1 -13.57 -47.90 54.52
N MET B 1 -13.39 -47.50 54.47
CA MET B 1 -13.38 -46.52 55.05
CA MET B 1 -13.05 -46.22 55.16
C MET B 1 -13.61 -45.48 53.96
C MET B 1 -13.27 -45.03 54.24
N ARG B 2 -14.50 -44.53 54.23
CA ARG B 2 -14.92 -43.53 53.25
C ARG B 2 -13.89 -42.48 52.82
N ILE B 3 -13.61 -41.51 53.68
CA ILE B 3 -12.81 -40.34 53.29
C ILE B 3 -11.30 -40.57 53.29
N PRO B 4 -10.63 -40.22 52.17
CA PRO B 4 -9.18 -40.29 52.08
C PRO B 4 -8.51 -39.05 52.64
N LEU B 5 -7.40 -39.24 53.33
CA LEU B 5 -6.64 -38.14 53.93
C LEU B 5 -5.20 -38.13 53.44
N VAL B 6 -4.61 -36.94 53.36
CA VAL B 6 -3.23 -36.81 52.95
C VAL B 6 -2.28 -37.42 53.98
N GLY B 7 -1.32 -38.20 53.51
CA GLY B 7 -0.30 -38.79 54.37
C GLY B 7 -0.83 -39.65 55.50
N LYS B 8 -2.12 -39.95 55.46
CA LYS B 8 -2.75 -40.78 56.49
C LYS B 8 -3.66 -41.83 55.87
N ASP B 9 -4.01 -42.84 56.66
CA ASP B 9 -5.00 -43.82 56.26
C ASP B 9 -6.39 -43.18 56.35
N SER B 10 -7.33 -43.70 55.56
CA SER B 10 -8.66 -43.08 55.46
C SER B 10 -9.48 -43.22 56.74
N ILE B 11 -10.50 -42.38 56.87
CA ILE B 11 -11.35 -42.36 58.05
C ILE B 11 -12.83 -42.46 57.70
N GLU B 12 -13.62 -43.00 58.61
CA GLU B 12 -15.06 -43.04 58.43
C GLU B 12 -15.60 -41.62 58.64
N SER B 13 -16.70 -41.30 57.95
CA SER B 13 -17.23 -39.94 57.99
C SER B 13 -17.60 -39.50 59.41
N LYS B 14 -17.77 -40.45 60.31
CA LYS B 14 -18.18 -40.16 61.68
C LYS B 14 -17.02 -39.69 62.56
N ASP B 15 -15.80 -39.91 62.10
CA ASP B 15 -14.61 -39.54 62.88
C ASP B 15 -13.96 -38.26 62.35
N ILE B 16 -14.75 -37.47 61.62
CA ILE B 16 -14.23 -36.26 60.99
C ILE B 16 -14.04 -35.09 61.96
N GLY B 17 -14.75 -35.16 63.09
CA GLY B 17 -14.65 -34.12 64.12
C GLY B 17 -14.98 -32.72 63.65
N PHE B 18 -14.49 -31.71 64.37
CA PHE B 18 -14.68 -30.33 64.00
C PHE B 18 -13.90 -30.05 62.71
N THR B 19 -14.61 -29.61 61.67
CA THR B 19 -14.01 -29.49 60.35
C THR B 19 -14.12 -28.09 59.77
N LEU B 20 -13.01 -27.61 59.21
CA LEU B 20 -13.01 -26.40 58.40
C LEU B 20 -13.04 -26.82 56.93
N ILE B 21 -14.15 -26.53 56.26
CA ILE B 21 -14.46 -27.12 54.95
C ILE B 21 -13.80 -26.43 53.75
N HIS B 22 -13.27 -25.23 53.94
CA HIS B 22 -12.69 -24.48 52.81
C HIS B 22 -11.56 -23.58 53.23
N GLU B 23 -10.36 -24.15 53.30
CA GLU B 23 -9.14 -23.40 53.58
C GLU B 23 -8.03 -23.87 52.65
N HIS B 24 -7.13 -22.96 52.27
CA HIS B 24 -6.02 -23.31 51.38
C HIS B 24 -4.69 -23.17 52.07
N LEU B 25 -3.89 -24.23 52.03
CA LEU B 25 -2.54 -24.20 52.60
C LEU B 25 -1.62 -23.28 51.79
N ARG B 26 -1.77 -23.34 50.47
CA ARG B 26 -0.97 -22.51 49.56
C ARG B 26 -1.56 -22.49 48.16
N VAL B 27 -1.63 -21.31 47.55
CA VAL B 27 -2.10 -21.21 46.18
C VAL B 27 -1.15 -20.41 45.28
N PHE B 28 -0.98 -20.90 44.05
CA PHE B 28 -0.19 -20.20 43.05
C PHE B 28 -0.65 -20.62 41.66
N SER B 29 -0.18 -19.90 40.65
CA SER B 29 -0.49 -20.22 39.26
C SER B 29 0.60 -21.12 38.71
N GLU B 30 0.24 -22.37 38.42
CA GLU B 30 1.25 -23.37 38.01
C GLU B 30 2.21 -22.85 36.95
N ALA B 31 1.67 -22.12 35.98
CA ALA B 31 2.47 -21.61 34.85
C ALA B 31 3.46 -20.54 35.30
N VAL B 32 3.00 -19.60 36.10
CA VAL B 32 3.84 -18.50 36.57
C VAL B 32 4.97 -19.02 37.44
N ARG B 33 4.68 -20.01 38.27
CA ARG B 33 5.68 -20.56 39.19
C ARG B 33 6.73 -21.39 38.46
N GLN B 34 6.33 -22.06 37.38
CA GLN B 34 7.26 -22.87 36.62
C GLN B 34 8.22 -22.00 35.81
N GLN B 35 7.69 -20.88 35.29
CA GLN B 35 8.47 -20.00 34.42
C GLN B 35 9.29 -18.96 35.19
N TRP B 36 8.95 -18.76 36.47
CA TRP B 36 9.66 -17.78 37.28
C TRP B 36 9.72 -18.19 38.72
N PRO B 37 10.55 -19.20 39.03
CA PRO B 37 10.72 -19.72 40.38
C PRO B 37 11.33 -18.70 41.34
N HIS B 38 11.93 -17.65 40.80
CA HIS B 38 12.59 -16.63 41.63
C HIS B 38 11.59 -15.82 42.41
N LEU B 39 10.32 -15.93 42.05
CA LEU B 39 9.27 -15.14 42.69
C LEU B 39 8.75 -15.79 43.98
N TYR B 40 9.12 -17.04 44.22
CA TYR B 40 8.50 -17.81 45.30
C TYR B 40 9.47 -18.28 46.38
N ASN B 41 8.96 -18.36 47.60
CA ASN B 41 9.74 -18.79 48.75
C ASN B 41 9.04 -19.95 49.47
N GLU B 42 9.50 -21.18 49.21
CA GLU B 42 8.81 -22.36 49.72
C GLU B 42 9.05 -22.62 51.21
N ASP B 43 10.02 -21.91 51.78
CA ASP B 43 10.25 -21.98 53.22
C ASP B 43 9.26 -21.10 53.97
N GLU B 44 9.07 -19.87 53.49
CA GLU B 44 8.05 -18.99 54.05
C GLU B 44 6.67 -19.59 53.87
N GLU B 45 6.48 -20.29 52.75
CA GLU B 45 5.19 -20.90 52.45
C GLU B 45 4.91 -22.11 53.33
N PHE B 46 5.98 -22.81 53.74
CA PHE B 46 5.82 -23.96 54.61
C PHE B 46 5.58 -23.55 56.05
N ARG B 47 6.24 -22.49 56.48
N ARG B 47 6.22 -22.48 56.49
CA ARG B 47 6.10 -21.99 57.84
CA ARG B 47 6.04 -22.04 57.87
C ARG B 47 4.77 -21.27 58.05
C ARG B 47 4.75 -21.24 58.07
N ASN B 48 4.32 -20.52 57.04
CA ASN B 48 3.03 -19.84 57.10
C ASN B 48 1.89 -20.83 57.19
N ALA B 49 2.04 -21.98 56.52
CA ALA B 49 1.02 -23.01 56.49
C ALA B 49 1.04 -23.86 57.77
N VAL B 50 2.20 -23.97 58.39
CA VAL B 50 2.35 -24.73 59.63
C VAL B 50 1.86 -23.93 60.82
N ASN B 51 2.19 -22.64 60.85
CA ASN B 51 1.72 -21.75 61.92
C ASN B 51 0.20 -21.73 61.98
N GLU B 52 -0.43 -21.34 60.88
CA GLU B 52 -1.88 -21.24 60.81
C GLU B 52 -2.59 -22.53 61.20
N VAL B 53 -2.20 -23.64 60.59
CA VAL B 53 -2.80 -24.94 60.88
C VAL B 53 -2.60 -25.32 62.35
N LYS B 54 -1.45 -24.95 62.90
CA LYS B 54 -1.16 -25.23 64.31
C LYS B 54 -2.09 -24.44 65.23
N ARG B 55 -2.37 -23.19 64.87
N ARG B 55 -2.36 -23.18 64.88
CA ARG B 55 -3.25 -22.35 65.68
CA ARG B 55 -3.25 -22.36 65.67
C ARG B 55 -4.68 -22.88 65.60
C ARG B 55 -4.67 -22.92 65.62
N ALA B 56 -5.05 -23.40 64.43
CA ALA B 56 -6.39 -23.94 64.22
C ALA B 56 -6.65 -25.20 65.03
N MET B 57 -5.62 -26.02 65.19
CA MET B 57 -5.75 -27.25 65.96
C MET B 57 -5.86 -26.96 67.45
N GLN B 58 -5.22 -25.89 67.89
CA GLN B 58 -5.30 -25.46 69.28
C GLN B 58 -6.72 -25.02 69.61
N PHE B 59 -7.44 -24.55 68.60
CA PHE B 59 -8.80 -24.07 68.76
C PHE B 59 -9.82 -25.18 68.55
N GLY B 60 -9.33 -26.38 68.28
CA GLY B 60 -10.19 -27.55 68.21
C GLY B 60 -10.51 -28.04 66.81
N VAL B 61 -9.86 -27.47 65.80
CA VAL B 61 -10.06 -27.93 64.43
C VAL B 61 -9.36 -29.27 64.23
N LYS B 62 -10.11 -30.25 63.72
CA LYS B 62 -9.58 -31.59 63.58
C LYS B 62 -9.28 -31.94 62.13
N THR B 63 -10.10 -31.44 61.22
CA THR B 63 -9.96 -31.75 59.81
C THR B 63 -10.10 -30.50 58.95
N ILE B 64 -9.25 -30.40 57.93
CA ILE B 64 -9.31 -29.27 57.01
C ILE B 64 -9.51 -29.75 55.58
N VAL B 65 -10.57 -29.24 54.95
CA VAL B 65 -10.83 -29.53 53.54
C VAL B 65 -10.16 -28.46 52.69
N ASP B 66 -9.21 -28.88 51.87
CA ASP B 66 -8.46 -27.95 51.03
C ASP B 66 -8.84 -28.08 49.57
N PRO B 67 -9.64 -27.12 49.07
CA PRO B 67 -10.19 -27.11 47.71
C PRO B 67 -9.21 -26.56 46.67
N THR B 68 -7.91 -26.70 46.94
CA THR B 68 -6.89 -26.25 45.99
C THR B 68 -6.71 -27.28 44.88
N VAL B 69 -7.05 -26.89 43.66
CA VAL B 69 -6.97 -27.79 42.51
C VAL B 69 -6.26 -27.13 41.32
N MET B 70 -6.44 -27.69 40.13
CA MET B 70 -5.77 -27.17 38.94
C MET B 70 -6.10 -25.69 38.72
N GLY B 71 -5.06 -24.87 38.59
CA GLY B 71 -5.22 -23.44 38.46
C GLY B 71 -4.95 -22.74 39.78
N LEU B 72 -4.74 -23.53 40.83
CA LEU B 72 -4.44 -23.00 42.15
C LEU B 72 -3.18 -23.62 42.74
N GLY B 73 -2.49 -24.46 41.96
CA GLY B 73 -1.22 -25.02 42.35
C GLY B 73 -1.27 -26.12 43.40
N ARG B 74 -2.22 -27.04 43.25
CA ARG B 74 -2.32 -28.18 44.15
C ARG B 74 -1.01 -28.95 44.20
N ASP B 75 -0.34 -28.94 45.35
CA ASP B 75 0.89 -29.71 45.50
C ASP B 75 0.75 -30.74 46.63
N ILE B 76 0.41 -31.97 46.25
CA ILE B 76 0.16 -33.02 47.23
C ILE B 76 1.35 -33.28 48.13
N ARG B 77 2.55 -32.99 47.63
CA ARG B 77 3.77 -33.22 48.39
C ARG B 77 4.03 -32.09 49.39
N PHE B 78 3.54 -30.89 49.08
CA PHE B 78 3.60 -29.79 50.03
C PHE B 78 2.59 -30.05 51.14
N MET B 79 1.39 -30.45 50.75
CA MET B 79 0.37 -30.83 51.71
C MET B 79 0.89 -31.95 52.60
N GLU B 80 1.51 -32.94 51.97
CA GLU B 80 2.04 -34.11 52.66
C GLU B 80 3.02 -33.71 53.76
N LYS B 81 3.76 -32.63 53.53
CA LYS B 81 4.75 -32.16 54.49
C LYS B 81 4.12 -31.30 55.60
N VAL B 82 3.04 -30.62 55.27
CA VAL B 82 2.32 -29.84 56.28
C VAL B 82 1.62 -30.77 57.26
N VAL B 83 1.07 -31.86 56.73
CA VAL B 83 0.45 -32.88 57.57
C VAL B 83 1.48 -33.47 58.53
N LYS B 84 2.65 -33.84 57.99
CA LYS B 84 3.71 -34.44 58.78
C LYS B 84 4.15 -33.56 59.94
N ALA B 85 4.13 -32.24 59.73
CA ALA B 85 4.63 -31.31 60.73
C ALA B 85 3.54 -30.83 61.71
N THR B 86 2.30 -31.23 61.46
CA THR B 86 1.19 -30.76 62.31
C THR B 86 0.29 -31.89 62.81
N GLY B 87 0.13 -32.93 62.00
CA GLY B 87 -0.72 -34.06 62.36
C GLY B 87 -2.20 -33.81 62.11
N ILE B 88 -2.50 -32.78 61.32
CA ILE B 88 -3.88 -32.44 60.99
C ILE B 88 -4.48 -33.46 60.03
N ASN B 89 -5.80 -33.64 60.11
CA ASN B 89 -6.51 -34.43 59.11
C ASN B 89 -6.82 -33.55 57.92
N LEU B 90 -6.26 -33.90 56.76
CA LEU B 90 -6.37 -33.05 55.58
C LEU B 90 -7.03 -33.77 54.40
N VAL B 91 -8.14 -33.22 53.95
CA VAL B 91 -8.86 -33.75 52.80
C VAL B 91 -8.46 -32.99 51.54
N ALA B 92 -7.83 -33.71 50.62
CA ALA B 92 -7.41 -33.13 49.35
C ALA B 92 -8.43 -33.49 48.27
N GLY B 93 -8.63 -32.56 47.34
CA GLY B 93 -9.63 -32.75 46.30
C GLY B 93 -9.06 -32.65 44.90
N THR B 94 -9.89 -32.98 43.92
CA THR B 94 -9.52 -32.85 42.52
C THR B 94 -10.46 -31.85 41.84
N GLY B 95 -10.23 -31.61 40.55
CA GLY B 95 -11.09 -30.71 39.81
C GLY B 95 -10.34 -29.69 38.99
N ILE B 96 -11.06 -28.67 38.54
CA ILE B 96 -10.47 -27.63 37.69
C ILE B 96 -11.03 -26.27 38.03
N TYR B 97 -10.14 -25.33 38.33
CA TYR B 97 -10.52 -23.97 38.70
C TYR B 97 -10.32 -23.03 37.52
N ILE B 98 -11.42 -22.61 36.90
CA ILE B 98 -11.37 -21.67 35.78
C ILE B 98 -12.58 -20.73 35.78
N TYR B 99 -12.41 -19.53 35.24
CA TYR B 99 -13.52 -18.59 35.11
C TYR B 99 -14.06 -18.57 33.69
N ILE B 100 -13.20 -18.86 32.73
CA ILE B 100 -13.57 -18.87 31.33
C ILE B 100 -12.97 -20.05 30.58
N ASP B 101 -11.80 -19.89 29.99
N ASP B 101 -11.74 -19.85 30.12
CA ASP B 101 -11.29 -20.93 29.10
CA ASP B 101 -10.96 -20.81 29.34
C ASP B 101 -10.34 -21.93 29.74
C ASP B 101 -10.74 -22.15 30.03
N LEU B 102 -10.41 -23.16 29.23
CA LEU B 102 -9.65 -24.30 29.72
C LEU B 102 -8.25 -24.23 29.15
N PRO B 103 -7.26 -24.81 29.84
CA PRO B 103 -5.91 -24.92 29.30
C PRO B 103 -5.95 -25.55 27.90
N PHE B 104 -5.11 -25.05 27.00
CA PHE B 104 -5.12 -25.48 25.61
C PHE B 104 -5.12 -26.99 25.43
N TYR B 105 -4.54 -27.70 26.40
CA TYR B 105 -4.55 -29.16 26.40
C TYR B 105 -5.94 -29.71 26.09
N PHE B 106 -6.97 -28.93 26.39
CA PHE B 106 -8.34 -29.42 26.34
C PHE B 106 -9.09 -29.11 25.05
N LEU B 107 -8.43 -28.43 24.10
CA LEU B 107 -9.03 -28.20 22.79
C LEU B 107 -9.28 -29.53 22.09
N ASN B 108 -10.50 -29.75 21.65
CA ASN B 108 -10.89 -31.01 21.02
C ASN B 108 -10.75 -32.22 21.95
N ARG B 109 -11.10 -32.01 23.22
CA ARG B 109 -11.19 -33.11 24.16
C ARG B 109 -12.58 -33.13 24.81
N SER B 110 -13.08 -34.33 25.10
CA SER B 110 -14.45 -34.49 25.54
C SER B 110 -14.60 -34.45 27.06
N ILE B 111 -15.82 -34.19 27.50
CA ILE B 111 -16.13 -34.18 28.92
C ILE B 111 -15.68 -35.48 29.58
N ASP B 112 -15.86 -36.60 28.89
CA ASP B 112 -15.46 -37.90 29.42
C ASP B 112 -14.00 -37.94 29.84
N GLU B 113 -13.10 -37.44 28.99
CA GLU B 113 -11.68 -37.46 29.30
C GLU B 113 -11.28 -36.40 30.33
N ILE B 114 -12.09 -35.37 30.47
CA ILE B 114 -11.91 -34.42 31.57
C ILE B 114 -12.17 -35.13 32.90
N ALA B 115 -13.30 -35.83 32.97
CA ALA B 115 -13.69 -36.54 34.18
C ALA B 115 -12.73 -37.69 34.49
N ASP B 116 -12.19 -38.31 33.45
CA ASP B 116 -11.24 -39.40 33.62
C ASP B 116 -10.07 -38.97 34.50
N LEU B 117 -9.71 -37.69 34.40
CA LEU B 117 -8.62 -37.15 35.19
C LEU B 117 -9.04 -37.08 36.65
N PHE B 118 -10.26 -36.61 36.88
CA PHE B 118 -10.78 -36.52 38.23
C PHE B 118 -10.82 -37.90 38.88
N ILE B 119 -11.37 -38.87 38.16
CA ILE B 119 -11.49 -40.24 38.65
C ILE B 119 -10.13 -40.86 38.94
N HIS B 120 -9.12 -40.44 38.19
CA HIS B 120 -7.75 -40.90 38.43
C HIS B 120 -7.29 -40.43 39.78
N ASP B 121 -7.48 -39.14 40.05
CA ASP B 121 -7.10 -38.54 41.32
C ASP B 121 -7.86 -39.16 42.49
N ILE B 122 -9.05 -39.68 42.20
CA ILE B 122 -9.93 -40.20 43.23
C ILE B 122 -9.69 -41.69 43.47
N LYS B 123 -9.43 -42.43 42.40
CA LYS B 123 -9.27 -43.88 42.48
C LYS B 123 -7.82 -44.33 42.58
N GLU B 124 -6.93 -43.63 41.87
CA GLU B 124 -5.53 -44.07 41.79
C GLU B 124 -4.56 -43.24 42.63
N GLY B 125 -4.78 -41.94 42.70
CA GLY B 125 -3.91 -41.08 43.49
C GLY B 125 -3.55 -39.78 42.80
N ILE B 126 -2.93 -38.87 43.55
CA ILE B 126 -2.65 -37.54 43.04
C ILE B 126 -1.17 -37.30 42.76
N GLN B 127 -0.86 -36.97 41.50
CA GLN B 127 0.49 -36.59 41.11
C GLN B 127 1.52 -37.68 41.39
N GLY B 128 1.16 -38.92 41.06
CA GLY B 128 2.07 -40.04 41.21
C GLY B 128 2.10 -40.61 42.62
N THR B 129 1.44 -39.94 43.54
CA THR B 129 1.38 -40.40 44.93
C THR B 129 0.13 -41.24 45.17
N LEU B 130 0.00 -41.73 46.40
CA LEU B 130 -1.13 -42.58 46.76
C LEU B 130 -2.19 -41.84 47.55
N ASN B 131 -1.96 -40.56 47.78
CA ASN B 131 -2.96 -39.71 48.40
C ASN B 131 -4.14 -39.52 47.46
N LYS B 132 -5.27 -40.14 47.77
CA LYS B 132 -6.44 -40.06 46.91
C LYS B 132 -7.30 -38.84 47.24
N ALA B 133 -8.02 -38.34 46.24
CA ALA B 133 -8.86 -37.17 46.43
C ALA B 133 -10.20 -37.54 47.05
N GLY B 134 -10.75 -36.65 47.86
CA GLY B 134 -12.00 -36.94 48.56
C GLY B 134 -13.19 -36.16 48.05
N PHE B 135 -12.98 -35.34 47.02
CA PHE B 135 -14.05 -34.50 46.49
C PHE B 135 -13.61 -33.79 45.21
N VAL B 136 -14.58 -33.34 44.43
CA VAL B 136 -14.27 -32.61 43.20
C VAL B 136 -14.59 -31.13 43.39
N KCX B 137 -13.68 -30.27 42.93
CA KCX B 137 -13.87 -28.82 43.03
CB KCX B 137 -12.64 -28.18 43.68
CG KCX B 137 -13.02 -26.95 44.50
CD KCX B 137 -12.89 -25.65 43.70
CE KCX B 137 -13.36 -24.44 44.49
NZ KCX B 137 -12.29 -23.84 45.29
C KCX B 137 -14.03 -28.24 41.65
O KCX B 137 -13.32 -28.64 40.72
CX KCX B 137 -12.29 -22.54 45.61
OQ1 KCX B 137 -11.40 -22.02 46.29
OQ2 KCX B 137 -13.27 -21.74 45.19
N ILE B 138 -14.98 -27.33 41.52
CA ILE B 138 -15.23 -26.62 40.26
C ILE B 138 -15.61 -25.17 40.55
N ALA B 139 -15.57 -24.31 39.53
CA ALA B 139 -15.77 -22.88 39.74
C ALA B 139 -16.55 -22.16 38.65
N ALA B 140 -16.92 -20.92 38.96
CA ALA B 140 -17.64 -20.05 38.03
C ALA B 140 -17.78 -18.67 38.68
N ASP B 141 -17.43 -17.62 37.95
CA ASP B 141 -17.47 -16.27 38.50
C ASP B 141 -18.28 -15.31 37.62
N GLU B 142 -17.77 -14.09 37.46
N GLU B 142 -17.81 -14.08 37.46
CA GLU B 142 -18.45 -13.05 36.70
CA GLU B 142 -18.56 -13.10 36.68
C GLU B 142 -18.75 -13.47 35.26
C GLU B 142 -18.83 -13.57 35.25
N PRO B 143 -17.80 -14.17 34.61
CA PRO B 143 -17.95 -14.64 33.23
C PRO B 143 -19.09 -15.64 33.06
N GLY B 144 -19.71 -16.04 34.16
CA GLY B 144 -20.86 -16.94 34.10
C GLY B 144 -20.55 -18.33 33.60
N ILE B 145 -21.58 -19.05 33.19
CA ILE B 145 -21.43 -20.43 32.72
C ILE B 145 -21.02 -20.47 31.26
N THR B 146 -19.73 -20.30 30.99
CA THR B 146 -19.22 -20.39 29.63
C THR B 146 -19.17 -21.86 29.21
N LYS B 147 -18.97 -22.10 27.93
CA LYS B 147 -18.91 -23.47 27.41
C LYS B 147 -17.95 -24.36 28.19
N ASP B 148 -16.76 -23.84 28.48
CA ASP B 148 -15.74 -24.62 29.18
C ASP B 148 -16.11 -24.86 30.65
N VAL B 149 -16.65 -23.84 31.30
CA VAL B 149 -17.10 -23.98 32.68
C VAL B 149 -18.08 -25.14 32.78
N GLU B 150 -19.08 -25.13 31.90
CA GLU B 150 -20.10 -26.17 31.90
C GLU B 150 -19.48 -27.56 31.68
N LYS B 151 -18.45 -27.63 30.84
CA LYS B 151 -17.77 -28.90 30.58
C LYS B 151 -17.25 -29.49 31.88
N VAL B 152 -16.58 -28.66 32.67
CA VAL B 152 -15.99 -29.12 33.93
C VAL B 152 -17.08 -29.52 34.92
N ILE B 153 -18.12 -28.70 35.01
CA ILE B 153 -19.25 -29.00 35.88
C ILE B 153 -19.81 -30.39 35.58
N ARG B 154 -20.04 -30.67 34.31
CA ARG B 154 -20.61 -31.93 33.89
C ARG B 154 -19.64 -33.08 34.11
N ALA B 155 -18.35 -32.79 34.05
CA ALA B 155 -17.32 -33.79 34.31
C ALA B 155 -17.31 -34.13 35.79
N ALA B 156 -17.54 -33.12 36.63
CA ALA B 156 -17.64 -33.32 38.06
C ALA B 156 -18.82 -34.25 38.35
N ALA B 157 -19.96 -33.96 37.74
CA ALA B 157 -21.15 -34.80 37.88
C ALA B 157 -20.80 -36.26 37.60
N ILE B 158 -20.09 -36.49 36.49
CA ILE B 158 -19.68 -37.83 36.12
C ILE B 158 -18.81 -38.48 37.19
N ALA B 159 -17.89 -37.69 37.75
CA ALA B 159 -17.00 -38.18 38.79
C ALA B 159 -17.77 -38.49 40.07
N ASN B 160 -18.79 -37.67 40.34
CA ASN B 160 -19.62 -37.85 41.52
C ASN B 160 -20.42 -39.15 41.47
N LYS B 161 -21.01 -39.43 40.31
CA LYS B 161 -21.84 -40.61 40.14
C LYS B 161 -21.01 -41.89 40.11
N GLU B 162 -19.73 -41.76 39.76
CA GLU B 162 -18.85 -42.91 39.59
C GLU B 162 -18.14 -43.32 40.88
N THR B 163 -17.87 -42.34 41.74
CA THR B 163 -17.10 -42.60 42.96
C THR B 163 -17.85 -42.19 44.23
N LYS B 164 -18.87 -41.36 44.07
CA LYS B 164 -19.74 -40.95 45.17
C LYS B 164 -19.18 -39.80 46.01
N VAL B 165 -17.99 -39.31 45.68
CA VAL B 165 -17.42 -38.17 46.38
C VAL B 165 -18.24 -36.91 46.13
N PRO B 166 -18.24 -35.96 47.08
CA PRO B 166 -19.05 -34.76 47.00
C PRO B 166 -18.45 -33.70 46.07
N ILE B 167 -19.18 -32.61 45.87
CA ILE B 167 -18.72 -31.53 45.02
C ILE B 167 -18.76 -30.18 45.74
N ILE B 168 -17.59 -29.56 45.87
CA ILE B 168 -17.50 -28.21 46.42
C ILE B 168 -17.34 -27.25 45.25
N THR B 169 -18.09 -26.16 45.27
CA THR B 169 -18.06 -25.23 44.15
C THR B 169 -17.58 -23.84 44.55
N HIS B 170 -17.14 -23.08 43.54
CA HIS B 170 -16.82 -21.68 43.70
C HIS B 170 -17.76 -20.92 42.81
N SER B 171 -18.30 -19.81 43.31
CA SER B 171 -19.26 -19.03 42.52
C SER B 171 -19.31 -17.56 42.91
N ASN B 172 -19.82 -16.74 41.99
CA ASN B 172 -20.10 -15.34 42.27
C ASN B 172 -21.49 -15.22 42.87
N ALA B 173 -21.59 -14.58 44.02
CA ALA B 173 -22.84 -14.52 44.77
C ALA B 173 -23.92 -13.66 44.11
N HIS B 174 -23.53 -12.79 43.18
CA HIS B 174 -24.46 -11.81 42.63
C HIS B 174 -24.92 -12.08 41.24
N ASN B 175 -24.66 -13.27 40.71
CA ASN B 175 -25.01 -13.53 39.32
C ASN B 175 -25.74 -14.85 39.02
N ASN B 176 -26.01 -15.65 40.06
CA ASN B 176 -26.72 -16.90 39.86
C ASN B 176 -25.82 -18.06 39.47
N THR B 177 -24.51 -17.85 39.51
CA THR B 177 -23.57 -18.91 39.16
C THR B 177 -23.75 -20.13 40.05
N GLY B 178 -24.05 -19.88 41.33
CA GLY B 178 -24.26 -20.97 42.28
C GLY B 178 -25.56 -21.69 42.02
N LEU B 179 -26.59 -20.95 41.65
CA LEU B 179 -27.90 -21.53 41.35
C LEU B 179 -27.83 -22.40 40.12
N GLU B 180 -27.18 -21.88 39.07
CA GLU B 180 -27.03 -22.61 37.82
C GLU B 180 -26.16 -23.85 38.00
N GLN B 181 -25.15 -23.75 38.84
CA GLN B 181 -24.28 -24.88 39.14
C GLN B 181 -25.11 -26.03 39.72
N GLN B 182 -26.04 -25.67 40.59
CA GLN B 182 -26.90 -26.64 41.25
C GLN B 182 -27.87 -27.28 40.27
N ARG B 183 -28.41 -26.46 39.37
CA ARG B 183 -29.37 -26.94 38.38
C ARG B 183 -28.72 -27.95 37.43
N ILE B 184 -27.59 -27.60 36.87
CA ILE B 184 -26.88 -28.48 35.95
C ILE B 184 -26.48 -29.80 36.62
N LEU B 185 -25.95 -29.71 37.83
CA LEU B 185 -25.44 -30.88 38.54
C LEU B 185 -26.54 -31.86 38.93
N THR B 186 -27.67 -31.34 39.39
CA THR B 186 -28.80 -32.19 39.76
C THR B 186 -29.38 -32.85 38.51
N GLU B 187 -29.56 -32.06 37.45
CA GLU B 187 -30.06 -32.57 36.18
C GLU B 187 -29.22 -33.74 35.69
N GLU B 188 -27.91 -33.66 35.89
CA GLU B 188 -27.00 -34.72 35.47
C GLU B 188 -27.07 -35.94 36.39
N GLY B 189 -27.83 -35.82 37.48
CA GLY B 189 -28.07 -36.94 38.38
C GLY B 189 -27.31 -36.87 39.70
N VAL B 190 -26.90 -35.67 40.08
CA VAL B 190 -26.15 -35.50 41.31
C VAL B 190 -27.05 -35.20 42.52
N ASP B 191 -26.85 -35.96 43.58
CA ASP B 191 -27.57 -35.78 44.83
C ASP B 191 -27.25 -34.41 45.43
N PRO B 192 -28.23 -33.49 45.43
CA PRO B 192 -28.01 -32.12 45.90
C PRO B 192 -27.32 -32.07 47.26
N GLY B 193 -27.64 -33.03 48.12
CA GLY B 193 -27.02 -33.12 49.43
C GLY B 193 -25.54 -33.41 49.34
N LYS B 194 -25.07 -33.67 48.12
CA LYS B 194 -23.67 -33.94 47.88
C LYS B 194 -22.98 -32.74 47.22
N ILE B 195 -23.63 -31.59 47.31
CA ILE B 195 -23.11 -30.38 46.69
C ILE B 195 -22.93 -29.26 47.72
N LEU B 196 -21.81 -28.57 47.64
CA LEU B 196 -21.60 -27.35 48.42
C LEU B 196 -21.45 -26.14 47.50
N ILE B 197 -22.50 -25.33 47.42
CA ILE B 197 -22.45 -24.10 46.62
C ILE B 197 -21.70 -23.01 47.39
N GLY B 198 -20.54 -22.61 46.87
CA GLY B 198 -19.64 -21.73 47.61
C GLY B 198 -19.86 -20.24 47.48
N HIS B 199 -19.23 -19.49 48.38
CA HIS B 199 -19.20 -18.03 48.34
C HIS B 199 -20.55 -17.37 48.38
N LEU B 200 -21.51 -18.05 49.02
CA LEU B 200 -22.84 -17.49 49.21
C LEU B 200 -22.83 -16.43 50.31
N GLY B 201 -21.81 -16.50 51.17
CA GLY B 201 -21.65 -15.53 52.25
C GLY B 201 -21.16 -14.18 51.77
N ASP B 202 -20.99 -14.04 50.46
CA ASP B 202 -20.54 -12.78 49.89
C ASP B 202 -21.71 -11.81 49.72
N THR B 203 -22.92 -12.34 49.79
CA THR B 203 -24.12 -11.53 49.67
C THR B 203 -24.95 -11.60 50.95
N ASP B 204 -25.69 -10.54 51.23
CA ASP B 204 -26.62 -10.53 52.35
C ASP B 204 -28.04 -10.82 51.84
N ASN B 205 -28.15 -11.16 50.57
CA ASN B 205 -29.42 -11.55 49.98
C ASN B 205 -29.88 -12.90 50.52
N ILE B 206 -30.67 -12.87 51.59
CA ILE B 206 -31.12 -14.07 52.27
C ILE B 206 -32.02 -14.93 51.38
N ASP B 207 -32.85 -14.27 50.57
CA ASP B 207 -33.77 -14.97 49.68
C ASP B 207 -33.02 -15.89 48.71
N TYR B 208 -31.96 -15.36 48.11
CA TYR B 208 -31.16 -16.13 47.15
C TYR B 208 -30.49 -17.33 47.81
N ILE B 209 -29.98 -17.14 49.02
CA ILE B 209 -29.27 -18.20 49.74
C ILE B 209 -30.22 -19.32 50.17
N LYS B 210 -31.41 -18.93 50.62
CA LYS B 210 -32.42 -19.90 51.02
C LYS B 210 -32.82 -20.79 49.85
N LYS B 211 -33.07 -20.17 48.70
CA LYS B 211 -33.50 -20.90 47.52
C LYS B 211 -32.57 -22.05 47.19
N ILE B 212 -31.27 -21.83 47.34
CA ILE B 212 -30.27 -22.87 47.07
C ILE B 212 -30.28 -23.95 48.15
N ALA B 213 -30.56 -23.53 49.38
CA ALA B 213 -30.64 -24.46 50.49
C ALA B 213 -31.93 -25.28 50.41
N ASP B 214 -32.98 -24.66 49.86
CA ASP B 214 -34.27 -25.33 49.70
C ASP B 214 -34.18 -26.50 48.72
N LYS B 215 -33.39 -26.32 47.67
CA LYS B 215 -33.24 -27.36 46.67
C LYS B 215 -32.28 -28.47 47.12
N GLY B 216 -31.85 -28.40 48.38
CA GLY B 216 -31.19 -29.52 49.03
C GLY B 216 -29.68 -29.49 49.14
N SER B 217 -29.06 -28.37 48.82
CA SER B 217 -27.60 -28.30 48.82
C SER B 217 -27.04 -27.43 49.95
N PHE B 218 -25.89 -27.82 50.46
CA PHE B 218 -25.21 -27.06 51.51
C PHE B 218 -24.80 -25.69 50.99
N ILE B 219 -25.11 -24.66 51.78
CA ILE B 219 -24.77 -23.29 51.42
C ILE B 219 -23.45 -22.86 52.05
N GLY B 220 -22.66 -22.12 51.29
CA GLY B 220 -21.31 -21.77 51.71
C GLY B 220 -21.12 -20.35 52.20
N LEU B 221 -21.23 -20.17 53.53
CA LEU B 221 -20.77 -18.95 54.16
C LEU B 221 -19.32 -19.21 54.52
N ASP B 222 -18.45 -19.12 53.51
CA ASP B 222 -17.12 -19.73 53.60
C ASP B 222 -15.95 -18.77 53.41
N ARG B 223 -16.23 -17.48 53.28
CA ARG B 223 -15.16 -16.50 53.11
C ARG B 223 -15.09 -15.49 54.24
N TYR B 224 -15.11 -15.99 55.47
CA TYR B 224 -15.05 -15.13 56.65
C TYR B 224 -13.70 -14.43 56.81
N GLY B 225 -13.74 -13.10 56.81
CA GLY B 225 -12.53 -12.29 56.96
C GLY B 225 -12.28 -11.38 55.77
N LEU B 226 -12.69 -11.84 54.59
CA LEU B 226 -12.46 -11.10 53.36
C LEU B 226 -13.52 -10.02 53.16
N ASP B 227 -13.38 -8.92 53.89
CA ASP B 227 -14.35 -7.84 53.88
C ASP B 227 -14.49 -7.18 52.51
N LEU B 228 -13.56 -7.48 51.60
CA LEU B 228 -13.62 -6.90 50.26
C LEU B 228 -14.83 -7.45 49.51
N PHE B 229 -15.19 -8.70 49.82
CA PHE B 229 -16.40 -9.30 49.28
C PHE B 229 -17.58 -8.90 50.14
N LEU B 230 -17.48 -9.19 51.43
CA LEU B 230 -18.49 -8.75 52.40
C LEU B 230 -17.92 -8.70 53.81
N PRO B 231 -18.15 -7.57 54.51
CA PRO B 231 -17.68 -7.29 55.86
C PRO B 231 -18.16 -8.34 56.86
N VAL B 232 -17.43 -8.49 57.97
CA VAL B 232 -17.74 -9.52 58.95
C VAL B 232 -19.07 -9.28 59.66
N ASP B 233 -19.37 -8.02 59.96
CA ASP B 233 -20.63 -7.71 60.63
C ASP B 233 -21.83 -8.22 59.82
N LYS B 234 -21.86 -7.89 58.53
CA LYS B 234 -22.97 -8.28 57.67
C LYS B 234 -23.03 -9.80 57.45
N ARG B 235 -21.87 -10.43 57.28
CA ARG B 235 -21.80 -11.88 57.20
C ARG B 235 -22.45 -12.49 58.43
N ASN B 236 -22.00 -12.04 59.60
CA ASN B 236 -22.56 -12.51 60.87
C ASN B 236 -24.05 -12.20 61.02
N GLU B 237 -24.47 -11.01 60.58
CA GLU B 237 -25.90 -10.68 60.62
C GLU B 237 -26.70 -11.65 59.76
N THR B 238 -26.12 -12.06 58.63
CA THR B 238 -26.77 -12.99 57.71
C THR B 238 -26.76 -14.41 58.26
N THR B 239 -25.59 -14.88 58.68
CA THR B 239 -25.47 -16.21 59.27
C THR B 239 -26.47 -16.39 60.40
N LEU B 240 -26.67 -15.33 61.18
CA LEU B 240 -27.62 -15.35 62.29
C LEU B 240 -29.02 -15.63 61.78
N ARG B 241 -29.49 -14.77 60.88
CA ARG B 241 -30.82 -14.91 60.30
C ARG B 241 -31.05 -16.32 59.74
N LEU B 242 -30.06 -16.85 59.02
CA LEU B 242 -30.17 -18.18 58.43
C LEU B 242 -30.38 -19.28 59.47
N ILE B 243 -29.69 -19.19 60.59
CA ILE B 243 -29.86 -20.16 61.66
C ILE B 243 -31.21 -19.96 62.35
N LYS B 244 -31.60 -18.70 62.50
CA LYS B 244 -32.87 -18.36 63.14
C LYS B 244 -34.06 -18.81 62.31
N ASP B 245 -33.94 -18.73 60.99
CA ASP B 245 -34.99 -19.19 60.09
C ASP B 245 -34.93 -20.71 59.93
N GLY B 246 -34.04 -21.34 60.69
CA GLY B 246 -33.98 -22.80 60.79
C GLY B 246 -33.21 -23.50 59.68
N TYR B 247 -32.13 -22.88 59.20
CA TYR B 247 -31.37 -23.43 58.08
C TYR B 247 -30.00 -23.98 58.47
N SER B 248 -29.81 -24.27 59.76
CA SER B 248 -28.52 -24.75 60.24
C SER B 248 -28.16 -26.13 59.68
N ASP B 249 -29.13 -26.80 59.08
CA ASP B 249 -28.88 -28.12 58.51
C ASP B 249 -28.15 -28.02 57.16
N LYS B 250 -28.13 -26.81 56.60
CA LYS B 250 -27.53 -26.59 55.29
C LYS B 250 -26.30 -25.66 55.36
N ILE B 251 -26.15 -24.97 56.48
CA ILE B 251 -25.09 -23.97 56.62
C ILE B 251 -23.72 -24.59 56.88
N MET B 252 -22.73 -24.17 56.09
CA MET B 252 -21.33 -24.55 56.32
C MET B 252 -20.46 -23.31 56.35
N ILE B 253 -19.50 -23.28 57.27
CA ILE B 253 -18.69 -22.08 57.49
C ILE B 253 -17.19 -22.33 57.37
N SER B 254 -16.51 -21.42 56.67
CA SER B 254 -15.05 -21.43 56.56
C SER B 254 -14.53 -20.03 56.32
N HIS B 255 -13.22 -19.91 56.06
CA HIS B 255 -12.60 -18.62 55.83
C HIS B 255 -12.13 -18.47 54.41
N ASP B 256 -11.81 -19.58 53.76
CA ASP B 256 -11.17 -19.56 52.45
C ASP B 256 -9.80 -18.90 52.61
N TYR B 257 -9.20 -19.09 53.78
CA TYR B 257 -7.91 -18.49 54.08
C TYR B 257 -6.76 -19.14 53.33
N CYS B 258 -5.87 -18.31 52.80
CA CYS B 258 -4.67 -18.79 52.14
C CYS B 258 -3.45 -18.43 52.95
N CYS B 259 -2.88 -19.42 53.63
CA CYS B 259 -1.67 -19.21 54.40
C CYS B 259 -0.67 -18.43 53.55
N THR B 260 -0.77 -18.64 52.24
CA THR B 260 0.11 -18.00 51.27
C THR B 260 -0.53 -18.04 49.89
N ILE B 261 -0.56 -16.90 49.21
CA ILE B 261 -1.30 -16.77 47.95
C ILE B 261 -0.66 -15.74 47.03
N ASP B 262 -0.41 -16.13 45.77
CA ASP B 262 0.37 -15.29 44.86
C ASP B 262 -0.43 -14.24 44.08
N TRP B 263 -1.76 -14.28 44.23
CA TRP B 263 -2.61 -13.26 43.62
C TRP B 263 -2.18 -11.90 44.07
N GLY B 264 -2.05 -10.97 43.13
CA GLY B 264 -1.59 -9.62 43.43
C GLY B 264 -2.48 -8.83 44.38
N THR B 265 -3.75 -9.24 44.47
CA THR B 265 -4.69 -8.56 45.36
C THR B 265 -4.43 -8.95 46.81
N ALA B 266 -3.70 -10.05 47.00
CA ALA B 266 -3.39 -10.56 48.33
C ALA B 266 -1.99 -10.13 48.78
N LYS B 267 -1.55 -8.97 48.33
CA LYS B 267 -0.25 -8.44 48.75
C LYS B 267 -0.32 -7.86 50.16
N PRO B 268 0.71 -8.14 50.97
CA PRO B 268 0.81 -7.71 52.36
C PRO B 268 0.19 -6.34 52.62
N GLU B 269 0.44 -5.39 51.72
CA GLU B 269 0.02 -3.99 51.93
C GLU B 269 -1.49 -3.76 51.77
N TYR B 270 -2.20 -4.75 51.24
CA TYR B 270 -3.63 -4.59 51.00
C TYR B 270 -4.48 -5.14 52.14
N LYS B 271 -3.94 -6.13 52.87
CA LYS B 271 -4.67 -6.73 53.98
C LYS B 271 -5.43 -5.69 54.81
N PRO B 272 -4.70 -4.82 55.50
CA PRO B 272 -5.30 -3.82 56.37
C PRO B 272 -6.57 -3.19 55.77
N LYS B 273 -6.64 -3.11 54.45
CA LYS B 273 -7.72 -2.38 53.80
C LYS B 273 -8.79 -3.28 53.16
N LEU B 274 -8.49 -4.56 52.99
CA LEU B 274 -9.43 -5.49 52.35
C LEU B 274 -9.75 -6.72 53.20
N ALA B 275 -8.73 -7.27 53.85
CA ALA B 275 -8.89 -8.47 54.67
C ALA B 275 -8.16 -8.30 56.00
N PRO B 276 -8.54 -7.28 56.76
CA PRO B 276 -7.98 -6.83 58.04
C PRO B 276 -7.79 -7.94 59.07
N ARG B 277 -8.80 -8.77 59.26
CA ARG B 277 -8.80 -9.74 60.35
C ARG B 277 -8.94 -11.14 59.78
N TRP B 278 -8.47 -11.30 58.55
CA TRP B 278 -8.62 -12.54 57.82
C TRP B 278 -7.55 -13.53 58.22
N SER B 279 -7.99 -14.65 58.80
CA SER B 279 -7.08 -15.73 59.19
C SER B 279 -7.85 -17.04 59.33
N ILE B 280 -7.14 -18.13 59.57
CA ILE B 280 -7.76 -19.44 59.61
C ILE B 280 -8.54 -19.70 60.90
N THR B 281 -8.45 -18.77 61.85
CA THR B 281 -9.13 -18.94 63.15
C THR B 281 -10.08 -17.81 63.52
N LEU B 282 -10.48 -17.00 62.54
CA LEU B 282 -11.34 -15.84 62.78
C LEU B 282 -12.68 -16.17 63.42
N ILE B 283 -13.36 -17.22 62.94
CA ILE B 283 -14.66 -17.59 63.48
C ILE B 283 -14.62 -17.93 64.96
N PHE B 284 -13.53 -18.56 65.39
CA PHE B 284 -13.34 -18.87 66.81
C PHE B 284 -13.23 -17.59 67.61
N GLU B 285 -12.74 -16.55 66.95
CA GLU B 285 -12.48 -15.27 67.61
C GLU B 285 -13.68 -14.33 67.56
N ASP B 286 -14.50 -14.48 66.52
CA ASP B 286 -15.60 -13.55 66.30
C ASP B 286 -16.94 -14.26 66.12
N THR B 287 -17.06 -15.01 65.03
CA THR B 287 -18.35 -15.61 64.64
C THR B 287 -18.99 -16.44 65.75
N ILE B 288 -18.40 -17.60 66.07
CA ILE B 288 -18.94 -18.47 67.10
C ILE B 288 -19.32 -17.67 68.34
N PRO B 289 -18.35 -16.92 68.89
CA PRO B 289 -18.59 -16.08 70.06
C PRO B 289 -19.76 -15.12 69.89
N PHE B 290 -19.94 -14.60 68.67
CA PHE B 290 -21.01 -13.65 68.39
C PHE B 290 -22.39 -14.32 68.39
N LEU B 291 -22.43 -15.57 67.95
CA LEU B 291 -23.68 -16.32 67.88
C LEU B 291 -24.14 -16.79 69.26
N LYS B 292 -23.20 -17.31 70.04
CA LYS B 292 -23.52 -17.75 71.40
C LYS B 292 -24.23 -16.62 72.13
N ARG B 293 -23.74 -15.40 71.89
CA ARG B 293 -24.28 -14.20 72.51
C ARG B 293 -25.70 -13.90 72.06
N ASN B 294 -26.10 -14.51 70.95
CA ASN B 294 -27.40 -14.21 70.35
C ASN B 294 -28.39 -15.37 70.40
N GLY B 295 -28.20 -16.27 71.36
CA GLY B 295 -29.15 -17.36 71.57
C GLY B 295 -28.76 -18.67 70.92
N VAL B 296 -27.92 -18.60 69.89
CA VAL B 296 -27.47 -19.81 69.20
C VAL B 296 -26.64 -20.68 70.13
N ASN B 297 -27.16 -21.86 70.47
CA ASN B 297 -26.49 -22.73 71.43
C ASN B 297 -25.42 -23.63 70.82
N GLU B 298 -24.72 -24.35 71.70
CA GLU B 298 -23.60 -25.20 71.31
C GLU B 298 -23.98 -26.26 70.29
N GLU B 299 -25.20 -26.78 70.40
CA GLU B 299 -25.65 -27.84 69.51
C GLU B 299 -25.69 -27.40 68.04
N VAL B 300 -26.14 -26.17 67.81
CA VAL B 300 -26.17 -25.61 66.46
C VAL B 300 -24.76 -25.52 65.89
N ILE B 301 -23.83 -25.03 66.70
CA ILE B 301 -22.43 -24.90 66.29
C ILE B 301 -21.86 -26.26 65.90
N ALA B 302 -22.23 -27.29 66.65
CA ALA B 302 -21.77 -28.65 66.38
C ALA B 302 -22.40 -29.19 65.11
N THR B 303 -23.64 -28.78 64.85
CA THR B 303 -24.33 -29.17 63.63
C THR B 303 -23.56 -28.65 62.42
N ILE B 304 -23.26 -27.35 62.44
CA ILE B 304 -22.62 -26.67 61.33
C ILE B 304 -21.20 -27.19 61.04
N PHE B 305 -20.44 -27.44 62.10
CA PHE B 305 -19.01 -27.75 61.96
C PHE B 305 -18.66 -29.23 62.10
N LYS B 306 -19.59 -30.04 62.60
CA LYS B 306 -19.29 -31.45 62.85
C LYS B 306 -20.20 -32.42 62.11
N GLU B 307 -21.51 -32.18 62.18
N GLU B 307 -21.50 -32.14 62.14
CA GLU B 307 -22.48 -33.07 61.53
CA GLU B 307 -22.49 -33.05 61.56
C GLU B 307 -22.66 -32.77 60.05
C GLU B 307 -22.71 -32.77 60.07
N ASN B 308 -22.79 -31.49 59.71
CA ASN B 308 -22.97 -31.10 58.31
C ASN B 308 -21.86 -31.64 57.41
N PRO B 309 -20.60 -31.41 57.77
CA PRO B 309 -19.47 -31.99 57.04
C PRO B 309 -19.57 -33.52 56.97
N LYS B 310 -20.01 -34.13 58.07
CA LYS B 310 -20.13 -35.59 58.15
C LYS B 310 -21.10 -36.12 57.10
N LYS B 311 -22.27 -35.51 56.99
CA LYS B 311 -23.23 -35.88 55.96
C LYS B 311 -22.56 -35.73 54.60
N PHE B 312 -21.94 -34.57 54.39
CA PHE B 312 -21.29 -34.21 53.13
C PHE B 312 -20.42 -35.34 52.60
N PHE B 313 -19.67 -35.99 53.48
CA PHE B 313 -18.77 -37.06 53.08
C PHE B 313 -19.35 -38.45 53.34
N SER B 314 -20.65 -38.51 53.60
CA SER B 314 -21.31 -39.79 53.86
C SER B 314 -22.10 -40.28 52.65
N MET C 1 27.97 41.14 -48.57
N MET C 1 28.55 38.42 -48.94
CA MET C 1 27.49 40.31 -49.71
CA MET C 1 27.69 39.29 -49.79
C MET C 1 25.99 40.03 -49.63
C MET C 1 26.27 38.76 -49.89
N ARG C 2 25.45 39.45 -50.70
CA ARG C 2 24.02 39.17 -50.81
C ARG C 2 23.45 38.02 -49.96
N ILE C 3 23.69 36.78 -50.38
CA ILE C 3 22.90 35.65 -49.86
C ILE C 3 23.62 34.67 -48.93
N PRO C 4 23.06 34.47 -47.72
CA PRO C 4 23.55 33.52 -46.73
C PRO C 4 23.41 32.07 -47.21
N LEU C 5 24.42 31.27 -46.95
CA LEU C 5 24.40 29.85 -47.31
C LEU C 5 24.72 29.00 -46.10
N VAL C 6 24.00 27.89 -45.95
CA VAL C 6 24.22 26.98 -44.83
C VAL C 6 25.54 26.25 -44.97
N GLY C 7 26.41 26.41 -43.96
CA GLY C 7 27.69 25.72 -43.93
C GLY C 7 28.74 26.34 -44.83
N LYS C 8 28.45 27.54 -45.33
CA LYS C 8 29.33 28.22 -46.28
C LYS C 8 29.29 29.73 -46.13
N ASP C 9 30.25 30.41 -46.76
CA ASP C 9 30.26 31.86 -46.82
C ASP C 9 29.14 32.38 -47.71
N SER C 10 28.50 33.48 -47.30
CA SER C 10 27.43 34.08 -48.09
C SER C 10 27.95 34.40 -49.49
N ILE C 11 27.06 34.33 -50.48
CA ILE C 11 27.46 34.55 -51.87
C ILE C 11 26.83 35.79 -52.47
N GLU C 12 27.52 36.37 -53.45
CA GLU C 12 26.92 37.38 -54.30
C GLU C 12 25.77 36.70 -55.02
N SER C 13 24.62 37.36 -55.07
CA SER C 13 23.46 36.78 -55.73
C SER C 13 23.78 36.37 -57.16
N LYS C 14 24.74 37.07 -57.78
CA LYS C 14 25.11 36.82 -59.17
C LYS C 14 25.74 35.43 -59.36
N ASP C 15 26.21 34.83 -58.27
CA ASP C 15 26.92 33.56 -58.34
C ASP C 15 26.07 32.38 -57.91
N ILE C 16 24.75 32.57 -57.92
CA ILE C 16 23.83 31.53 -57.44
C ILE C 16 23.80 30.28 -58.33
N GLY C 17 23.90 30.48 -59.64
CA GLY C 17 23.88 29.36 -60.58
C GLY C 17 22.50 28.78 -60.79
N PHE C 18 22.43 27.60 -61.39
CA PHE C 18 21.16 26.92 -61.59
C PHE C 18 20.53 26.62 -60.25
N THR C 19 19.29 27.10 -60.05
CA THR C 19 18.67 27.03 -58.73
C THR C 19 17.31 26.34 -58.69
N LEU C 20 17.16 25.41 -57.77
CA LEU C 20 15.85 24.87 -57.41
C LEU C 20 15.33 25.67 -56.22
N ILE C 21 14.34 26.51 -56.49
CA ILE C 21 13.90 27.52 -55.51
C ILE C 21 13.06 26.96 -54.36
N HIS C 22 12.61 25.72 -54.48
CA HIS C 22 11.71 25.13 -53.50
C HIS C 22 11.90 23.63 -53.38
N GLU C 23 12.75 23.21 -52.45
CA GLU C 23 12.99 21.79 -52.19
C GLU C 23 13.27 21.54 -50.71
N HIS C 24 12.77 20.42 -50.18
CA HIS C 24 12.93 20.10 -48.77
C HIS C 24 13.87 18.94 -48.55
N LEU C 25 14.95 19.16 -47.83
CA LEU C 25 15.89 18.08 -47.50
C LEU C 25 15.24 17.06 -46.57
N ARG C 26 14.40 17.55 -45.67
CA ARG C 26 13.66 16.69 -44.74
C ARG C 26 12.60 17.51 -44.00
N VAL C 27 11.37 17.02 -44.00
CA VAL C 27 10.31 17.64 -43.20
C VAL C 27 9.71 16.64 -42.23
N PHE C 28 9.36 17.14 -41.04
CA PHE C 28 8.65 16.35 -40.04
C PHE C 28 7.92 17.29 -39.09
N SER C 29 6.97 16.75 -38.35
CA SER C 29 6.27 17.53 -37.33
C SER C 29 7.11 17.54 -36.05
N GLU C 30 7.55 18.72 -35.64
CA GLU C 30 8.39 18.84 -34.45
C GLU C 30 7.75 18.13 -33.26
N ALA C 31 6.49 18.47 -32.99
CA ALA C 31 5.76 17.90 -31.85
C ALA C 31 5.80 16.37 -31.88
N VAL C 32 5.48 15.80 -33.04
CA VAL C 32 5.41 14.35 -33.19
C VAL C 32 6.79 13.70 -33.06
N ARG C 33 7.82 14.37 -33.56
CA ARG C 33 9.16 13.81 -33.51
C ARG C 33 9.75 13.91 -32.11
N GLN C 34 9.31 14.91 -31.36
CA GLN C 34 9.82 15.11 -30.00
C GLN C 34 9.23 14.10 -29.04
N GLN C 35 7.97 13.75 -29.23
CA GLN C 35 7.27 12.84 -28.33
C GLN C 35 7.43 11.37 -28.73
N TRP C 36 7.53 11.11 -30.03
CA TRP C 36 7.66 9.73 -30.52
C TRP C 36 8.75 9.62 -31.53
N PRO C 37 9.98 9.41 -31.07
CA PRO C 37 11.16 9.33 -31.93
C PRO C 37 11.41 7.95 -32.52
N HIS C 38 10.70 6.94 -32.03
CA HIS C 38 10.86 5.58 -32.54
C HIS C 38 10.38 5.48 -33.96
N LEU C 39 9.63 6.49 -34.38
CA LEU C 39 9.03 6.52 -35.72
C LEU C 39 10.05 6.91 -36.79
N TYR C 40 11.13 7.55 -36.37
CA TYR C 40 12.07 8.15 -37.31
C TYR C 40 13.42 7.43 -37.36
N ASN C 41 14.13 7.62 -38.47
CA ASN C 41 15.46 7.08 -38.66
C ASN C 41 16.34 8.09 -39.39
N GLU C 42 17.11 8.87 -38.64
CA GLU C 42 17.89 9.96 -39.22
C GLU C 42 19.01 9.49 -40.15
N ASP C 43 19.34 8.20 -40.08
CA ASP C 43 20.33 7.63 -41.00
C ASP C 43 19.76 7.42 -42.39
N GLU C 44 18.50 6.97 -42.45
CA GLU C 44 17.80 6.86 -43.72
C GLU C 44 17.45 8.25 -44.24
N GLU C 45 17.28 9.20 -43.32
CA GLU C 45 16.94 10.57 -43.69
C GLU C 45 18.15 11.30 -44.24
N PHE C 46 19.33 10.86 -43.83
CA PHE C 46 20.57 11.45 -44.32
C PHE C 46 20.97 10.83 -45.65
N ARG C 47 20.97 9.51 -45.72
CA ARG C 47 21.26 8.81 -46.97
C ARG C 47 20.38 9.34 -48.10
N ASN C 48 19.12 9.60 -47.80
CA ASN C 48 18.17 10.09 -48.81
C ASN C 48 18.44 11.52 -49.27
N ALA C 49 18.72 12.40 -48.33
CA ALA C 49 18.98 13.81 -48.66
C ALA C 49 20.26 13.96 -49.47
N VAL C 50 21.29 13.22 -49.07
CA VAL C 50 22.57 13.25 -49.77
C VAL C 50 22.42 12.80 -51.23
N ASN C 51 21.87 11.60 -51.42
CA ASN C 51 21.72 11.02 -52.75
C ASN C 51 20.87 11.87 -53.69
N GLU C 52 19.80 12.46 -53.17
CA GLU C 52 18.93 13.32 -53.98
C GLU C 52 19.62 14.65 -54.31
N VAL C 53 20.59 15.03 -53.50
CA VAL C 53 21.38 16.24 -53.77
C VAL C 53 22.55 15.90 -54.67
N LYS C 54 23.23 14.80 -54.38
CA LYS C 54 24.36 14.36 -55.18
C LYS C 54 23.98 14.25 -56.66
N ARG C 55 22.85 13.64 -56.95
CA ARG C 55 22.31 13.63 -58.30
C ARG C 55 22.18 15.08 -58.76
N ALA C 56 20.95 15.56 -58.87
CA ALA C 56 20.66 16.98 -59.11
C ALA C 56 21.87 17.82 -59.51
N MET C 57 22.92 17.80 -58.69
CA MET C 57 24.15 18.50 -59.03
C MET C 57 24.75 17.92 -60.32
N GLN C 58 24.60 16.60 -60.49
CA GLN C 58 25.03 15.94 -61.72
C GLN C 58 24.27 16.48 -62.92
N PHE C 59 23.07 17.02 -62.65
CA PHE C 59 22.29 17.66 -63.70
C PHE C 59 22.60 19.15 -63.81
N GLY C 60 23.49 19.63 -62.94
CA GLY C 60 23.95 21.01 -63.00
C GLY C 60 23.28 21.95 -62.01
N VAL C 61 22.62 21.39 -61.00
CA VAL C 61 22.04 22.21 -59.95
C VAL C 61 23.15 22.79 -59.08
N LYS C 62 23.12 24.10 -58.87
CA LYS C 62 24.17 24.80 -58.16
C LYS C 62 23.68 25.21 -56.78
N THR C 63 22.43 25.67 -56.72
CA THR C 63 21.86 26.18 -55.49
C THR C 63 20.48 25.61 -55.21
N ILE C 64 20.25 25.25 -53.96
CA ILE C 64 18.93 24.78 -53.51
C ILE C 64 18.40 25.67 -52.40
N VAL C 65 17.21 26.24 -52.62
CA VAL C 65 16.53 27.03 -51.60
C VAL C 65 15.55 26.13 -50.86
N ASP C 66 15.79 25.92 -49.57
CA ASP C 66 14.97 25.01 -48.78
C ASP C 66 14.06 25.78 -47.82
N PRO C 67 12.74 25.72 -48.06
CA PRO C 67 11.77 26.49 -47.30
C PRO C 67 11.19 25.76 -46.08
N THR C 68 11.95 24.82 -45.53
CA THR C 68 11.53 24.12 -44.31
C THR C 68 11.66 25.06 -43.10
N VAL C 69 10.54 25.33 -42.44
CA VAL C 69 10.55 26.24 -41.29
C VAL C 69 9.86 25.62 -40.08
N MET C 70 9.30 26.48 -39.22
CA MET C 70 8.55 26.01 -38.06
C MET C 70 7.25 25.35 -38.54
N GLY C 71 6.97 24.18 -37.98
CA GLY C 71 5.82 23.40 -38.42
C GLY C 71 6.24 22.33 -39.40
N LEU C 72 7.41 22.53 -40.01
CA LEU C 72 7.93 21.57 -40.98
C LEU C 72 9.19 20.86 -40.51
N GLY C 73 9.71 21.28 -39.36
CA GLY C 73 10.85 20.60 -38.75
C GLY C 73 12.22 21.06 -39.25
N ARG C 74 12.38 22.36 -39.42
CA ARG C 74 13.67 22.92 -39.79
C ARG C 74 14.75 22.42 -38.84
N ASP C 75 15.89 22.05 -39.39
CA ASP C 75 17.01 21.58 -38.59
C ASP C 75 18.33 22.04 -39.20
N ILE C 76 18.82 23.18 -38.73
CA ILE C 76 20.01 23.79 -39.32
C ILE C 76 21.23 22.88 -39.25
N ARG C 77 21.33 22.10 -38.17
CA ARG C 77 22.44 21.18 -38.00
C ARG C 77 22.38 20.01 -38.98
N PHE C 78 21.17 19.51 -39.23
CA PHE C 78 20.99 18.44 -40.21
C PHE C 78 21.35 18.96 -41.59
N MET C 79 20.78 20.11 -41.95
CA MET C 79 21.07 20.75 -43.22
C MET C 79 22.58 20.91 -43.40
N GLU C 80 23.25 21.27 -42.30
CA GLU C 80 24.69 21.50 -42.32
C GLU C 80 25.46 20.21 -42.62
N LYS C 81 24.91 19.08 -42.19
CA LYS C 81 25.54 17.79 -42.44
C LYS C 81 25.43 17.36 -43.89
N VAL C 82 24.28 17.65 -44.51
CA VAL C 82 24.09 17.39 -45.93
C VAL C 82 25.15 18.14 -46.72
N VAL C 83 25.30 19.43 -46.42
CA VAL C 83 26.26 20.29 -47.10
C VAL C 83 27.69 19.74 -47.03
N LYS C 84 28.09 19.27 -45.87
CA LYS C 84 29.43 18.68 -45.71
C LYS C 84 29.67 17.53 -46.68
N ALA C 85 28.63 16.76 -46.97
CA ALA C 85 28.76 15.54 -47.76
C ALA C 85 28.44 15.73 -49.24
N THR C 86 28.05 16.94 -49.62
CA THR C 86 27.69 17.22 -51.01
C THR C 86 28.30 18.52 -51.53
N GLY C 87 28.46 19.49 -50.64
CA GLY C 87 29.03 20.79 -51.02
C GLY C 87 28.09 21.62 -51.86
N ILE C 88 26.79 21.49 -51.58
CA ILE C 88 25.76 22.20 -52.32
C ILE C 88 25.53 23.60 -51.75
N ASN C 89 25.17 24.55 -52.61
CA ASN C 89 24.72 25.86 -52.15
C ASN C 89 23.31 25.75 -51.59
N LEU C 90 23.19 25.80 -50.27
CA LEU C 90 21.89 25.61 -49.62
C LEU C 90 21.43 26.85 -48.87
N VAL C 91 20.23 27.32 -49.18
CA VAL C 91 19.69 28.50 -48.51
C VAL C 91 18.54 28.15 -47.57
N ALA C 92 18.73 28.43 -46.29
CA ALA C 92 17.71 28.16 -45.29
C ALA C 92 16.90 29.42 -44.99
N GLY C 93 15.68 29.24 -44.53
CA GLY C 93 14.81 30.38 -44.27
C GLY C 93 14.21 30.39 -42.88
N THR C 94 13.45 31.44 -42.59
CA THR C 94 12.73 31.54 -41.33
C THR C 94 11.24 31.62 -41.63
N GLY C 95 10.42 31.54 -40.59
CA GLY C 95 8.97 31.64 -40.79
C GLY C 95 8.16 30.55 -40.12
N ILE C 96 6.84 30.63 -40.27
CA ILE C 96 5.92 29.71 -39.62
C ILE C 96 4.99 29.05 -40.65
N TYR C 97 4.86 27.73 -40.55
CA TYR C 97 4.03 26.97 -41.47
C TYR C 97 2.75 26.49 -40.80
N ILE C 98 1.67 27.26 -40.97
CA ILE C 98 0.37 26.92 -40.40
C ILE C 98 -0.74 27.10 -41.42
N TYR C 99 -1.82 26.36 -41.25
CA TYR C 99 -3.00 26.54 -42.08
C TYR C 99 -4.10 27.30 -41.34
N ILE C 100 -4.22 27.04 -40.04
CA ILE C 100 -5.31 27.61 -39.24
C ILE C 100 -4.86 28.48 -38.08
N ASP C 101 -4.25 27.86 -37.07
N ASP C 101 -4.22 27.85 -37.09
CA ASP C 101 -3.87 28.62 -35.87
CA ASP C 101 -3.86 28.52 -35.84
C ASP C 101 -2.45 28.37 -35.40
C ASP C 101 -2.38 28.41 -35.52
N LEU C 102 -1.85 29.40 -34.81
CA LEU C 102 -0.48 29.35 -34.32
C LEU C 102 -0.39 28.52 -33.05
N PRO C 103 0.79 27.93 -32.78
CA PRO C 103 1.01 27.21 -31.54
C PRO C 103 0.68 28.07 -30.33
N PHE C 104 0.40 27.42 -29.20
CA PHE C 104 -0.10 28.11 -28.02
C PHE C 104 0.84 29.21 -27.51
N TYR C 105 2.14 29.00 -27.68
CA TYR C 105 3.12 30.00 -27.29
C TYR C 105 2.69 31.41 -27.68
N PHE C 106 2.01 31.53 -28.81
CA PHE C 106 1.69 32.82 -29.39
C PHE C 106 0.41 33.47 -28.86
N LEU C 107 -0.26 32.80 -27.92
CA LEU C 107 -1.45 33.37 -27.31
C LEU C 107 -1.14 34.73 -26.68
N ASN C 108 -1.87 35.75 -27.12
CA ASN C 108 -1.71 37.09 -26.56
C ASN C 108 -0.36 37.72 -26.84
N ARG C 109 0.39 37.16 -27.77
CA ARG C 109 1.63 37.77 -28.22
C ARG C 109 1.36 38.60 -29.47
N SER C 110 2.19 39.61 -29.70
CA SER C 110 1.95 40.55 -30.79
C SER C 110 2.60 40.12 -32.10
N ILE C 111 2.19 40.77 -33.19
CA ILE C 111 2.74 40.53 -34.51
C ILE C 111 4.25 40.77 -34.51
N ASP C 112 4.69 41.73 -33.70
CA ASP C 112 6.09 42.13 -33.68
C ASP C 112 7.02 41.08 -33.06
N GLU C 113 6.56 40.45 -31.98
CA GLU C 113 7.38 39.41 -31.35
C GLU C 113 7.44 38.15 -32.22
N ILE C 114 6.54 38.06 -33.20
CA ILE C 114 6.64 37.03 -34.22
C ILE C 114 7.69 37.47 -35.23
N ALA C 115 7.61 38.74 -35.64
CA ALA C 115 8.59 39.31 -36.57
C ALA C 115 9.99 39.19 -36.02
N ASP C 116 10.16 39.49 -34.73
CA ASP C 116 11.46 39.41 -34.08
C ASP C 116 12.04 38.00 -34.11
N LEU C 117 11.18 37.01 -34.27
CA LEU C 117 11.64 35.63 -34.41
C LEU C 117 12.28 35.43 -35.77
N PHE C 118 11.63 35.96 -36.81
CA PHE C 118 12.18 35.89 -38.16
C PHE C 118 13.46 36.70 -38.23
N ILE C 119 13.39 37.94 -37.76
CA ILE C 119 14.52 38.85 -37.79
C ILE C 119 15.73 38.29 -37.06
N HIS C 120 15.48 37.58 -35.95
CA HIS C 120 16.56 36.96 -35.20
C HIS C 120 17.27 35.94 -36.04
N ASP C 121 16.52 35.16 -36.80
CA ASP C 121 17.09 34.11 -37.65
C ASP C 121 17.93 34.69 -38.78
N ILE C 122 17.52 35.86 -39.27
CA ILE C 122 18.17 36.49 -40.40
C ILE C 122 19.43 37.28 -40.02
N LYS C 123 19.53 37.67 -38.76
CA LYS C 123 20.63 38.54 -38.35
C LYS C 123 21.60 37.90 -37.34
N GLU C 124 21.08 37.07 -36.46
CA GLU C 124 21.90 36.45 -35.42
C GLU C 124 22.31 35.05 -35.83
N GLY C 125 21.35 34.31 -36.36
CA GLY C 125 21.57 32.93 -36.74
C GLY C 125 20.34 32.10 -36.45
N ILE C 126 20.39 30.85 -36.87
CA ILE C 126 19.25 29.96 -36.73
C ILE C 126 19.58 28.80 -35.79
N GLN C 127 18.83 28.71 -34.69
CA GLN C 127 18.95 27.59 -33.76
C GLN C 127 20.31 27.47 -33.09
N GLY C 128 20.81 28.58 -32.58
CA GLY C 128 22.08 28.57 -31.85
C GLY C 128 23.32 28.64 -32.73
N THR C 129 23.14 28.44 -34.04
CA THR C 129 24.26 28.53 -34.97
C THR C 129 24.34 29.89 -35.63
N LEU C 130 25.37 30.08 -36.44
CA LEU C 130 25.63 31.35 -37.09
C LEU C 130 25.18 31.35 -38.55
N ASN C 131 24.59 30.25 -38.98
CA ASN C 131 23.97 30.17 -40.30
C ASN C 131 22.70 30.99 -40.32
N LYS C 132 22.66 32.04 -41.14
CA LYS C 132 21.50 32.94 -41.18
C LYS C 132 20.45 32.50 -42.20
N ALA C 133 19.23 32.98 -42.01
CA ALA C 133 18.14 32.71 -42.94
C ALA C 133 18.22 33.68 -44.12
N GLY C 134 17.81 33.21 -45.30
CA GLY C 134 17.88 34.02 -46.50
C GLY C 134 16.52 34.51 -46.97
N PHE C 135 15.46 33.96 -46.40
CA PHE C 135 14.11 34.30 -46.81
C PHE C 135 13.09 34.01 -45.71
N VAL C 136 11.86 34.46 -45.91
CA VAL C 136 10.79 34.22 -44.96
C VAL C 136 9.66 33.39 -45.60
N KCX C 137 9.34 32.26 -44.98
CA KCX C 137 8.31 31.36 -45.51
CB KCX C 137 8.78 29.91 -45.41
CG KCX C 137 8.34 29.11 -46.62
CD KCX C 137 6.89 28.65 -46.50
CE KCX C 137 6.46 27.76 -47.67
NZ KCX C 137 7.02 26.41 -47.57
C KCX C 137 7.04 31.49 -44.72
O KCX C 137 7.04 31.40 -43.50
CX KCX C 137 6.50 25.36 -48.21
OQ1 KCX C 137 6.98 24.24 -48.11
OQ2 KCX C 137 5.43 25.50 -48.99
N ILE C 138 5.94 31.73 -45.43
CA ILE C 138 4.62 31.82 -44.79
C ILE C 138 3.61 30.98 -45.57
N ALA C 139 2.49 30.64 -44.94
CA ALA C 139 1.55 29.70 -45.54
C ALA C 139 0.08 30.03 -45.36
N ALA C 140 -0.73 29.50 -46.27
CA ALA C 140 -2.19 29.61 -46.22
C ALA C 140 -2.75 28.51 -47.11
N ASP C 141 -3.92 27.96 -46.75
CA ASP C 141 -4.45 26.84 -47.50
C ASP C 141 -5.98 26.78 -47.54
N GLU C 142 -6.53 25.58 -47.45
N GLU C 142 -6.52 25.57 -47.48
CA GLU C 142 -7.97 25.37 -47.56
CA GLU C 142 -7.97 25.35 -47.54
C GLU C 142 -8.78 26.24 -46.60
C GLU C 142 -8.72 26.30 -46.62
N PRO C 143 -8.35 26.33 -45.33
CA PRO C 143 -9.02 27.16 -44.33
C PRO C 143 -9.08 28.64 -44.67
N GLY C 144 -8.22 29.07 -45.59
CA GLY C 144 -8.21 30.48 -46.02
C GLY C 144 -7.37 31.38 -45.13
N ILE C 145 -7.65 32.68 -45.17
CA ILE C 145 -6.87 33.66 -44.42
C ILE C 145 -7.42 33.87 -43.01
N THR C 146 -6.96 33.05 -42.07
CA THR C 146 -7.38 33.17 -40.67
C THR C 146 -6.69 34.35 -40.01
N LYS C 147 -7.13 34.70 -38.80
CA LYS C 147 -6.49 35.78 -38.05
C LYS C 147 -5.04 35.45 -37.70
N ASP C 148 -4.78 34.20 -37.35
CA ASP C 148 -3.43 33.76 -37.03
C ASP C 148 -2.53 33.75 -38.28
N VAL C 149 -3.08 33.28 -39.39
CA VAL C 149 -2.35 33.27 -40.66
C VAL C 149 -1.99 34.70 -41.08
N GLU C 150 -2.95 35.61 -40.92
CA GLU C 150 -2.74 37.01 -41.28
C GLU C 150 -1.64 37.64 -40.42
N LYS C 151 -1.43 37.08 -39.23
CA LYS C 151 -0.39 37.58 -38.33
C LYS C 151 0.99 37.16 -38.84
N VAL C 152 1.13 35.89 -39.21
CA VAL C 152 2.39 35.40 -39.74
C VAL C 152 2.75 36.13 -41.03
N ILE C 153 1.73 36.51 -41.79
CA ILE C 153 1.92 37.27 -43.02
C ILE C 153 2.47 38.66 -42.74
N ARG C 154 1.82 39.37 -41.82
CA ARG C 154 2.21 40.73 -41.48
C ARG C 154 3.53 40.77 -40.73
N ALA C 155 3.88 39.67 -40.07
CA ALA C 155 5.18 39.55 -39.42
C ALA C 155 6.27 39.49 -40.48
N ALA C 156 6.03 38.70 -41.52
CA ALA C 156 6.95 38.60 -42.64
C ALA C 156 7.12 39.96 -43.33
N ALA C 157 5.99 40.65 -43.53
CA ALA C 157 6.02 41.97 -44.15
C ALA C 157 6.98 42.90 -43.43
N ILE C 158 7.16 42.67 -42.14
CA ILE C 158 8.06 43.48 -41.32
C ILE C 158 9.50 42.99 -41.44
N ALA C 159 9.67 41.66 -41.48
CA ALA C 159 11.00 41.07 -41.62
C ALA C 159 11.64 41.50 -42.93
N ASN C 160 10.83 41.62 -43.98
CA ASN C 160 11.30 42.05 -45.28
C ASN C 160 11.80 43.49 -45.25
N LYS C 161 10.94 44.40 -44.82
CA LYS C 161 11.28 45.81 -44.76
C LYS C 161 12.48 46.05 -43.86
N GLU C 162 12.77 45.08 -42.99
CA GLU C 162 13.87 45.21 -42.04
C GLU C 162 15.18 44.63 -42.58
N THR C 163 15.12 43.39 -43.05
CA THR C 163 16.33 42.71 -43.54
C THR C 163 16.39 42.66 -45.06
N LYS C 164 15.33 43.12 -45.71
CA LYS C 164 15.27 43.17 -47.18
C LYS C 164 15.11 41.80 -47.83
N VAL C 165 15.37 40.74 -47.07
CA VAL C 165 15.25 39.37 -47.60
C VAL C 165 13.87 39.12 -48.21
N PRO C 166 13.80 38.21 -49.20
CA PRO C 166 12.57 37.94 -49.93
C PRO C 166 11.60 37.04 -49.18
N ILE C 167 10.34 37.04 -49.61
CA ILE C 167 9.30 36.23 -48.98
C ILE C 167 8.76 35.15 -49.91
N ILE C 168 8.88 33.90 -49.48
CA ILE C 168 8.29 32.77 -50.20
C ILE C 168 6.99 32.37 -49.52
N THR C 169 5.96 32.09 -50.31
CA THR C 169 4.67 31.72 -49.74
C THR C 169 4.17 30.38 -50.28
N HIS C 170 3.45 29.66 -49.42
CA HIS C 170 2.73 28.46 -49.81
C HIS C 170 1.27 28.80 -49.82
N SER C 171 0.59 28.50 -50.92
CA SER C 171 -0.83 28.85 -51.05
C SER C 171 -1.63 27.74 -51.71
N ASN C 172 -2.95 27.91 -51.70
CA ASN C 172 -3.85 27.01 -52.41
C ASN C 172 -4.33 27.66 -53.70
N ALA C 173 -4.06 27.00 -54.82
CA ALA C 173 -4.28 27.59 -56.14
C ALA C 173 -5.76 27.77 -56.50
N HIS C 174 -6.64 27.10 -55.77
CA HIS C 174 -8.05 27.07 -56.14
C HIS C 174 -8.92 27.91 -55.26
N ASN C 175 -8.30 28.70 -54.37
CA ASN C 175 -9.10 29.42 -53.39
C ASN C 175 -8.72 30.87 -53.14
N ASN C 176 -7.67 31.36 -53.79
CA ASN C 176 -7.38 32.79 -53.74
C ASN C 176 -6.38 33.18 -52.67
N THR C 177 -5.90 32.20 -51.91
CA THR C 177 -4.93 32.44 -50.85
C THR C 177 -3.68 33.13 -51.38
N GLY C 178 -3.23 32.72 -52.56
CA GLY C 178 -2.05 33.30 -53.19
C GLY C 178 -2.23 34.79 -53.46
N LEU C 179 -3.38 35.16 -54.00
CA LEU C 179 -3.66 36.55 -54.32
C LEU C 179 -3.77 37.38 -53.05
N GLU C 180 -4.28 36.76 -51.99
CA GLU C 180 -4.43 37.43 -50.71
C GLU C 180 -3.07 37.70 -50.05
N GLN C 181 -2.20 36.70 -50.10
CA GLN C 181 -0.85 36.85 -49.58
C GLN C 181 -0.15 38.03 -50.25
N GLN C 182 -0.21 38.07 -51.57
CA GLN C 182 0.36 39.18 -52.33
C GLN C 182 -0.34 40.49 -51.96
N ARG C 183 -1.66 40.45 -51.91
CA ARG C 183 -2.47 41.64 -51.69
C ARG C 183 -2.17 42.29 -50.33
N ILE C 184 -1.91 41.46 -49.32
CA ILE C 184 -1.61 41.96 -47.99
C ILE C 184 -0.16 42.45 -47.87
N LEU C 185 0.77 41.60 -48.29
CA LEU C 185 2.18 41.93 -48.23
C LEU C 185 2.49 43.22 -48.97
N THR C 186 1.88 43.39 -50.14
CA THR C 186 2.07 44.60 -50.94
C THR C 186 1.56 45.84 -50.21
N GLU C 187 0.38 45.72 -49.60
CA GLU C 187 -0.23 46.84 -48.90
C GLU C 187 0.51 47.19 -47.61
N GLU C 188 1.44 46.32 -47.20
CA GLU C 188 2.25 46.58 -46.02
C GLU C 188 3.59 47.20 -46.39
N GLY C 189 3.80 47.45 -47.67
CA GLY C 189 4.99 48.14 -48.14
C GLY C 189 6.05 47.24 -48.75
N VAL C 190 5.73 45.96 -48.90
CA VAL C 190 6.68 45.00 -49.47
C VAL C 190 6.70 45.09 -50.98
N ASP C 191 7.90 45.05 -51.55
CA ASP C 191 8.09 45.06 -53.00
C ASP C 191 7.57 43.76 -53.60
N PRO C 192 6.64 43.87 -54.56
CA PRO C 192 6.05 42.68 -55.18
C PRO C 192 7.11 41.75 -55.74
N GLY C 193 8.19 42.32 -56.27
CA GLY C 193 9.28 41.55 -56.86
C GLY C 193 10.02 40.70 -55.85
N LYS C 194 9.72 40.90 -54.57
CA LYS C 194 10.39 40.17 -53.50
C LYS C 194 9.51 39.07 -52.93
N ILE C 195 8.39 38.79 -53.61
CA ILE C 195 7.44 37.80 -53.16
C ILE C 195 7.27 36.70 -54.20
N LEU C 196 7.40 35.45 -53.77
CA LEU C 196 7.11 34.32 -54.64
C LEU C 196 5.84 33.62 -54.19
N ILE C 197 4.71 33.99 -54.76
CA ILE C 197 3.45 33.33 -54.47
C ILE C 197 3.51 31.90 -54.98
N GLY C 198 3.55 30.94 -54.04
CA GLY C 198 3.86 29.56 -54.38
C GLY C 198 2.69 28.68 -54.76
N HIS C 199 3.02 27.49 -55.25
CA HIS C 199 2.04 26.47 -55.61
C HIS C 199 0.95 26.94 -56.55
N LEU C 200 1.29 27.85 -57.45
CA LEU C 200 0.35 28.32 -58.47
C LEU C 200 0.25 27.36 -59.64
N GLY C 201 1.17 26.39 -59.70
CA GLY C 201 1.19 25.40 -60.76
C GLY C 201 0.38 24.16 -60.43
N ASP C 202 -0.59 24.33 -59.54
CA ASP C 202 -1.49 23.24 -59.17
C ASP C 202 -2.81 23.40 -59.89
N THR C 203 -3.05 24.61 -60.40
CA THR C 203 -4.22 24.88 -61.21
C THR C 203 -3.78 25.18 -62.63
N ASP C 204 -4.54 24.70 -63.61
CA ASP C 204 -4.28 25.03 -65.00
C ASP C 204 -5.10 26.26 -65.38
N ASN C 205 -5.54 26.97 -64.35
CA ASN C 205 -6.33 28.18 -64.50
C ASN C 205 -5.42 29.39 -64.66
N ILE C 206 -5.02 29.66 -65.90
CA ILE C 206 -3.97 30.62 -66.20
C ILE C 206 -4.34 32.08 -65.95
N ASP C 207 -5.58 32.46 -66.28
CA ASP C 207 -6.04 33.82 -66.05
C ASP C 207 -5.67 34.27 -64.64
N TYR C 208 -5.94 33.40 -63.68
CA TYR C 208 -5.58 33.64 -62.30
C TYR C 208 -4.08 33.88 -62.17
N ILE C 209 -3.30 32.83 -62.44
CA ILE C 209 -1.85 32.90 -62.35
C ILE C 209 -1.29 34.21 -62.90
N LYS C 210 -1.85 34.67 -64.01
CA LYS C 210 -1.38 35.88 -64.66
C LYS C 210 -1.59 37.14 -63.81
N LYS C 211 -2.74 37.23 -63.16
CA LYS C 211 -3.05 38.40 -62.34
C LYS C 211 -2.05 38.57 -61.20
N ILE C 212 -1.60 37.45 -60.64
CA ILE C 212 -0.58 37.48 -59.60
C ILE C 212 0.75 37.95 -60.18
N ALA C 213 1.04 37.50 -61.39
CA ALA C 213 2.27 37.89 -62.08
C ALA C 213 2.20 39.32 -62.61
N ASP C 214 1.00 39.74 -62.99
CA ASP C 214 0.78 41.09 -63.46
C ASP C 214 0.88 42.11 -62.32
N LYS C 215 0.64 41.64 -61.11
CA LYS C 215 0.74 42.52 -59.94
C LYS C 215 2.17 42.57 -59.40
N GLY C 216 3.10 42.02 -60.19
CA GLY C 216 4.52 42.20 -59.92
C GLY C 216 5.25 41.07 -59.21
N SER C 217 4.52 40.03 -58.80
CA SER C 217 5.13 38.95 -58.02
C SER C 217 5.46 37.71 -58.83
N PHE C 218 6.53 37.02 -58.44
CA PHE C 218 6.94 35.77 -59.08
C PHE C 218 5.87 34.70 -58.92
N ILE C 219 5.66 33.92 -59.97
CA ILE C 219 4.69 32.82 -59.93
C ILE C 219 5.37 31.46 -59.80
N GLY C 220 4.99 30.72 -58.77
CA GLY C 220 5.63 29.44 -58.45
C GLY C 220 4.96 28.22 -59.06
N LEU C 221 5.58 27.67 -60.09
CA LEU C 221 5.16 26.39 -60.65
C LEU C 221 6.06 25.33 -60.02
N ASP C 222 5.83 25.09 -58.73
CA ASP C 222 6.87 24.52 -57.87
C ASP C 222 6.59 23.15 -57.27
N ARG C 223 5.64 22.41 -57.84
CA ARG C 223 5.36 21.06 -57.32
C ARG C 223 5.32 20.03 -58.44
N TYR C 224 6.34 20.04 -59.29
CA TYR C 224 6.45 19.08 -60.37
C TYR C 224 6.71 17.68 -59.85
N GLY C 225 5.80 16.75 -60.18
CA GLY C 225 5.91 15.37 -59.74
C GLY C 225 4.75 14.96 -58.86
N LEU C 226 4.16 15.94 -58.17
CA LEU C 226 3.00 15.68 -57.32
C LEU C 226 1.72 15.72 -58.13
N ASP C 227 1.41 14.61 -58.79
CA ASP C 227 0.25 14.53 -59.67
C ASP C 227 -1.06 14.74 -58.93
N LEU C 228 -1.08 14.43 -57.64
CA LEU C 228 -2.30 14.51 -56.85
C LEU C 228 -2.85 15.95 -56.75
N PHE C 229 -1.98 16.93 -56.96
CA PHE C 229 -2.41 18.32 -57.04
C PHE C 229 -2.68 18.68 -58.49
N LEU C 230 -1.80 18.21 -59.37
CA LEU C 230 -1.95 18.37 -60.81
C LEU C 230 -0.85 17.57 -61.50
N PRO C 231 -1.23 16.74 -62.48
CA PRO C 231 -0.29 15.85 -63.16
C PRO C 231 0.75 16.59 -64.00
N VAL C 232 1.86 15.92 -64.28
CA VAL C 232 2.98 16.50 -65.01
C VAL C 232 2.54 17.18 -66.31
N ASP C 233 1.75 16.47 -67.11
CA ASP C 233 1.32 16.99 -68.40
C ASP C 233 0.65 18.36 -68.30
N LYS C 234 -0.45 18.43 -67.55
CA LYS C 234 -1.19 19.68 -67.43
C LYS C 234 -0.38 20.80 -66.78
N ARG C 235 0.70 20.42 -66.10
CA ARG C 235 1.63 21.40 -65.56
C ARG C 235 2.50 21.94 -66.68
N ASN C 236 2.94 21.04 -67.55
CA ASN C 236 3.84 21.39 -68.64
C ASN C 236 3.17 22.24 -69.72
N GLU C 237 1.89 21.99 -69.93
CA GLU C 237 1.13 22.73 -70.92
C GLU C 237 0.78 24.10 -70.35
N THR C 238 0.82 24.20 -69.03
CA THR C 238 0.47 25.44 -68.34
C THR C 238 1.67 26.38 -68.31
N THR C 239 2.83 25.85 -67.93
CA THR C 239 4.07 26.61 -68.00
C THR C 239 4.20 27.16 -69.42
N LEU C 240 4.36 26.23 -70.35
CA LEU C 240 4.50 26.52 -71.78
C LEU C 240 3.65 27.71 -72.23
N ARG C 241 2.33 27.58 -72.06
CA ARG C 241 1.41 28.61 -72.51
C ARG C 241 1.74 29.96 -71.88
N LEU C 242 2.23 29.94 -70.66
CA LEU C 242 2.64 31.15 -69.95
C LEU C 242 3.90 31.74 -70.57
N ILE C 243 4.91 30.90 -70.76
CA ILE C 243 6.13 31.32 -71.42
C ILE C 243 5.81 31.96 -72.76
N LYS C 244 4.96 31.30 -73.55
CA LYS C 244 4.57 31.82 -74.85
C LYS C 244 3.88 33.17 -74.73
N ASP C 245 3.17 33.39 -73.64
CA ASP C 245 2.48 34.66 -73.42
C ASP C 245 3.44 35.72 -72.89
N GLY C 246 4.69 35.32 -72.67
CA GLY C 246 5.74 36.25 -72.24
C GLY C 246 5.87 36.41 -70.74
N TYR C 247 5.67 35.31 -70.01
CA TYR C 247 5.72 35.34 -68.55
C TYR C 247 6.90 34.56 -67.98
N SER C 248 7.92 34.32 -68.81
CA SER C 248 9.07 33.53 -68.38
C SER C 248 9.94 34.28 -67.36
N ASP C 249 9.68 35.56 -67.18
CA ASP C 249 10.46 36.39 -66.28
C ASP C 249 9.89 36.38 -64.85
N LYS C 250 8.69 35.83 -64.70
CA LYS C 250 8.05 35.72 -63.39
C LYS C 250 8.00 34.27 -62.98
N ILE C 251 8.07 33.38 -63.97
CA ILE C 251 8.00 31.94 -63.72
C ILE C 251 9.18 31.43 -62.93
N MET C 252 8.89 30.67 -61.87
CA MET C 252 9.91 29.94 -61.14
C MET C 252 9.45 28.50 -60.94
N ILE C 253 10.31 27.55 -61.31
CA ILE C 253 9.92 26.14 -61.37
C ILE C 253 10.69 25.28 -60.36
N SER C 254 9.97 24.37 -59.71
CA SER C 254 10.60 23.44 -58.76
C SER C 254 9.75 22.18 -58.56
N HIS C 255 10.21 21.30 -57.69
CA HIS C 255 9.52 20.02 -57.43
C HIS C 255 8.74 20.04 -56.15
N ASP C 256 9.32 20.66 -55.12
CA ASP C 256 8.79 20.58 -53.77
C ASP C 256 9.04 19.18 -53.19
N TYR C 257 10.08 18.52 -53.68
CA TYR C 257 10.38 17.16 -53.26
C TYR C 257 10.93 17.09 -51.84
N CYS C 258 10.42 16.14 -51.06
CA CYS C 258 10.90 15.91 -49.71
C CYS C 258 11.65 14.58 -49.66
N CYS C 259 12.96 14.64 -49.46
CA CYS C 259 13.78 13.44 -49.40
C CYS C 259 13.27 12.50 -48.32
N THR C 260 12.65 13.09 -47.29
CA THR C 260 11.92 12.33 -46.28
C THR C 260 10.81 13.21 -45.70
N ILE C 261 9.60 12.69 -45.67
CA ILE C 261 8.45 13.42 -45.16
C ILE C 261 7.55 12.49 -44.36
N ASP C 262 7.16 12.93 -43.16
CA ASP C 262 6.41 12.07 -42.25
C ASP C 262 4.89 12.15 -42.45
N TRP C 263 4.43 13.09 -43.27
CA TRP C 263 3.02 13.16 -43.62
C TRP C 263 2.57 11.81 -44.09
N GLY C 264 1.39 11.38 -43.63
CA GLY C 264 0.85 10.07 -43.99
C GLY C 264 0.47 9.97 -45.45
N THR C 265 -0.09 11.06 -46.00
CA THR C 265 -0.44 11.10 -47.41
C THR C 265 0.77 10.76 -48.27
N ALA C 266 1.95 10.75 -47.64
CA ALA C 266 3.18 10.52 -48.38
C ALA C 266 3.78 9.15 -48.06
N LYS C 267 2.95 8.23 -47.60
CA LYS C 267 3.36 6.86 -47.36
C LYS C 267 3.95 6.23 -48.62
N PRO C 268 5.20 5.76 -48.54
CA PRO C 268 5.84 5.06 -49.65
C PRO C 268 5.02 3.88 -50.15
N GLU C 269 3.73 4.12 -50.39
CA GLU C 269 2.83 3.09 -50.86
C GLU C 269 1.54 3.73 -51.39
N TYR C 270 1.56 5.06 -51.48
CA TYR C 270 0.53 5.80 -52.19
C TYR C 270 1.24 6.48 -53.34
N LYS C 271 2.55 6.26 -53.39
CA LYS C 271 3.43 6.91 -54.35
C LYS C 271 2.97 6.64 -55.78
N PRO C 272 2.80 5.36 -56.14
CA PRO C 272 2.42 4.98 -57.50
C PRO C 272 1.11 5.62 -57.97
N LYS C 273 0.22 5.94 -57.05
CA LYS C 273 -1.08 6.50 -57.41
C LYS C 273 -1.18 8.02 -57.28
N LEU C 274 -0.43 8.59 -56.33
CA LEU C 274 -0.53 10.02 -56.04
C LEU C 274 0.56 10.86 -56.71
N ALA C 275 1.79 10.36 -56.69
CA ALA C 275 2.91 11.07 -57.29
C ALA C 275 3.98 10.09 -57.77
N PRO C 276 3.75 9.47 -58.94
CA PRO C 276 4.55 8.37 -59.47
C PRO C 276 6.00 8.75 -59.81
N ARG C 277 6.16 9.82 -60.59
CA ARG C 277 7.49 10.23 -61.05
C ARG C 277 7.99 11.45 -60.27
N TRP C 278 7.88 11.39 -58.95
CA TRP C 278 8.20 12.53 -58.10
C TRP C 278 9.55 12.41 -57.46
N SER C 279 10.47 13.27 -57.87
CA SER C 279 11.80 13.35 -57.28
C SER C 279 12.41 14.72 -57.56
N ILE C 280 13.66 14.92 -57.14
CA ILE C 280 14.28 16.24 -57.24
C ILE C 280 15.00 16.48 -58.58
N THR C 281 14.73 15.62 -59.55
CA THR C 281 15.34 15.75 -60.88
C THR C 281 14.33 15.53 -61.99
N LEU C 282 13.05 15.68 -61.67
CA LEU C 282 11.98 15.42 -62.62
C LEU C 282 11.92 16.47 -63.73
N ILE C 283 12.31 17.70 -63.41
CA ILE C 283 12.32 18.76 -64.42
C ILE C 283 13.39 18.48 -65.48
N PHE C 284 14.43 17.76 -65.10
CA PHE C 284 15.52 17.45 -66.01
C PHE C 284 15.18 16.25 -66.89
N GLU C 285 14.25 15.43 -66.43
CA GLU C 285 13.88 14.22 -67.15
C GLU C 285 12.62 14.41 -67.99
N ASP C 286 11.91 15.52 -67.74
CA ASP C 286 10.62 15.73 -68.38
C ASP C 286 10.40 17.18 -68.82
N THR C 287 10.30 18.08 -67.84
CA THR C 287 9.92 19.47 -68.10
C THR C 287 10.85 20.20 -69.09
N ILE C 288 12.15 20.17 -68.79
CA ILE C 288 13.12 20.88 -69.64
C ILE C 288 13.18 20.28 -71.05
N PRO C 289 13.30 18.94 -71.14
CA PRO C 289 13.19 18.31 -72.45
C PRO C 289 11.91 18.74 -73.17
N PHE C 290 10.76 18.65 -72.49
CA PHE C 290 9.49 19.00 -73.10
C PHE C 290 9.46 20.44 -73.63
N LEU C 291 9.99 21.36 -72.83
CA LEU C 291 9.90 22.78 -73.16
C LEU C 291 10.84 23.21 -74.27
N LYS C 292 11.86 22.41 -74.56
CA LYS C 292 12.83 22.80 -75.56
C LYS C 292 12.53 22.27 -76.97
N ARG C 293 11.86 21.12 -77.04
CA ARG C 293 11.36 20.65 -78.32
C ARG C 293 10.03 21.34 -78.60
N ASN C 294 9.79 22.44 -77.89
CA ASN C 294 8.53 23.18 -78.02
C ASN C 294 8.69 24.69 -78.18
N GLY C 295 9.84 25.11 -78.69
CA GLY C 295 10.06 26.52 -79.00
C GLY C 295 10.50 27.39 -77.84
N VAL C 296 11.17 26.78 -76.87
CA VAL C 296 11.75 27.53 -75.76
C VAL C 296 13.25 27.29 -75.72
N ASN C 297 14.02 28.36 -75.87
CA ASN C 297 15.47 28.27 -75.97
C ASN C 297 16.20 28.30 -74.62
N GLU C 298 17.50 28.01 -74.66
CA GLU C 298 18.32 27.94 -73.46
C GLU C 298 18.36 29.29 -72.74
N GLU C 299 18.07 30.35 -73.47
CA GLU C 299 18.09 31.69 -72.90
C GLU C 299 16.90 31.92 -71.97
N VAL C 300 15.77 31.31 -72.29
CA VAL C 300 14.59 31.37 -71.44
C VAL C 300 14.75 30.42 -70.25
N ILE C 301 15.30 29.25 -70.52
CA ILE C 301 15.63 28.31 -69.44
C ILE C 301 16.50 29.02 -68.41
N ALA C 302 17.49 29.77 -68.90
CA ALA C 302 18.40 30.51 -68.04
C ALA C 302 17.69 31.62 -67.28
N THR C 303 16.65 32.18 -67.89
CA THR C 303 15.86 33.22 -67.24
C THR C 303 15.09 32.68 -66.05
N ILE C 304 14.55 31.46 -66.22
CA ILE C 304 13.72 30.85 -65.19
C ILE C 304 14.54 30.32 -64.01
N PHE C 305 15.57 29.53 -64.30
CA PHE C 305 16.32 28.85 -63.25
C PHE C 305 17.57 29.59 -62.78
N LYS C 306 17.90 30.70 -63.43
CA LYS C 306 19.09 31.46 -63.07
C LYS C 306 18.83 32.94 -62.80
N GLU C 307 18.30 33.63 -63.80
CA GLU C 307 18.07 35.07 -63.69
C GLU C 307 16.96 35.42 -62.71
N ASN C 308 15.90 34.62 -62.69
CA ASN C 308 14.79 34.87 -61.80
C ASN C 308 15.13 34.62 -60.32
N PRO C 309 15.80 33.51 -60.01
CA PRO C 309 16.27 33.32 -58.63
C PRO C 309 17.18 34.46 -58.19
N LYS C 310 18.06 34.89 -59.09
CA LYS C 310 18.98 35.99 -58.78
C LYS C 310 18.22 37.28 -58.48
N LYS C 311 17.26 37.63 -59.32
CA LYS C 311 16.45 38.84 -59.11
C LYS C 311 15.72 38.76 -57.78
N PHE C 312 15.26 37.55 -57.45
CA PHE C 312 14.48 37.32 -56.24
C PHE C 312 15.30 37.62 -54.98
N PHE C 313 16.58 37.28 -55.02
CA PHE C 313 17.46 37.45 -53.88
C PHE C 313 18.32 38.70 -53.99
N SER C 314 17.89 39.66 -54.81
CA SER C 314 18.68 40.88 -55.01
C SER C 314 17.88 42.14 -54.74
N MET D 1 29.17 -9.68 20.67
CA MET D 1 28.11 -10.68 20.99
C MET D 1 26.79 -9.99 21.28
N ARG D 2 25.69 -10.59 20.83
CA ARG D 2 24.39 -9.94 20.96
C ARG D 2 23.21 -10.94 20.93
N ILE D 3 23.50 -12.21 20.69
CA ILE D 3 22.45 -13.23 20.70
C ILE D 3 22.77 -14.39 21.65
N PRO D 4 21.96 -14.54 22.71
CA PRO D 4 22.15 -15.63 23.68
C PRO D 4 21.62 -16.96 23.16
N LEU D 5 22.39 -18.01 23.37
CA LEU D 5 22.00 -19.36 22.94
C LEU D 5 21.88 -20.30 24.13
N VAL D 6 21.23 -21.43 23.92
CA VAL D 6 21.02 -22.41 24.98
C VAL D 6 22.16 -23.42 25.04
N GLY D 7 22.97 -23.34 26.09
CA GLY D 7 24.09 -24.25 26.28
C GLY D 7 25.29 -23.91 25.40
N LYS D 8 25.41 -22.63 25.05
CA LYS D 8 26.49 -22.16 24.20
C LYS D 8 26.85 -20.71 24.48
N ASP D 9 28.04 -20.30 24.06
CA ASP D 9 28.44 -18.91 24.11
C ASP D 9 27.57 -18.10 23.16
N SER D 10 27.11 -16.94 23.61
CA SER D 10 26.31 -16.06 22.77
C SER D 10 27.05 -15.68 21.50
N ILE D 11 26.33 -15.68 20.38
CA ILE D 11 26.94 -15.37 19.08
C ILE D 11 26.45 -14.03 18.53
N GLU D 12 27.18 -13.51 17.56
CA GLU D 12 26.78 -12.29 16.88
C GLU D 12 25.81 -12.64 15.76
N SER D 13 24.93 -11.71 15.42
CA SER D 13 23.90 -11.97 14.41
C SER D 13 24.48 -12.43 13.08
N LYS D 14 25.73 -12.06 12.82
CA LYS D 14 26.39 -12.40 11.56
C LYS D 14 26.65 -13.90 11.43
N ASP D 15 26.45 -14.64 12.51
CA ASP D 15 26.78 -16.06 12.53
C ASP D 15 25.56 -16.95 12.80
N ILE D 16 24.36 -16.38 12.65
CA ILE D 16 23.13 -17.12 12.87
C ILE D 16 22.96 -18.23 11.84
N GLY D 17 23.32 -17.94 10.59
CA GLY D 17 23.25 -18.93 9.51
C GLY D 17 21.85 -19.16 8.98
N PHE D 18 21.60 -20.35 8.46
CA PHE D 18 20.26 -20.70 8.00
C PHE D 18 19.36 -20.91 9.21
N THR D 19 18.25 -20.18 9.24
CA THR D 19 17.44 -20.11 10.45
C THR D 19 15.98 -20.51 10.27
N LEU D 20 15.50 -21.39 11.15
CA LEU D 20 14.08 -21.64 11.27
C LEU D 20 13.54 -20.77 12.40
N ILE D 21 12.82 -19.72 12.03
CA ILE D 21 12.44 -18.66 12.97
C ILE D 21 11.34 -19.03 13.96
N HIS D 22 10.60 -20.11 13.70
CA HIS D 22 9.47 -20.50 14.56
C HIS D 22 9.26 -21.98 14.61
N GLU D 23 9.88 -22.63 15.59
CA GLU D 23 9.71 -24.07 15.78
C GLU D 23 9.71 -24.41 17.28
N HIS D 24 8.85 -25.34 17.68
CA HIS D 24 8.75 -25.76 19.08
C HIS D 24 9.32 -27.14 19.28
N LEU D 25 10.04 -27.34 20.39
CA LEU D 25 10.62 -28.66 20.71
C LEU D 25 9.65 -29.51 21.52
N ARG D 26 8.70 -28.84 22.17
CA ARG D 26 7.74 -29.50 23.04
C ARG D 26 6.84 -28.46 23.67
N VAL D 27 5.54 -28.74 23.67
CA VAL D 27 4.55 -27.81 24.17
C VAL D 27 3.53 -28.50 25.05
N PHE D 28 3.28 -27.94 26.23
CA PHE D 28 2.19 -28.41 27.08
C PHE D 28 1.56 -27.24 27.84
N SER D 29 0.44 -27.52 28.50
CA SER D 29 -0.15 -26.55 29.41
C SER D 29 0.40 -26.83 30.80
N GLU D 30 1.18 -25.89 31.34
CA GLU D 30 1.83 -26.09 32.63
C GLU D 30 0.88 -26.61 33.70
N ALA D 31 -0.32 -26.03 33.76
CA ALA D 31 -1.30 -26.40 34.76
C ALA D 31 -1.66 -27.88 34.70
N VAL D 32 -1.78 -28.40 33.48
CA VAL D 32 -2.19 -29.77 33.28
C VAL D 32 -1.07 -30.77 33.58
N ARG D 33 0.14 -30.46 33.13
CA ARG D 33 1.27 -31.36 33.34
C ARG D 33 1.62 -31.47 34.82
N GLN D 34 1.42 -30.37 35.55
CA GLN D 34 1.74 -30.33 36.96
C GLN D 34 0.73 -31.11 37.79
N GLN D 35 -0.52 -31.15 37.32
CA GLN D 35 -1.59 -31.81 38.05
C GLN D 35 -1.80 -33.26 37.64
N TRP D 36 -1.43 -33.60 36.41
CA TRP D 36 -1.62 -34.96 35.91
C TRP D 36 -0.48 -35.42 35.04
N PRO D 37 0.65 -35.79 35.67
CA PRO D 37 1.86 -36.21 34.96
C PRO D 37 1.82 -37.64 34.42
N HIS D 38 0.73 -38.36 34.65
CA HIS D 38 0.56 -39.70 34.10
C HIS D 38 0.20 -39.57 32.65
N LEU D 39 0.13 -38.32 32.21
CA LEU D 39 -0.40 -37.97 30.90
C LEU D 39 0.75 -37.71 29.94
N TYR D 40 1.95 -37.66 30.49
CA TYR D 40 3.12 -37.24 29.71
C TYR D 40 4.23 -38.28 29.70
N ASN D 41 5.25 -38.00 28.90
CA ASN D 41 6.39 -38.90 28.80
C ASN D 41 7.61 -38.16 28.27
N GLU D 42 8.55 -37.85 29.16
CA GLU D 42 9.71 -37.05 28.81
C GLU D 42 10.75 -37.80 27.99
N ASP D 43 10.61 -39.11 27.89
CA ASP D 43 11.51 -39.91 27.07
C ASP D 43 11.09 -39.88 25.60
N GLU D 44 9.79 -40.01 25.36
CA GLU D 44 9.24 -39.88 24.02
C GLU D 44 9.42 -38.46 23.51
N GLU D 45 9.31 -37.49 24.42
CA GLU D 45 9.42 -36.08 24.07
C GLU D 45 10.86 -35.70 23.74
N PHE D 46 11.81 -36.42 24.33
CA PHE D 46 13.22 -36.16 24.07
C PHE D 46 13.63 -36.79 22.74
N ARG D 47 13.09 -37.97 22.44
CA ARG D 47 13.35 -38.61 21.16
C ARG D 47 12.84 -37.76 19.99
N ASN D 48 11.64 -37.24 20.13
CA ASN D 48 11.04 -36.41 19.07
C ASN D 48 11.88 -35.18 18.75
N ALA D 49 12.24 -34.43 19.78
CA ALA D 49 13.00 -33.19 19.59
C ALA D 49 14.39 -33.46 18.99
N VAL D 50 15.08 -34.46 19.52
CA VAL D 50 16.40 -34.81 19.04
C VAL D 50 16.40 -35.23 17.57
N ASN D 51 15.49 -36.15 17.23
CA ASN D 51 15.39 -36.64 15.86
C ASN D 51 15.05 -35.55 14.85
N GLU D 52 14.05 -34.73 15.18
CA GLU D 52 13.62 -33.64 14.30
C GLU D 52 14.72 -32.61 14.10
N VAL D 53 15.38 -32.22 15.20
CA VAL D 53 16.46 -31.25 15.13
C VAL D 53 17.64 -31.81 14.33
N LYS D 54 17.97 -33.08 14.57
CA LYS D 54 19.06 -33.73 13.85
C LYS D 54 18.85 -33.66 12.33
N ARG D 55 17.61 -33.85 11.88
N ARG D 55 17.59 -33.86 11.93
CA ARG D 55 17.35 -33.75 10.45
CA ARG D 55 17.17 -33.77 10.54
C ARG D 55 17.43 -32.31 9.97
C ARG D 55 17.41 -32.36 10.01
N ALA D 56 16.79 -31.41 10.70
CA ALA D 56 16.85 -29.99 10.33
C ALA D 56 18.30 -29.57 10.12
N MET D 57 19.20 -30.18 10.88
CA MET D 57 20.62 -29.89 10.75
C MET D 57 21.18 -30.53 9.48
N GLN D 58 20.65 -31.69 9.12
CA GLN D 58 21.08 -32.38 7.90
C GLN D 58 20.70 -31.60 6.64
N PHE D 59 19.56 -30.91 6.70
CA PHE D 59 19.14 -30.08 5.58
C PHE D 59 19.84 -28.72 5.60
N GLY D 60 20.65 -28.50 6.63
CA GLY D 60 21.52 -27.34 6.67
C GLY D 60 21.06 -26.18 7.54
N VAL D 61 20.17 -26.44 8.48
CA VAL D 61 19.72 -25.40 9.40
C VAL D 61 20.75 -25.25 10.53
N LYS D 62 21.12 -24.01 10.82
CA LYS D 62 22.13 -23.75 11.84
C LYS D 62 21.50 -23.30 13.15
N THR D 63 20.45 -22.50 13.05
CA THR D 63 19.81 -21.94 14.24
C THR D 63 18.29 -22.10 14.22
N ILE D 64 17.74 -22.49 15.36
CA ILE D 64 16.29 -22.60 15.54
C ILE D 64 15.82 -21.63 16.62
N VAL D 65 14.85 -20.79 16.28
CA VAL D 65 14.24 -19.91 17.26
C VAL D 65 13.00 -20.58 17.83
N ASP D 66 13.05 -20.94 19.11
CA ASP D 66 11.96 -21.67 19.77
C ASP D 66 11.14 -20.75 20.67
N PRO D 67 9.93 -20.40 20.21
CA PRO D 67 9.09 -19.41 20.89
C PRO D 67 8.18 -20.00 21.96
N THR D 68 8.58 -21.11 22.55
CA THR D 68 7.80 -21.72 23.63
C THR D 68 8.00 -20.94 24.92
N VAL D 69 6.93 -20.31 25.40
CA VAL D 69 6.99 -19.50 26.62
C VAL D 69 5.90 -19.89 27.61
N MET D 70 5.64 -19.02 28.59
CA MET D 70 4.59 -19.28 29.57
C MET D 70 3.26 -19.55 28.87
N GLY D 71 2.55 -20.57 29.34
CA GLY D 71 1.30 -20.98 28.71
C GLY D 71 1.55 -22.10 27.73
N LEU D 72 2.77 -22.18 27.23
CA LEU D 72 3.13 -23.21 26.26
C LEU D 72 4.10 -24.24 26.84
N GLY D 73 4.62 -23.96 28.03
CA GLY D 73 5.44 -24.92 28.76
C GLY D 73 6.94 -24.85 28.48
N ARG D 74 7.50 -23.65 28.58
CA ARG D 74 8.93 -23.46 28.41
C ARG D 74 9.70 -24.21 29.51
N ASP D 75 10.58 -25.12 29.08
CA ASP D 75 11.41 -25.88 30.02
C ASP D 75 12.88 -25.79 29.59
N ILE D 76 13.59 -24.82 30.17
CA ILE D 76 14.95 -24.51 29.73
C ILE D 76 15.92 -25.69 29.85
N ARG D 77 15.77 -26.49 30.91
CA ARG D 77 16.65 -27.64 31.12
C ARG D 77 16.42 -28.73 30.07
N PHE D 78 15.18 -28.88 29.64
CA PHE D 78 14.85 -29.81 28.56
C PHE D 78 15.51 -29.34 27.26
N MET D 79 15.36 -28.06 26.95
CA MET D 79 15.98 -27.47 25.76
C MET D 79 17.49 -27.68 25.78
N GLU D 80 18.11 -27.33 26.90
CA GLU D 80 19.55 -27.45 27.05
C GLU D 80 20.01 -28.90 26.87
N LYS D 81 19.15 -29.84 27.25
CA LYS D 81 19.47 -31.26 27.16
C LYS D 81 19.47 -31.69 25.70
N VAL D 82 18.61 -31.08 24.90
CA VAL D 82 18.53 -31.38 23.47
C VAL D 82 19.75 -30.80 22.75
N VAL D 83 20.13 -29.58 23.11
CA VAL D 83 21.28 -28.93 22.51
C VAL D 83 22.54 -29.77 22.70
N LYS D 84 22.71 -30.31 23.90
CA LYS D 84 23.84 -31.18 24.20
C LYS D 84 23.87 -32.42 23.31
N ALA D 85 22.68 -32.89 22.94
CA ALA D 85 22.57 -34.13 22.18
C ALA D 85 22.64 -33.90 20.66
N THR D 86 22.43 -32.65 20.24
CA THR D 86 22.36 -32.35 18.81
C THR D 86 23.43 -31.36 18.35
N GLY D 87 23.70 -30.34 19.16
CA GLY D 87 24.69 -29.34 18.82
C GLY D 87 24.10 -28.14 18.11
N ILE D 88 22.77 -28.13 18.01
CA ILE D 88 22.06 -27.06 17.32
C ILE D 88 22.14 -25.72 18.07
N ASN D 89 22.18 -24.64 17.32
CA ASN D 89 22.00 -23.31 17.90
C ASN D 89 20.53 -23.12 18.23
N LEU D 90 20.22 -22.90 19.51
CA LEU D 90 18.85 -22.77 19.95
C LEU D 90 18.62 -21.43 20.63
N VAL D 91 17.61 -20.69 20.18
CA VAL D 91 17.31 -19.39 20.74
C VAL D 91 16.02 -19.39 21.55
N ALA D 92 16.17 -19.47 22.88
CA ALA D 92 15.02 -19.46 23.78
C ALA D 92 14.58 -18.03 24.05
N GLY D 93 13.31 -17.88 24.41
CA GLY D 93 12.76 -16.55 24.69
C GLY D 93 11.90 -16.48 25.93
N THR D 94 11.34 -15.30 26.17
CA THR D 94 10.43 -15.08 27.29
C THR D 94 9.14 -14.48 26.75
N GLY D 95 8.13 -14.41 27.60
CA GLY D 95 6.84 -13.85 27.20
C GLY D 95 5.68 -14.63 27.79
N ILE D 96 4.46 -14.26 27.38
CA ILE D 96 3.26 -14.91 27.86
C ILE D 96 2.31 -15.26 26.72
N TYR D 97 1.88 -16.51 26.66
CA TYR D 97 0.99 -16.98 25.61
C TYR D 97 -0.44 -17.13 26.14
N ILE D 98 -1.28 -16.14 25.84
CA ILE D 98 -2.67 -16.16 26.29
C ILE D 98 -3.58 -15.54 25.24
N TYR D 99 -4.81 -16.04 25.15
CA TYR D 99 -5.79 -15.49 24.21
C TYR D 99 -6.72 -14.49 24.87
N ILE D 100 -7.05 -14.73 26.14
CA ILE D 100 -8.06 -13.91 26.82
C ILE D 100 -7.56 -13.24 28.09
N ASP D 101 -7.29 -14.04 29.13
N ASP D 101 -7.27 -14.05 29.11
CA ASP D 101 -6.88 -13.48 30.41
CA ASP D 101 -6.91 -13.55 30.42
C ASP D 101 -5.63 -14.12 31.00
C ASP D 101 -5.59 -14.11 30.93
N LEU D 102 -4.94 -13.37 31.84
CA LEU D 102 -3.70 -13.81 32.46
C LEU D 102 -3.98 -14.76 33.62
N PRO D 103 -2.99 -15.61 33.95
CA PRO D 103 -3.12 -16.45 35.14
C PRO D 103 -3.38 -15.56 36.35
N PHE D 104 -4.03 -16.13 37.37
CA PHE D 104 -4.52 -15.33 38.50
C PHE D 104 -3.46 -14.48 39.19
N TYR D 105 -2.23 -14.99 39.23
CA TYR D 105 -1.11 -14.28 39.84
C TYR D 105 -1.06 -12.79 39.44
N PHE D 106 -1.53 -12.49 38.24
CA PHE D 106 -1.40 -11.15 37.67
C PHE D 106 -2.51 -10.19 38.06
N LEU D 107 -3.46 -10.66 38.87
CA LEU D 107 -4.54 -9.80 39.34
C LEU D 107 -4.00 -8.62 40.15
N ASN D 108 -4.39 -7.42 39.75
CA ASN D 108 -3.93 -6.18 40.42
C ASN D 108 -2.41 -6.01 40.36
N ARG D 109 -1.82 -6.45 39.25
CA ARG D 109 -0.40 -6.24 39.01
C ARG D 109 -0.21 -5.38 37.75
N SER D 110 0.79 -4.51 37.77
CA SER D 110 0.99 -3.54 36.71
C SER D 110 1.68 -4.13 35.48
N ILE D 111 1.71 -3.35 34.41
CA ILE D 111 2.40 -3.74 33.18
C ILE D 111 3.90 -3.83 33.43
N ASP D 112 4.38 -3.04 34.39
CA ASP D 112 5.80 -2.93 34.66
C ASP D 112 6.40 -4.18 35.29
N GLU D 113 5.67 -4.82 36.20
CA GLU D 113 6.18 -6.04 36.83
C GLU D 113 6.03 -7.26 35.93
N ILE D 114 5.15 -7.16 34.93
CA ILE D 114 5.11 -8.17 33.89
C ILE D 114 6.38 -8.02 33.06
N ALA D 115 6.65 -6.79 32.65
CA ALA D 115 7.85 -6.47 31.89
C ALA D 115 9.11 -6.89 32.65
N ASP D 116 9.06 -6.77 33.98
CA ASP D 116 10.20 -7.15 34.81
C ASP D 116 10.48 -8.65 34.72
N LEU D 117 9.43 -9.43 34.51
CA LEU D 117 9.58 -10.87 34.34
C LEU D 117 10.32 -11.18 33.05
N PHE D 118 9.93 -10.49 31.97
CA PHE D 118 10.60 -10.66 30.69
C PHE D 118 12.07 -10.23 30.81
N ILE D 119 12.29 -9.07 31.41
CA ILE D 119 13.63 -8.52 31.55
C ILE D 119 14.54 -9.41 32.39
N HIS D 120 13.96 -10.11 33.37
CA HIS D 120 14.72 -11.04 34.17
C HIS D 120 15.28 -12.14 33.32
N ASP D 121 14.43 -12.70 32.45
CA ASP D 121 14.84 -13.78 31.56
C ASP D 121 15.87 -13.32 30.54
N ILE D 122 15.75 -12.07 30.10
CA ILE D 122 16.69 -11.50 29.13
C ILE D 122 18.04 -11.20 29.78
N LYS D 123 18.01 -10.57 30.96
CA LYS D 123 19.21 -10.04 31.60
C LYS D 123 19.96 -11.01 32.51
N GLU D 124 19.23 -11.85 33.23
CA GLU D 124 19.85 -12.70 34.25
C GLU D 124 19.87 -14.18 33.84
N GLY D 125 18.74 -14.65 33.34
CA GLY D 125 18.62 -16.05 32.93
C GLY D 125 17.18 -16.54 32.97
N ILE D 126 17.00 -17.80 32.59
CA ILE D 126 15.68 -18.40 32.57
C ILE D 126 15.57 -19.54 33.58
N GLN D 127 14.67 -19.39 34.54
CA GLN D 127 14.35 -20.46 35.47
C GLN D 127 15.56 -20.87 36.31
N GLY D 128 16.16 -19.89 36.98
CA GLY D 128 17.30 -20.14 37.86
C GLY D 128 18.53 -20.64 37.12
N THR D 129 18.59 -20.36 35.82
CA THR D 129 19.74 -20.77 35.02
C THR D 129 20.42 -19.58 34.36
N LEU D 130 21.51 -19.84 33.65
CA LEU D 130 22.28 -18.79 33.01
C LEU D 130 21.89 -18.61 31.54
N ASN D 131 21.13 -19.56 31.01
CA ASN D 131 20.59 -19.45 29.67
C ASN D 131 19.66 -18.23 29.58
N LYS D 132 19.85 -17.39 28.58
CA LYS D 132 19.11 -16.13 28.50
C LYS D 132 18.18 -16.01 27.29
N ALA D 133 17.09 -15.27 27.48
CA ALA D 133 16.08 -15.09 26.44
C ALA D 133 16.56 -14.12 25.37
N GLY D 134 16.29 -14.46 24.11
CA GLY D 134 16.74 -13.64 22.98
C GLY D 134 15.63 -12.83 22.36
N PHE D 135 14.40 -13.04 22.85
CA PHE D 135 13.25 -12.35 22.29
C PHE D 135 12.04 -12.45 23.22
N VAL D 136 11.01 -11.66 22.92
CA VAL D 136 9.74 -11.75 23.64
C VAL D 136 8.67 -12.35 22.74
N KCX D 137 7.80 -13.17 23.33
CA KCX D 137 6.69 -13.77 22.59
CB KCX D 137 6.75 -15.30 22.65
CG KCX D 137 6.29 -15.94 21.33
CD KCX D 137 4.77 -16.05 21.25
CE KCX D 137 4.30 -16.71 19.95
NZ KCX D 137 4.55 -18.15 19.91
C KCX D 137 5.39 -13.33 23.18
O KCX D 137 5.13 -13.55 24.36
CX KCX D 137 3.85 -18.98 19.13
OQ1 KCX D 137 4.06 -20.20 19.11
OQ2 KCX D 137 2.89 -18.51 18.35
N ILE D 138 4.56 -12.70 22.37
CA ILE D 138 3.22 -12.29 22.79
C ILE D 138 2.17 -12.93 21.88
N ALA D 139 0.92 -12.98 22.34
CA ALA D 139 -0.12 -13.66 21.57
C ALA D 139 -1.46 -12.92 21.54
N ALA D 140 -2.28 -13.28 20.57
CA ALA D 140 -3.63 -12.77 20.43
C ALA D 140 -4.34 -13.60 19.37
N ASP D 141 -5.61 -13.94 19.61
CA ASP D 141 -6.32 -14.84 18.70
C ASP D 141 -7.77 -14.41 18.45
N GLU D 142 -8.68 -15.38 18.48
N GLU D 142 -8.68 -15.38 18.51
CA GLU D 142 -10.10 -15.14 18.19
CA GLU D 142 -10.09 -15.14 18.20
C GLU D 142 -10.70 -14.01 19.04
C GLU D 142 -10.70 -14.02 19.03
N PRO D 143 -10.43 -14.02 20.35
CA PRO D 143 -10.96 -12.99 21.25
C PRO D 143 -10.54 -11.57 20.87
N GLY D 144 -9.45 -11.45 20.12
CA GLY D 144 -8.93 -10.14 19.73
C GLY D 144 -8.04 -9.53 20.77
N ILE D 145 -7.94 -8.20 20.76
CA ILE D 145 -7.09 -7.47 21.70
C ILE D 145 -7.83 -7.17 23.00
N THR D 146 -7.69 -8.06 23.97
CA THR D 146 -8.33 -7.88 25.28
C THR D 146 -7.45 -7.06 26.20
N LYS D 147 -7.94 -6.78 27.40
CA LYS D 147 -7.17 -6.06 28.41
C LYS D 147 -5.86 -6.78 28.74
N ASP D 148 -5.98 -8.02 29.20
CA ASP D 148 -4.81 -8.80 29.60
C ASP D 148 -3.85 -9.07 28.44
N VAL D 149 -4.39 -9.13 27.23
CA VAL D 149 -3.57 -9.30 26.04
C VAL D 149 -2.76 -8.03 25.77
N GLU D 150 -3.44 -6.89 25.87
CA GLU D 150 -2.80 -5.59 25.64
C GLU D 150 -1.72 -5.30 26.69
N LYS D 151 -1.96 -5.73 27.92
CA LYS D 151 -0.97 -5.57 28.98
C LYS D 151 0.33 -6.25 28.59
N VAL D 152 0.24 -7.48 28.11
CA VAL D 152 1.42 -8.24 27.72
C VAL D 152 2.09 -7.60 26.50
N ILE D 153 1.28 -7.00 25.63
CA ILE D 153 1.80 -6.31 24.45
C ILE D 153 2.65 -5.11 24.84
N ARG D 154 2.10 -4.26 25.70
CA ARG D 154 2.81 -3.05 26.13
C ARG D 154 4.00 -3.39 27.03
N ALA D 155 3.90 -4.51 27.74
CA ALA D 155 5.00 -4.99 28.57
C ALA D 155 6.14 -5.51 27.69
N ALA D 156 5.77 -6.13 26.58
CA ALA D 156 6.76 -6.62 25.62
C ALA D 156 7.55 -5.44 25.06
N ALA D 157 6.86 -4.35 24.77
CA ALA D 157 7.47 -3.13 24.28
C ALA D 157 8.53 -2.63 25.26
N ILE D 158 8.15 -2.56 26.52
CA ILE D 158 9.07 -2.10 27.57
C ILE D 158 10.32 -2.97 27.61
N ALA D 159 10.12 -4.29 27.54
CA ALA D 159 11.24 -5.22 27.53
C ALA D 159 12.20 -4.92 26.39
N ASN D 160 11.65 -4.78 25.18
CA ASN D 160 12.44 -4.46 24.01
C ASN D 160 13.20 -3.14 24.17
N LYS D 161 12.49 -2.10 24.61
CA LYS D 161 13.09 -0.78 24.77
C LYS D 161 14.29 -0.81 25.71
N GLU D 162 14.22 -1.65 26.73
CA GLU D 162 15.28 -1.68 27.75
C GLU D 162 16.39 -2.68 27.41
N THR D 163 16.09 -3.63 26.54
CA THR D 163 17.07 -4.67 26.20
C THR D 163 17.29 -4.78 24.69
N LYS D 164 16.33 -4.27 23.92
CA LYS D 164 16.42 -4.25 22.46
C LYS D 164 16.59 -5.63 21.83
N VAL D 165 15.93 -6.63 22.41
CA VAL D 165 15.75 -7.91 21.76
C VAL D 165 14.46 -7.84 20.96
N PRO D 166 14.35 -8.65 19.89
CA PRO D 166 13.20 -8.54 19.00
C PRO D 166 11.94 -9.17 19.58
N ILE D 167 10.81 -8.89 18.95
CA ILE D 167 9.52 -9.43 19.41
C ILE D 167 8.88 -10.33 18.35
N ILE D 168 8.60 -11.56 18.75
CA ILE D 168 7.89 -12.50 17.89
C ILE D 168 6.45 -12.62 18.37
N THR D 169 5.49 -12.41 17.48
CA THR D 169 4.10 -12.45 17.87
C THR D 169 3.35 -13.63 17.26
N HIS D 170 2.27 -14.03 17.92
CA HIS D 170 1.34 -15.01 17.39
C HIS D 170 0.02 -14.33 17.23
N SER D 171 -0.55 -14.36 16.02
CA SER D 171 -1.82 -13.68 15.77
C SER D 171 -2.77 -14.51 14.93
N ASN D 172 -4.02 -14.08 14.88
CA ASN D 172 -5.02 -14.69 14.01
C ASN D 172 -5.08 -13.94 12.68
N ALA D 173 -4.88 -14.68 11.59
CA ALA D 173 -4.71 -14.07 10.28
C ALA D 173 -5.98 -13.41 9.73
N HIS D 174 -7.14 -13.81 10.25
CA HIS D 174 -8.41 -13.38 9.67
C HIS D 174 -9.16 -12.37 10.50
N ASN D 175 -8.50 -11.77 11.48
CA ASN D 175 -9.23 -10.87 12.38
C ASN D 175 -8.64 -9.49 12.62
N ASN D 176 -7.35 -9.32 12.34
CA ASN D 176 -6.72 -8.00 12.50
C ASN D 176 -5.70 -7.90 13.63
N THR D 177 -5.64 -8.95 14.45
CA THR D 177 -4.77 -8.96 15.61
C THR D 177 -3.32 -8.63 15.28
N GLY D 178 -2.84 -9.18 14.16
CA GLY D 178 -1.47 -8.90 13.73
C GLY D 178 -1.22 -7.43 13.48
N LEU D 179 -2.16 -6.78 12.79
CA LEU D 179 -2.08 -5.35 12.55
C LEU D 179 -2.10 -4.58 13.85
N GLU D 180 -2.99 -4.97 14.76
CA GLU D 180 -3.16 -4.27 16.03
C GLU D 180 -1.96 -4.42 16.95
N GLN D 181 -1.39 -5.62 17.00
CA GLN D 181 -0.19 -5.84 17.79
C GLN D 181 0.90 -4.88 17.34
N GLN D 182 1.01 -4.74 16.02
CA GLN D 182 2.01 -3.85 15.44
C GLN D 182 1.73 -2.40 15.78
N ARG D 183 0.49 -1.98 15.60
CA ARG D 183 0.09 -0.61 15.89
C ARG D 183 0.49 -0.22 17.30
N ILE D 184 0.25 -1.14 18.25
CA ILE D 184 0.55 -0.90 19.65
C ILE D 184 2.05 -0.80 19.90
N LEU D 185 2.78 -1.83 19.51
CA LEU D 185 4.21 -1.90 19.76
C LEU D 185 4.96 -0.67 19.27
N THR D 186 4.62 -0.20 18.08
CA THR D 186 5.27 0.98 17.51
C THR D 186 4.84 2.26 18.23
N GLU D 187 3.59 2.32 18.65
CA GLU D 187 3.11 3.44 19.44
C GLU D 187 3.87 3.53 20.76
N GLU D 188 4.22 2.36 21.30
CA GLU D 188 5.01 2.30 22.53
C GLU D 188 6.47 2.65 22.27
N GLY D 189 6.85 2.69 21.00
CA GLY D 189 8.19 3.11 20.62
C GLY D 189 9.09 2.00 20.11
N VAL D 190 8.49 0.86 19.74
CA VAL D 190 9.25 -0.25 19.20
C VAL D 190 9.56 -0.03 17.73
N ASP D 191 10.77 -0.41 17.32
CA ASP D 191 11.19 -0.31 15.93
C ASP D 191 10.47 -1.36 15.08
N PRO D 192 9.68 -0.91 14.11
CA PRO D 192 8.91 -1.81 13.26
C PRO D 192 9.72 -3.01 12.78
N GLY D 193 11.01 -2.81 12.54
CA GLY D 193 11.89 -3.86 12.05
C GLY D 193 12.33 -4.85 13.11
N LYS D 194 11.91 -4.59 14.34
CA LYS D 194 12.22 -5.48 15.46
C LYS D 194 11.02 -6.34 15.83
N ILE D 195 10.01 -6.32 14.96
CA ILE D 195 8.79 -7.10 15.20
C ILE D 195 8.56 -8.14 14.11
N LEU D 196 8.16 -9.33 14.53
CA LEU D 196 7.76 -10.38 13.61
C LEU D 196 6.31 -10.77 13.86
N ILE D 197 5.41 -10.24 13.04
CA ILE D 197 3.99 -10.60 13.14
C ILE D 197 3.77 -11.98 12.57
N GLY D 198 3.33 -12.91 13.41
CA GLY D 198 3.24 -14.31 13.01
C GLY D 198 1.90 -14.76 12.49
N HIS D 199 1.93 -15.88 11.77
CA HIS D 199 0.72 -16.58 11.34
C HIS D 199 -0.01 -15.91 10.20
N LEU D 200 0.65 -14.99 9.52
CA LEU D 200 0.07 -14.33 8.35
C LEU D 200 -0.05 -15.29 7.18
N GLY D 201 0.59 -16.45 7.32
CA GLY D 201 0.58 -17.48 6.27
C GLY D 201 -0.67 -18.34 6.33
N ASP D 202 -1.53 -18.06 7.30
CA ASP D 202 -2.78 -18.80 7.46
C ASP D 202 -3.86 -18.24 6.54
N THR D 203 -3.53 -17.18 5.80
CA THR D 203 -4.49 -16.53 4.93
C THR D 203 -3.89 -16.24 3.56
N ASP D 204 -4.76 -16.00 2.58
CA ASP D 204 -4.31 -15.60 1.25
C ASP D 204 -4.78 -14.20 0.92
N ASN D 205 -5.33 -13.50 1.91
CA ASN D 205 -5.63 -12.09 1.76
C ASN D 205 -4.31 -11.32 1.68
N ILE D 206 -3.73 -11.32 0.48
CA ILE D 206 -2.39 -10.80 0.29
C ILE D 206 -2.30 -9.30 0.54
N ASP D 207 -3.43 -8.61 0.48
CA ASP D 207 -3.49 -7.19 0.79
C ASP D 207 -3.19 -6.96 2.27
N TYR D 208 -3.84 -7.75 3.13
CA TYR D 208 -3.65 -7.66 4.57
C TYR D 208 -2.20 -7.97 4.94
N ILE D 209 -1.64 -9.02 4.35
CA ILE D 209 -0.26 -9.42 4.64
C ILE D 209 0.72 -8.34 4.18
N LYS D 210 0.35 -7.62 3.13
CA LYS D 210 1.20 -6.56 2.59
C LYS D 210 1.16 -5.30 3.45
N LYS D 211 -0.01 -4.97 3.99
CA LYS D 211 -0.16 -3.77 4.80
C LYS D 211 0.70 -3.82 6.05
N ILE D 212 0.98 -5.04 6.53
CA ILE D 212 1.82 -5.23 7.71
C ILE D 212 3.29 -5.09 7.35
N ALA D 213 3.66 -5.56 6.17
CA ALA D 213 5.03 -5.43 5.69
C ALA D 213 5.33 -3.98 5.35
N ASP D 214 4.31 -3.27 4.83
CA ASP D 214 4.45 -1.87 4.47
C ASP D 214 4.82 -1.02 5.69
N LYS D 215 4.21 -1.33 6.83
CA LYS D 215 4.45 -0.56 8.05
C LYS D 215 5.77 -0.95 8.73
N GLY D 216 6.50 -1.87 8.13
CA GLY D 216 7.89 -2.12 8.51
C GLY D 216 8.23 -3.41 9.24
N SER D 217 7.26 -4.29 9.42
CA SER D 217 7.50 -5.52 10.19
C SER D 217 7.66 -6.77 9.32
N PHE D 218 8.44 -7.72 9.82
CA PHE D 218 8.58 -9.03 9.16
C PHE D 218 7.24 -9.76 9.19
N ILE D 219 6.88 -10.40 8.07
CA ILE D 219 5.62 -11.14 8.00
C ILE D 219 5.85 -12.63 8.18
N GLY D 220 4.91 -13.28 8.88
CA GLY D 220 5.09 -14.67 9.29
C GLY D 220 4.35 -15.71 8.47
N LEU D 221 4.95 -16.11 7.35
CA LEU D 221 4.47 -17.25 6.60
C LEU D 221 5.09 -18.48 7.27
N ASP D 222 4.59 -18.79 8.47
CA ASP D 222 5.34 -19.60 9.43
C ASP D 222 4.65 -20.85 9.94
N ARG D 223 3.58 -21.27 9.28
CA ARG D 223 2.87 -22.47 9.71
C ARG D 223 2.80 -23.52 8.60
N TYR D 224 3.90 -23.72 7.89
CA TYR D 224 3.96 -24.68 6.80
C TYR D 224 3.77 -26.13 7.28
N GLY D 225 2.70 -26.75 6.80
CA GLY D 225 2.37 -28.13 7.16
C GLY D 225 1.00 -28.25 7.80
N LEU D 226 0.51 -27.14 8.34
CA LEU D 226 -0.77 -27.11 9.02
C LEU D 226 -1.89 -26.68 8.06
N ASP D 227 -2.36 -27.63 7.24
CA ASP D 227 -3.42 -27.36 6.28
C ASP D 227 -4.69 -26.95 7.00
N LEU D 228 -4.84 -27.45 8.23
CA LEU D 228 -5.89 -27.01 9.14
C LEU D 228 -6.12 -25.51 9.01
N PHE D 229 -5.04 -24.75 8.89
CA PHE D 229 -5.12 -23.30 8.78
C PHE D 229 -5.04 -22.83 7.32
N LEU D 230 -4.18 -23.48 6.54
CA LEU D 230 -4.10 -23.22 5.12
C LEU D 230 -3.22 -24.26 4.45
N PRO D 231 -3.73 -24.87 3.36
CA PRO D 231 -3.04 -25.95 2.64
C PRO D 231 -1.69 -25.52 2.07
N VAL D 232 -0.74 -26.43 2.08
CA VAL D 232 0.62 -26.16 1.62
C VAL D 232 0.65 -25.40 0.29
N ASP D 233 -0.10 -25.89 -0.69
CA ASP D 233 -0.04 -25.33 -2.04
C ASP D 233 -0.60 -23.90 -2.14
N LYS D 234 -1.62 -23.59 -1.35
CA LYS D 234 -2.15 -22.22 -1.33
C LYS D 234 -1.20 -21.27 -0.62
N ARG D 235 -0.38 -21.80 0.28
CA ARG D 235 0.64 -20.99 0.94
C ARG D 235 1.76 -20.66 -0.03
N ASN D 236 2.25 -21.69 -0.73
CA ASN D 236 3.29 -21.50 -1.74
C ASN D 236 2.92 -20.44 -2.77
N GLU D 237 1.67 -20.44 -3.20
CA GLU D 237 1.19 -19.50 -4.20
C GLU D 237 1.06 -18.09 -3.63
N THR D 238 0.99 -18.00 -2.30
CA THR D 238 0.91 -16.71 -1.63
C THR D 238 2.31 -16.18 -1.35
N THR D 239 3.20 -17.08 -0.96
CA THR D 239 4.60 -16.76 -0.78
C THR D 239 5.18 -16.23 -2.07
N LEU D 240 4.91 -16.97 -3.15
CA LEU D 240 5.44 -16.65 -4.47
C LEU D 240 5.00 -15.26 -4.92
N ARG D 241 3.69 -15.01 -4.95
N ARG D 241 3.70 -15.01 -4.96
CA ARG D 241 3.16 -13.71 -5.34
CA ARG D 241 3.17 -13.71 -5.34
C ARG D 241 3.86 -12.58 -4.60
C ARG D 241 3.94 -12.61 -4.61
N LEU D 242 4.17 -12.82 -3.32
CA LEU D 242 4.83 -11.82 -2.48
C LEU D 242 6.28 -11.58 -2.88
N ILE D 243 7.02 -12.65 -3.12
CA ILE D 243 8.38 -12.53 -3.61
C ILE D 243 8.37 -11.77 -4.93
N LYS D 244 7.46 -12.15 -5.82
CA LYS D 244 7.32 -11.48 -7.11
C LYS D 244 6.93 -10.01 -6.97
N ASP D 245 6.20 -9.69 -5.92
CA ASP D 245 5.78 -8.31 -5.69
C ASP D 245 6.81 -7.53 -4.88
N GLY D 246 7.93 -8.19 -4.57
CA GLY D 246 9.05 -7.53 -3.89
C GLY D 246 8.84 -7.38 -2.40
N TYR D 247 8.66 -8.51 -1.70
CA TYR D 247 8.45 -8.48 -0.27
C TYR D 247 9.31 -9.52 0.46
N SER D 248 10.27 -10.11 -0.27
CA SER D 248 11.18 -11.10 0.34
C SER D 248 12.01 -10.44 1.44
N ASP D 249 12.04 -9.12 1.38
CA ASP D 249 12.79 -8.43 2.42
CA ASP D 249 12.53 -8.14 2.37
C ASP D 249 12.09 -8.44 3.80
N LYS D 250 10.86 -8.93 3.87
CA LYS D 250 10.14 -9.03 5.14
C LYS D 250 9.66 -10.46 5.38
N ILE D 251 9.76 -11.29 4.36
CA ILE D 251 9.26 -12.66 4.44
C ILE D 251 10.16 -13.56 5.27
N MET D 252 9.57 -14.18 6.29
CA MET D 252 10.25 -15.22 7.05
C MET D 252 9.37 -16.47 7.07
N ILE D 253 9.97 -17.62 6.80
CA ILE D 253 9.21 -18.84 6.59
C ILE D 253 9.57 -19.91 7.64
N SER D 254 8.54 -20.64 8.09
CA SER D 254 8.74 -21.66 9.11
C SER D 254 7.53 -22.61 9.16
N HIS D 255 7.57 -23.58 10.05
CA HIS D 255 6.50 -24.59 10.13
C HIS D 255 5.65 -24.46 11.37
N ASP D 256 6.24 -24.00 12.46
CA ASP D 256 5.57 -23.94 13.76
C ASP D 256 5.35 -25.37 14.29
N TYR D 257 6.14 -26.30 13.77
CA TYR D 257 6.03 -27.70 14.15
C TYR D 257 6.35 -27.91 15.62
N CYS D 258 5.51 -28.70 16.29
CA CYS D 258 5.76 -29.10 17.67
C CYS D 258 6.10 -30.58 17.70
N CYS D 259 7.36 -30.90 18.02
CA CYS D 259 7.80 -32.29 18.08
C CYS D 259 6.79 -33.12 18.86
N THR D 260 6.47 -32.68 20.07
CA THR D 260 5.35 -33.23 20.83
C THR D 260 4.47 -32.08 21.33
N ILE D 261 3.16 -32.29 21.28
CA ILE D 261 2.22 -31.26 21.75
C ILE D 261 1.02 -31.90 22.46
N ASP D 262 0.67 -31.37 23.62
CA ASP D 262 -0.38 -31.95 24.46
C ASP D 262 -1.79 -31.62 23.97
N TRP D 263 -1.92 -30.57 23.16
CA TRP D 263 -3.22 -30.18 22.61
C TRP D 263 -3.94 -31.35 22.02
N GLY D 264 -5.27 -31.33 22.12
CA GLY D 264 -6.10 -32.45 21.65
C GLY D 264 -6.34 -32.48 20.15
N THR D 265 -6.17 -31.33 19.49
CA THR D 265 -6.34 -31.26 18.04
C THR D 265 -5.16 -31.93 17.35
N ALA D 266 -4.02 -31.97 18.04
CA ALA D 266 -2.81 -32.55 17.50
C ALA D 266 -2.68 -34.03 17.84
N LYS D 267 -3.82 -34.70 18.05
CA LYS D 267 -3.83 -36.12 18.32
C LYS D 267 -3.40 -36.93 17.10
N PRO D 268 -2.69 -38.05 17.34
CA PRO D 268 -2.22 -38.92 16.27
C PRO D 268 -3.34 -39.65 15.53
N GLU D 269 -4.37 -38.91 15.13
CA GLU D 269 -5.42 -39.44 14.27
C GLU D 269 -6.11 -38.35 13.44
N TYR D 270 -6.09 -37.13 13.96
CA TYR D 270 -6.56 -35.98 13.20
C TYR D 270 -5.43 -35.53 12.28
N LYS D 271 -4.29 -36.21 12.40
CA LYS D 271 -3.07 -35.82 11.71
C LYS D 271 -3.27 -35.77 10.20
N PRO D 272 -3.65 -36.91 9.60
CA PRO D 272 -3.80 -37.03 8.14
C PRO D 272 -4.73 -35.99 7.53
N LYS D 273 -5.78 -35.61 8.26
CA LYS D 273 -6.79 -34.72 7.71
C LYS D 273 -6.55 -33.24 8.04
N LEU D 274 -5.66 -32.98 9.00
CA LEU D 274 -5.43 -31.61 9.46
C LEU D 274 -4.03 -31.08 9.16
N ALA D 275 -3.03 -31.96 9.23
CA ALA D 275 -1.65 -31.56 9.01
C ALA D 275 -0.76 -32.77 8.72
N PRO D 276 -1.03 -33.45 7.59
CA PRO D 276 -0.40 -34.72 7.21
C PRO D 276 1.12 -34.66 7.01
N ARG D 277 1.62 -33.61 6.36
CA ARG D 277 3.05 -33.53 6.05
C ARG D 277 3.77 -32.52 6.93
N TRP D 278 3.10 -32.09 7.98
CA TRP D 278 3.64 -31.19 8.98
C TRP D 278 4.86 -31.78 9.62
N SER D 279 6.02 -31.20 9.33
CA SER D 279 7.27 -31.57 9.99
C SER D 279 8.18 -30.35 9.98
N ILE D 280 9.37 -30.48 10.53
CA ILE D 280 10.26 -29.32 10.67
C ILE D 280 11.17 -29.13 9.45
N THR D 281 10.95 -29.94 8.41
CA THR D 281 11.82 -29.92 7.25
C THR D 281 11.04 -29.83 5.94
N LEU D 282 9.72 -29.75 6.04
CA LEU D 282 8.87 -29.77 4.85
C LEU D 282 9.26 -28.73 3.80
N ILE D 283 9.44 -27.49 4.22
CA ILE D 283 9.78 -26.43 3.27
C ILE D 283 10.98 -26.84 2.42
N PHE D 284 11.83 -27.70 2.97
CA PHE D 284 13.00 -28.20 2.25
C PHE D 284 12.58 -29.23 1.20
N GLU D 285 11.50 -29.94 1.48
CA GLU D 285 11.03 -31.01 0.60
C GLU D 285 10.02 -30.48 -0.41
N ASP D 286 9.53 -29.28 -0.17
CA ASP D 286 8.42 -28.75 -0.95
C ASP D 286 8.58 -27.27 -1.32
N THR D 287 8.46 -26.39 -0.34
CA THR D 287 8.41 -24.95 -0.58
C THR D 287 9.60 -24.42 -1.38
N ILE D 288 10.81 -24.75 -0.95
CA ILE D 288 12.01 -24.25 -1.61
C ILE D 288 12.12 -24.78 -3.05
N PRO D 289 12.12 -26.11 -3.20
CA PRO D 289 12.10 -26.70 -4.54
C PRO D 289 11.03 -26.06 -5.43
N PHE D 290 9.85 -25.83 -4.87
CA PHE D 290 8.77 -25.17 -5.60
C PHE D 290 9.22 -23.82 -6.15
N LEU D 291 9.89 -23.05 -5.31
CA LEU D 291 10.33 -21.70 -5.67
C LEU D 291 11.52 -21.71 -6.62
N LYS D 292 12.52 -22.55 -6.31
CA LYS D 292 13.70 -22.64 -7.14
C LYS D 292 13.34 -22.92 -8.60
N ARG D 293 12.18 -23.53 -8.80
CA ARG D 293 11.73 -23.91 -10.13
C ARG D 293 10.63 -22.99 -10.64
N ASN D 294 10.40 -21.88 -9.93
CA ASN D 294 9.37 -20.93 -10.34
C ASN D 294 9.88 -19.50 -10.50
N GLY D 295 11.11 -19.38 -10.98
CA GLY D 295 11.68 -18.06 -11.28
C GLY D 295 12.21 -17.31 -10.09
N VAL D 296 12.30 -17.98 -8.94
CA VAL D 296 12.88 -17.35 -7.75
C VAL D 296 14.37 -17.64 -7.63
N ASN D 297 15.10 -16.62 -7.20
CA ASN D 297 16.55 -16.62 -7.16
C ASN D 297 17.12 -17.23 -5.88
N GLU D 298 18.28 -17.88 -5.98
CA GLU D 298 18.94 -18.42 -4.80
C GLU D 298 19.31 -17.32 -3.81
N GLU D 299 19.34 -16.08 -4.32
CA GLU D 299 19.61 -14.91 -3.50
C GLU D 299 18.44 -14.62 -2.58
N VAL D 300 17.23 -14.91 -3.08
CA VAL D 300 16.01 -14.69 -2.31
C VAL D 300 15.89 -15.69 -1.16
N ILE D 301 16.31 -16.94 -1.41
CA ILE D 301 16.32 -17.97 -0.39
C ILE D 301 17.18 -17.54 0.79
N ALA D 302 18.31 -16.92 0.49
CA ALA D 302 19.24 -16.45 1.52
C ALA D 302 18.67 -15.21 2.22
N THR D 303 18.02 -14.34 1.44
CA THR D 303 17.40 -13.15 2.01
C THR D 303 16.37 -13.53 3.05
N ILE D 304 15.58 -14.56 2.75
CA ILE D 304 14.53 -15.02 3.66
C ILE D 304 15.09 -15.74 4.89
N PHE D 305 16.01 -16.68 4.67
CA PHE D 305 16.43 -17.59 5.72
C PHE D 305 17.74 -17.24 6.42
N LYS D 306 18.49 -16.28 5.86
CA LYS D 306 19.78 -15.92 6.44
C LYS D 306 19.87 -14.44 6.83
N GLU D 307 19.65 -13.57 5.86
N GLU D 307 19.61 -13.56 5.89
CA GLU D 307 19.76 -12.12 6.08
CA GLU D 307 19.79 -12.13 6.11
C GLU D 307 18.65 -11.57 6.96
C GLU D 307 18.65 -11.49 6.90
N ASN D 308 17.42 -11.98 6.69
CA ASN D 308 16.27 -11.46 7.42
C ASN D 308 16.30 -11.73 8.92
N PRO D 309 16.57 -12.99 9.32
CA PRO D 309 16.73 -13.29 10.73
C PRO D 309 17.88 -12.49 11.35
N LYS D 310 18.98 -12.37 10.61
CA LYS D 310 20.14 -11.59 11.07
C LYS D 310 19.72 -10.18 11.46
N LYS D 311 19.13 -9.45 10.51
CA LYS D 311 18.64 -8.09 10.78
C LYS D 311 17.75 -8.11 12.00
N PHE D 312 16.73 -8.97 11.96
CA PHE D 312 15.79 -9.13 13.06
C PHE D 312 16.50 -9.08 14.42
N PHE D 313 17.66 -9.73 14.50
CA PHE D 313 18.43 -9.76 15.74
C PHE D 313 19.56 -8.73 15.74
N SER D 314 19.30 -7.56 15.16
CA SER D 314 20.34 -6.53 15.06
C SER D 314 19.79 -5.13 15.28
FE FE2 E . -3.24 21.23 -17.47
CO CO F . -6.18 21.48 -19.67
C1 FST G . -0.81 23.94 -20.04
S2 FST G . -2.43 23.95 -19.64
O3 FST G . -2.72 22.87 -18.44
C4 FST G . -2.86 25.44 -19.21
C5 FST G . -3.65 26.21 -20.05
C6 FST G . -4.02 27.51 -19.70
C7 FST G . -3.60 28.04 -18.49
C8 FST G . -2.81 27.27 -17.64
C9 FST G . -2.44 25.98 -18.00
O10 FST G . -3.96 29.32 -18.11
P11 FST G . -3.78 30.61 -19.05
S12 FST G . -3.49 32.24 -18.01
O13 FST G . -2.57 30.27 -20.07
C14 FST G . -1.26 30.02 -19.57
C15 FST G . -1.12 30.63 -18.19
O16 FST G . -5.11 30.69 -19.96
C17 FST G . -5.06 31.23 -21.28
C18 FST G . -5.81 30.32 -22.22
C1 GOL H . -12.29 -1.84 -19.25
O1 GOL H . -12.63 -2.23 -20.58
C2 GOL H . -11.48 -0.55 -19.28
O2 GOL H . -10.30 -0.72 -18.49
C3 GOL H . -12.31 0.59 -18.73
O3 GOL H . -13.15 1.12 -19.77
C1 GOL I . 5.16 24.09 5.23
O1 GOL I . 4.41 22.94 4.85
C2 GOL I . 5.13 25.13 4.10
O2 GOL I . 4.20 26.16 4.42
C3 GOL I . 6.52 25.72 3.91
O3 GOL I . 7.03 26.23 5.14
FE FE2 J . -11.03 -21.11 48.07
CO CO K . -13.52 -19.89 45.65
C1 FST L . -7.51 -19.08 46.36
S2 FST L . -9.11 -18.63 46.53
O3 FST L . -9.83 -19.59 47.65
C4 FST L . -9.18 -17.06 46.88
C5 FST L . -9.71 -16.18 45.93
C6 FST L . -9.77 -14.82 46.18
C7 FST L . -9.31 -14.31 47.39
C8 FST L . -8.78 -15.17 48.34
C9 FST L . -8.70 -16.55 48.08
O10 FST L . -9.39 -12.96 47.63
P11 FST L . -8.35 -11.95 46.92
S12 FST L . -6.62 -12.80 46.62
O13 FST L . -9.05 -11.45 45.56
C14 FST L . -10.01 -10.40 45.57
C15 FST L . -10.61 -10.24 44.19
O16 FST L . -8.27 -10.64 47.87
C17 FST L . -8.30 -10.77 49.29
C18 FST L . -6.88 -10.86 49.83
C1 GOL M . -28.37 -12.45 44.25
O1 GOL M . -27.31 -11.54 44.58
C2 GOL M . -28.40 -12.68 42.74
O2 GOL M . -27.81 -13.95 42.43
C3 GOL M . -29.84 -12.66 42.25
O3 GOL M . -30.21 -11.32 41.90
FE FE2 N . 7.39 23.17 -49.81
CO CO O . 4.02 24.43 -49.74
C1 FST P . 5.83 19.57 -46.53
S2 FST P . 5.81 19.94 -48.16
O3 FST P . 7.33 19.88 -48.74
C4 FST P . 4.90 18.88 -48.94
C5 FST P . 3.61 18.62 -48.50
C6 FST P . 2.81 17.69 -49.19
C7 FST P . 3.32 17.05 -50.32
C8 FST P . 4.61 17.33 -50.75
C9 FST P . 5.40 18.24 -50.07
O10 FST P . 2.56 16.15 -51.01
P11 FST P . 1.61 15.11 -50.22
S12 FST P . 2.24 14.73 -48.41
O13 FST P . 0.13 15.76 -50.27
C14 FST P . -0.54 16.19 -49.10
C15 FST P . -2.02 15.96 -49.26
O16 FST P . 1.54 13.79 -51.14
C17 FST P . 2.67 12.91 -51.21
C18 FST P . 2.30 11.70 -52.05
FE FE2 Q . 4.16 -21.53 17.56
CO CO R . 1.50 -19.31 17.27
C1 FST S . 1.45 -24.34 20.51
S2 FST S . 1.62 -23.78 18.96
O3 FST S . 3.14 -24.09 18.44
C4 FST S . 0.58 -24.51 18.00
C5 FST S . -0.76 -24.14 18.02
C6 FST S . -1.68 -24.77 17.19
C7 FST S . -1.26 -25.79 16.34
C8 FST S . 0.08 -26.17 16.31
C9 FST S . 1.00 -25.53 17.15
O10 FST S . -2.16 -26.41 15.51
P11 FST S . -3.17 -27.53 16.08
S12 FST S . -2.70 -28.20 17.86
O13 FST S . -4.63 -26.85 16.02
C14 FST S . -4.88 -25.60 16.66
C15 FST S . -6.37 -25.30 16.60
O16 FST S . -3.18 -28.70 14.97
C17 FST S . -2.16 -29.68 14.96
C18 FST S . -2.63 -30.90 14.19
#